data_6YEM
# 
_entry.id   6YEM 
# 
_audit_conform.dict_name       mmcif_pdbx.dic 
_audit_conform.dict_version    5.383 
_audit_conform.dict_location   http://mmcif.pdb.org/dictionaries/ascii/mmcif_pdbx.dic 
# 
loop_
_database_2.database_id 
_database_2.database_code 
_database_2.pdbx_database_accession 
_database_2.pdbx_DOI 
PDB   6YEM         pdb_00006yem 10.2210/pdb6yem/pdb 
WWPDB D_1292107496 ?            ?                   
# 
loop_
_pdbx_audit_revision_history.ordinal 
_pdbx_audit_revision_history.data_content_type 
_pdbx_audit_revision_history.major_revision 
_pdbx_audit_revision_history.minor_revision 
_pdbx_audit_revision_history.revision_date 
1 'Structure model' 1 0 2020-09-09 
2 'Structure model' 1 1 2020-09-16 
3 'Structure model' 1 2 2024-01-24 
# 
_pdbx_audit_revision_details.ordinal             1 
_pdbx_audit_revision_details.revision_ordinal    1 
_pdbx_audit_revision_details.data_content_type   'Structure model' 
_pdbx_audit_revision_details.provider            repository 
_pdbx_audit_revision_details.type                'Initial release' 
_pdbx_audit_revision_details.description         ? 
_pdbx_audit_revision_details.details             ? 
# 
loop_
_pdbx_audit_revision_group.ordinal 
_pdbx_audit_revision_group.revision_ordinal 
_pdbx_audit_revision_group.data_content_type 
_pdbx_audit_revision_group.group 
1 2 'Structure model' 'Database references'    
2 3 'Structure model' 'Data collection'        
3 3 'Structure model' 'Database references'    
4 3 'Structure model' 'Refinement description' 
# 
loop_
_pdbx_audit_revision_category.ordinal 
_pdbx_audit_revision_category.revision_ordinal 
_pdbx_audit_revision_category.data_content_type 
_pdbx_audit_revision_category.category 
1 2 'Structure model' citation                      
2 2 'Structure model' citation_author               
3 3 'Structure model' chem_comp_atom                
4 3 'Structure model' chem_comp_bond                
5 3 'Structure model' database_2                    
6 3 'Structure model' pdbx_initial_refinement_model 
# 
loop_
_pdbx_audit_revision_item.ordinal 
_pdbx_audit_revision_item.revision_ordinal 
_pdbx_audit_revision_item.data_content_type 
_pdbx_audit_revision_item.item 
1 2 'Structure model' '_citation.journal_volume'            
2 2 'Structure model' '_citation.page_first'                
3 2 'Structure model' '_citation.page_last'                 
4 2 'Structure model' '_citation.pdbx_database_id_PubMed'   
5 2 'Structure model' '_citation.title'                     
6 3 'Structure model' '_database_2.pdbx_DOI'                
7 3 'Structure model' '_database_2.pdbx_database_accession' 
# 
_pdbx_database_status.status_code                     REL 
_pdbx_database_status.status_code_sf                  REL 
_pdbx_database_status.status_code_mr                  ? 
_pdbx_database_status.entry_id                        6YEM 
_pdbx_database_status.recvd_initial_deposition_date   2020-03-25 
_pdbx_database_status.SG_entry                        N 
_pdbx_database_status.deposit_site                    PDBE 
_pdbx_database_status.process_site                    PDBE 
_pdbx_database_status.status_code_cs                  ? 
_pdbx_database_status.status_code_nmr_data            ? 
_pdbx_database_status.methods_development_category    ? 
_pdbx_database_status.pdb_format_compatible           Y 
# 
loop_
_audit_author.name 
_audit_author.pdbx_ordinal 
_audit_author.identifier_ORCID 
'Radilova, K.' 1 0000-0001-8917-2359 
'Brynda, J.'   2 0000-0003-3675-6769 
# 
_citation.abstract                  ? 
_citation.abstract_id_CAS           ? 
_citation.book_id_ISBN              ? 
_citation.book_publisher            ? 
_citation.book_publisher_city       ? 
_citation.book_title                ? 
_citation.coordinate_linkage        ? 
_citation.country                   FR 
_citation.database_id_Medline       ? 
_citation.details                   ? 
_citation.id                        primary 
_citation.journal_abbrev            Eur.J.Med.Chem. 
_citation.journal_id_ASTM           EJMCA5 
_citation.journal_id_CSD            0493 
_citation.journal_id_ISSN           0223-5234 
_citation.journal_full              ? 
_citation.journal_issue             ? 
_citation.journal_volume            208 
_citation.language                  ? 
_citation.page_first                112754 
_citation.page_last                 112754 
_citation.title                     
;Unraveling the anti-influenza effect of flavonoids: Experimental validation of luteolin and its congeners as potent influenza endonuclease inhibitors.
;
_citation.year                      2020 
_citation.database_id_CSD           ? 
_citation.pdbx_database_id_DOI      10.1016/j.ejmech.2020.112754 
_citation.pdbx_database_id_PubMed   32883638 
_citation.unpublished_flag          ? 
# 
loop_
_citation_author.citation_id 
_citation_author.name 
_citation_author.ordinal 
_citation_author.identifier_ORCID 
primary 'Zima, V.'       1  ? 
primary 'Radilova, K.'   2  ? 
primary 'Kozisek, M.'    3  ? 
primary 'Albinana, C.B.' 4  ? 
primary 'Karlukova, E.'  5  ? 
primary 'Brynda, J.'     6  ? 
primary 'Fanfrlik, J.'   7  ? 
primary 'Flieger, M.'    8  ? 
primary 'Hodek, J.'      9  ? 
primary 'Weber, J.'      10 ? 
primary 'Majer, P.'      11 ? 
primary 'Konvalinka, J.' 12 ? 
primary 'Machara, A.'    13 ? 
# 
loop_
_entity.id 
_entity.type 
_entity.src_method 
_entity.pdbx_description 
_entity.formula_weight 
_entity.pdbx_number_of_molecules 
_entity.pdbx_ec 
_entity.pdbx_mutation 
_entity.pdbx_fragment 
_entity.details 
1 polymer     man 'Polymerase acidic protein,Polymerase acidic protein'          21640.570 1  3.1.-.-,3.1.-.- ? ? ? 
2 non-polymer syn 'MANGANESE (II) ION'                                           54.938    2  ?               ? ? ? 
3 non-polymer syn 'MAGNESIUM ION'                                                24.305    1  ?               ? ? ? 
4 non-polymer syn 'CHLORIDE ION'                                                 35.453    1  ?               ? ? ? 
5 non-polymer syn '3,5,6,8-tetrakis(oxidanyl)-2-pentanoyl-naphthalene-1,4-dione' 306.267   1  ?               ? ? ? 
6 water       nat water                                                          18.015    19 ?               ? ? ? 
# 
_entity_name_com.entity_id   1 
_entity_name_com.name        'RNA-directed RNA polymerase subunit P2,RNA-directed RNA polymerase subunit P2' 
# 
_entity_poly.entity_id                      1 
_entity_poly.type                           'polypeptide(L)' 
_entity_poly.nstd_linkage                   no 
_entity_poly.nstd_monomer                   no 
_entity_poly.pdbx_seq_one_letter_code       
;SGSGSGSGSMEDFVRQCFNPMIVELAEKAMKEYGEDPKIETNKFAAICTHLEVCFMYSDGGSKHRFEIIEGRDRIMAWTV
VNSICNTTGVEKPKFLPDLYDYKENRFIEIGVTRREVHIYYLEKANKIKSEKTHIHIFSFTGEEMATKADYTLDEESRAR
IKTRLFTIRQEMASRSLWDSFRQSER
;
_entity_poly.pdbx_seq_one_letter_code_can   
;SGSGSGSGSMEDFVRQCFNPMIVELAEKAMKEYGEDPKIETNKFAAICTHLEVCFMYSDGGSKHRFEIIEGRDRIMAWTV
VNSICNTTGVEKPKFLPDLYDYKENRFIEIGVTRREVHIYYLEKANKIKSEKTHIHIFSFTGEEMATKADYTLDEESRAR
IKTRLFTIRQEMASRSLWDSFRQSER
;
_entity_poly.pdbx_strand_id                 A 
_entity_poly.pdbx_target_identifier         ? 
# 
loop_
_pdbx_entity_nonpoly.entity_id 
_pdbx_entity_nonpoly.name 
_pdbx_entity_nonpoly.comp_id 
2 'MANGANESE (II) ION'                                           MN  
3 'MAGNESIUM ION'                                                MG  
4 'CHLORIDE ION'                                                 CL  
5 '3,5,6,8-tetrakis(oxidanyl)-2-pentanoyl-naphthalene-1,4-dione' OOH 
6 water                                                          HOH 
# 
loop_
_entity_poly_seq.entity_id 
_entity_poly_seq.num 
_entity_poly_seq.mon_id 
_entity_poly_seq.hetero 
1 1   SER n 
1 2   GLY n 
1 3   SER n 
1 4   GLY n 
1 5   SER n 
1 6   GLY n 
1 7   SER n 
1 8   GLY n 
1 9   SER n 
1 10  MET n 
1 11  GLU n 
1 12  ASP n 
1 13  PHE n 
1 14  VAL n 
1 15  ARG n 
1 16  GLN n 
1 17  CYS n 
1 18  PHE n 
1 19  ASN n 
1 20  PRO n 
1 21  MET n 
1 22  ILE n 
1 23  VAL n 
1 24  GLU n 
1 25  LEU n 
1 26  ALA n 
1 27  GLU n 
1 28  LYS n 
1 29  ALA n 
1 30  MET n 
1 31  LYS n 
1 32  GLU n 
1 33  TYR n 
1 34  GLY n 
1 35  GLU n 
1 36  ASP n 
1 37  PRO n 
1 38  LYS n 
1 39  ILE n 
1 40  GLU n 
1 41  THR n 
1 42  ASN n 
1 43  LYS n 
1 44  PHE n 
1 45  ALA n 
1 46  ALA n 
1 47  ILE n 
1 48  CYS n 
1 49  THR n 
1 50  HIS n 
1 51  LEU n 
1 52  GLU n 
1 53  VAL n 
1 54  CYS n 
1 55  PHE n 
1 56  MET n 
1 57  TYR n 
1 58  SER n 
1 59  ASP n 
1 60  GLY n 
1 61  GLY n 
1 62  SER n 
1 63  LYS n 
1 64  HIS n 
1 65  ARG n 
1 66  PHE n 
1 67  GLU n 
1 68  ILE n 
1 69  ILE n 
1 70  GLU n 
1 71  GLY n 
1 72  ARG n 
1 73  ASP n 
1 74  ARG n 
1 75  ILE n 
1 76  MET n 
1 77  ALA n 
1 78  TRP n 
1 79  THR n 
1 80  VAL n 
1 81  VAL n 
1 82  ASN n 
1 83  SER n 
1 84  ILE n 
1 85  CYS n 
1 86  ASN n 
1 87  THR n 
1 88  THR n 
1 89  GLY n 
1 90  VAL n 
1 91  GLU n 
1 92  LYS n 
1 93  PRO n 
1 94  LYS n 
1 95  PHE n 
1 96  LEU n 
1 97  PRO n 
1 98  ASP n 
1 99  LEU n 
1 100 TYR n 
1 101 ASP n 
1 102 TYR n 
1 103 LYS n 
1 104 GLU n 
1 105 ASN n 
1 106 ARG n 
1 107 PHE n 
1 108 ILE n 
1 109 GLU n 
1 110 ILE n 
1 111 GLY n 
1 112 VAL n 
1 113 THR n 
1 114 ARG n 
1 115 ARG n 
1 116 GLU n 
1 117 VAL n 
1 118 HIS n 
1 119 ILE n 
1 120 TYR n 
1 121 TYR n 
1 122 LEU n 
1 123 GLU n 
1 124 LYS n 
1 125 ALA n 
1 126 ASN n 
1 127 LYS n 
1 128 ILE n 
1 129 LYS n 
1 130 SER n 
1 131 GLU n 
1 132 LYS n 
1 133 THR n 
1 134 HIS n 
1 135 ILE n 
1 136 HIS n 
1 137 ILE n 
1 138 PHE n 
1 139 SER n 
1 140 PHE n 
1 141 THR n 
1 142 GLY n 
1 143 GLU n 
1 144 GLU n 
1 145 MET n 
1 146 ALA n 
1 147 THR n 
1 148 LYS n 
1 149 ALA n 
1 150 ASP n 
1 151 TYR n 
1 152 THR n 
1 153 LEU n 
1 154 ASP n 
1 155 GLU n 
1 156 GLU n 
1 157 SER n 
1 158 ARG n 
1 159 ALA n 
1 160 ARG n 
1 161 ILE n 
1 162 LYS n 
1 163 THR n 
1 164 ARG n 
1 165 LEU n 
1 166 PHE n 
1 167 THR n 
1 168 ILE n 
1 169 ARG n 
1 170 GLN n 
1 171 GLU n 
1 172 MET n 
1 173 ALA n 
1 174 SER n 
1 175 ARG n 
1 176 SER n 
1 177 LEU n 
1 178 TRP n 
1 179 ASP n 
1 180 SER n 
1 181 PHE n 
1 182 ARG n 
1 183 GLN n 
1 184 SER n 
1 185 GLU n 
1 186 ARG n 
# 
loop_
_entity_src_gen.entity_id 
_entity_src_gen.pdbx_src_id 
_entity_src_gen.pdbx_alt_source_flag 
_entity_src_gen.pdbx_seq_type 
_entity_src_gen.pdbx_beg_seq_num 
_entity_src_gen.pdbx_end_seq_num 
_entity_src_gen.gene_src_common_name 
_entity_src_gen.gene_src_genus 
_entity_src_gen.pdbx_gene_src_gene 
_entity_src_gen.gene_src_species 
_entity_src_gen.gene_src_strain 
_entity_src_gen.gene_src_tissue 
_entity_src_gen.gene_src_tissue_fraction 
_entity_src_gen.gene_src_details 
_entity_src_gen.pdbx_gene_src_fragment 
_entity_src_gen.pdbx_gene_src_scientific_name 
_entity_src_gen.pdbx_gene_src_ncbi_taxonomy_id 
_entity_src_gen.pdbx_gene_src_variant 
_entity_src_gen.pdbx_gene_src_cell_line 
_entity_src_gen.pdbx_gene_src_atcc 
_entity_src_gen.pdbx_gene_src_organ 
_entity_src_gen.pdbx_gene_src_organelle 
_entity_src_gen.pdbx_gene_src_cell 
_entity_src_gen.pdbx_gene_src_cellular_location 
_entity_src_gen.host_org_common_name 
_entity_src_gen.pdbx_host_org_scientific_name 
_entity_src_gen.pdbx_host_org_ncbi_taxonomy_id 
_entity_src_gen.host_org_genus 
_entity_src_gen.pdbx_host_org_gene 
_entity_src_gen.pdbx_host_org_organ 
_entity_src_gen.host_org_species 
_entity_src_gen.pdbx_host_org_tissue 
_entity_src_gen.pdbx_host_org_tissue_fraction 
_entity_src_gen.pdbx_host_org_strain 
_entity_src_gen.pdbx_host_org_variant 
_entity_src_gen.pdbx_host_org_cell_line 
_entity_src_gen.pdbx_host_org_atcc 
_entity_src_gen.pdbx_host_org_culture_collection 
_entity_src_gen.pdbx_host_org_cell 
_entity_src_gen.pdbx_host_org_organelle 
_entity_src_gen.pdbx_host_org_cellular_location 
_entity_src_gen.pdbx_host_org_vector_type 
_entity_src_gen.pdbx_host_org_vector 
_entity_src_gen.host_org_details 
_entity_src_gen.expression_system_id 
_entity_src_gen.plasmid_name 
_entity_src_gen.plasmid_details 
_entity_src_gen.pdbx_description 
1 1 sample 'Biological sequence' 1  62  ? ? PA ? 'A/California/07/2009(H1N1)' ? ? ? ? 
'Influenza A virus (A/California/07/2009(H1N1))' 641809 ? ? ? ? ? ? ? ? 'Escherichia coli BL21(DE3)' 469008 ? ? ? ? ? ? ? ? ? ? ? 
? ? ? ? ? ? ? ? ? ? 
1 2 sample 'Biological sequence' 63 186 ? ? PA ? 'A/California/07/2009(H1N1)' ? ? ? ? 
'Influenza A virus (A/California/07/2009(H1N1))' 641809 ? ? ? ? ? ? ? ? 'Escherichia coli BL21(DE3)' 469008 ? ? ? ? ? ? ? ? ? ? ? 
? ? ? ? ? ? ? ? ? ? 
# 
loop_
_chem_comp.id 
_chem_comp.type 
_chem_comp.mon_nstd_flag 
_chem_comp.name 
_chem_comp.pdbx_synonyms 
_chem_comp.formula 
_chem_comp.formula_weight 
ALA 'L-peptide linking' y ALANINE                                                        ? 'C3 H7 N O2'     89.093  
ARG 'L-peptide linking' y ARGININE                                                       ? 'C6 H15 N4 O2 1' 175.209 
ASN 'L-peptide linking' y ASPARAGINE                                                     ? 'C4 H8 N2 O3'    132.118 
ASP 'L-peptide linking' y 'ASPARTIC ACID'                                                ? 'C4 H7 N O4'     133.103 
CL  non-polymer         . 'CHLORIDE ION'                                                 ? 'Cl -1'          35.453  
CYS 'L-peptide linking' y CYSTEINE                                                       ? 'C3 H7 N O2 S'   121.158 
GLN 'L-peptide linking' y GLUTAMINE                                                      ? 'C5 H10 N2 O3'   146.144 
GLU 'L-peptide linking' y 'GLUTAMIC ACID'                                                ? 'C5 H9 N O4'     147.129 
GLY 'peptide linking'   y GLYCINE                                                        ? 'C2 H5 N O2'     75.067  
HIS 'L-peptide linking' y HISTIDINE                                                      ? 'C6 H10 N3 O2 1' 156.162 
HOH non-polymer         . WATER                                                          ? 'H2 O'           18.015  
ILE 'L-peptide linking' y ISOLEUCINE                                                     ? 'C6 H13 N O2'    131.173 
LEU 'L-peptide linking' y LEUCINE                                                        ? 'C6 H13 N O2'    131.173 
LYS 'L-peptide linking' y LYSINE                                                         ? 'C6 H15 N2 O2 1' 147.195 
MET 'L-peptide linking' y METHIONINE                                                     ? 'C5 H11 N O2 S'  149.211 
MG  non-polymer         . 'MAGNESIUM ION'                                                ? 'Mg 2'           24.305  
MN  non-polymer         . 'MANGANESE (II) ION'                                           ? 'Mn 2'           54.938  
OOH non-polymer         . '3,5,6,8-tetrakis(oxidanyl)-2-pentanoyl-naphthalene-1,4-dione' ? 'C15 H14 O7'     306.267 
PHE 'L-peptide linking' y PHENYLALANINE                                                  ? 'C9 H11 N O2'    165.189 
PRO 'L-peptide linking' y PROLINE                                                        ? 'C5 H9 N O2'     115.130 
SER 'L-peptide linking' y SERINE                                                         ? 'C3 H7 N O3'     105.093 
THR 'L-peptide linking' y THREONINE                                                      ? 'C4 H9 N O3'     119.119 
TRP 'L-peptide linking' y TRYPTOPHAN                                                     ? 'C11 H12 N2 O2'  204.225 
TYR 'L-peptide linking' y TYROSINE                                                       ? 'C9 H11 N O3'    181.189 
VAL 'L-peptide linking' y VALINE                                                         ? 'C5 H11 N O2'    117.146 
# 
loop_
_pdbx_poly_seq_scheme.asym_id 
_pdbx_poly_seq_scheme.entity_id 
_pdbx_poly_seq_scheme.seq_id 
_pdbx_poly_seq_scheme.mon_id 
_pdbx_poly_seq_scheme.ndb_seq_num 
_pdbx_poly_seq_scheme.pdb_seq_num 
_pdbx_poly_seq_scheme.auth_seq_num 
_pdbx_poly_seq_scheme.pdb_mon_id 
_pdbx_poly_seq_scheme.auth_mon_id 
_pdbx_poly_seq_scheme.pdb_strand_id 
_pdbx_poly_seq_scheme.pdb_ins_code 
_pdbx_poly_seq_scheme.hetero 
A 1 1   SER 1   -8  ?   ?   ?   A . n 
A 1 2   GLY 2   -7  ?   ?   ?   A . n 
A 1 3   SER 3   -6  ?   ?   ?   A . n 
A 1 4   GLY 4   -5  ?   ?   ?   A . n 
A 1 5   SER 5   -4  ?   ?   ?   A . n 
A 1 6   GLY 6   -3  ?   ?   ?   A . n 
A 1 7   SER 7   -2  ?   ?   ?   A . n 
A 1 8   GLY 8   -1  -1  GLY GLY A . n 
A 1 9   SER 9   0   0   SER SER A . n 
A 1 10  MET 10  1   1   MET MET A . n 
A 1 11  GLU 11  2   2   GLU GLU A . n 
A 1 12  ASP 12  3   3   ASP ASP A . n 
A 1 13  PHE 13  4   4   PHE PHE A . n 
A 1 14  VAL 14  5   5   VAL VAL A . n 
A 1 15  ARG 15  6   6   ARG ARG A . n 
A 1 16  GLN 16  7   7   GLN GLN A . n 
A 1 17  CYS 17  8   8   CYS CYS A . n 
A 1 18  PHE 18  9   9   PHE PHE A . n 
A 1 19  ASN 19  10  10  ASN ASN A . n 
A 1 20  PRO 20  11  11  PRO PRO A . n 
A 1 21  MET 21  12  12  MET MET A . n 
A 1 22  ILE 22  13  13  ILE ILE A . n 
A 1 23  VAL 23  14  14  VAL VAL A . n 
A 1 24  GLU 24  15  15  GLU GLU A . n 
A 1 25  LEU 25  16  16  LEU LEU A . n 
A 1 26  ALA 26  17  17  ALA ALA A . n 
A 1 27  GLU 27  18  18  GLU GLU A . n 
A 1 28  LYS 28  19  19  LYS LYS A . n 
A 1 29  ALA 29  20  20  ALA ALA A . n 
A 1 30  MET 30  21  21  MET MET A . n 
A 1 31  LYS 31  22  22  LYS LYS A . n 
A 1 32  GLU 32  23  23  GLU GLU A . n 
A 1 33  TYR 33  24  24  TYR TYR A . n 
A 1 34  GLY 34  25  25  GLY GLY A . n 
A 1 35  GLU 35  26  26  GLU GLU A . n 
A 1 36  ASP 36  27  27  ASP ASP A . n 
A 1 37  PRO 37  28  28  PRO PRO A . n 
A 1 38  LYS 38  29  29  LYS LYS A . n 
A 1 39  ILE 39  30  30  ILE ILE A . n 
A 1 40  GLU 40  31  31  GLU GLU A . n 
A 1 41  THR 41  32  32  THR THR A . n 
A 1 42  ASN 42  33  33  ASN ASN A . n 
A 1 43  LYS 43  34  34  LYS LYS A . n 
A 1 44  PHE 44  35  35  PHE PHE A . n 
A 1 45  ALA 45  36  36  ALA ALA A . n 
A 1 46  ALA 46  37  37  ALA ALA A . n 
A 1 47  ILE 47  38  38  ILE ILE A . n 
A 1 48  CYS 48  39  39  CYS CYS A . n 
A 1 49  THR 49  40  40  THR THR A . n 
A 1 50  HIS 50  41  41  HIS HIS A . n 
A 1 51  LEU 51  42  42  LEU LEU A . n 
A 1 52  GLU 52  43  43  GLU GLU A . n 
A 1 53  VAL 53  44  44  VAL VAL A . n 
A 1 54  CYS 54  45  45  CYS CYS A . n 
A 1 55  PHE 55  46  46  PHE PHE A . n 
A 1 56  MET 56  47  47  MET MET A . n 
A 1 57  TYR 57  48  48  TYR TYR A . n 
A 1 58  SER 58  49  49  SER SER A . n 
A 1 59  ASP 59  50  50  ASP ASP A . n 
A 1 60  GLY 60  51  51  GLY GLY A . n 
A 1 61  GLY 61  52  52  GLY GLY A . n 
A 1 62  SER 62  53  53  SER SER A . n 
A 1 63  LYS 63  73  54  LYS LYS A . n 
A 1 64  HIS 64  74  55  HIS HIS A . n 
A 1 65  ARG 65  75  56  ARG ARG A . n 
A 1 66  PHE 66  76  57  PHE PHE A . n 
A 1 67  GLU 67  77  58  GLU GLU A . n 
A 1 68  ILE 68  78  59  ILE ILE A . n 
A 1 69  ILE 69  79  60  ILE ILE A . n 
A 1 70  GLU 70  80  61  GLU GLU A . n 
A 1 71  GLY 71  81  62  GLY GLY A . n 
A 1 72  ARG 72  82  63  ARG ARG A . n 
A 1 73  ASP 73  83  64  ASP ASP A . n 
A 1 74  ARG 74  84  65  ARG ARG A . n 
A 1 75  ILE 75  85  66  ILE ILE A . n 
A 1 76  MET 76  86  67  MET MET A . n 
A 1 77  ALA 77  87  68  ALA ALA A . n 
A 1 78  TRP 78  88  69  TRP TRP A . n 
A 1 79  THR 79  89  70  THR THR A . n 
A 1 80  VAL 80  90  71  VAL VAL A . n 
A 1 81  VAL 81  91  72  VAL VAL A . n 
A 1 82  ASN 82  92  73  ASN ASN A . n 
A 1 83  SER 83  93  74  SER SER A . n 
A 1 84  ILE 84  94  75  ILE ILE A . n 
A 1 85  CYS 85  95  76  CYS CYS A . n 
A 1 86  ASN 86  96  77  ASN ASN A . n 
A 1 87  THR 87  97  78  THR THR A . n 
A 1 88  THR 88  98  79  THR THR A . n 
A 1 89  GLY 89  99  80  GLY GLY A . n 
A 1 90  VAL 90  100 81  VAL VAL A . n 
A 1 91  GLU 91  101 82  GLU GLU A . n 
A 1 92  LYS 92  102 83  LYS LYS A . n 
A 1 93  PRO 93  103 84  PRO PRO A . n 
A 1 94  LYS 94  104 85  LYS LYS A . n 
A 1 95  PHE 95  105 86  PHE PHE A . n 
A 1 96  LEU 96  106 87  LEU LEU A . n 
A 1 97  PRO 97  107 88  PRO PRO A . n 
A 1 98  ASP 98  108 89  ASP ASP A . n 
A 1 99  LEU 99  109 90  LEU LEU A . n 
A 1 100 TYR 100 110 91  TYR TYR A . n 
A 1 101 ASP 101 111 92  ASP ASP A . n 
A 1 102 TYR 102 112 93  TYR TYR A . n 
A 1 103 LYS 103 113 94  LYS LYS A . n 
A 1 104 GLU 104 114 95  GLU GLU A . n 
A 1 105 ASN 105 115 96  ASN ASN A . n 
A 1 106 ARG 106 116 97  ARG ARG A . n 
A 1 107 PHE 107 117 98  PHE PHE A . n 
A 1 108 ILE 108 118 99  ILE ILE A . n 
A 1 109 GLU 109 119 100 GLU GLU A . n 
A 1 110 ILE 110 120 101 ILE ILE A . n 
A 1 111 GLY 111 121 102 GLY GLY A . n 
A 1 112 VAL 112 122 103 VAL VAL A . n 
A 1 113 THR 113 123 104 THR THR A . n 
A 1 114 ARG 114 124 105 ARG ARG A . n 
A 1 115 ARG 115 125 106 ARG ARG A . n 
A 1 116 GLU 116 126 107 GLU GLU A . n 
A 1 117 VAL 117 127 108 VAL VAL A . n 
A 1 118 HIS 118 128 109 HIS HIS A . n 
A 1 119 ILE 119 129 110 ILE ILE A . n 
A 1 120 TYR 120 130 111 TYR TYR A . n 
A 1 121 TYR 121 131 112 TYR TYR A . n 
A 1 122 LEU 122 132 113 LEU LEU A . n 
A 1 123 GLU 123 133 114 GLU GLU A . n 
A 1 124 LYS 124 134 115 LYS LYS A . n 
A 1 125 ALA 125 135 116 ALA ALA A . n 
A 1 126 ASN 126 136 117 ASN ASN A . n 
A 1 127 LYS 127 137 118 LYS LYS A . n 
A 1 128 ILE 128 138 119 ILE ILE A . n 
A 1 129 LYS 129 139 120 LYS LYS A . n 
A 1 130 SER 130 140 121 SER SER A . n 
A 1 131 GLU 131 141 122 GLU GLU A . n 
A 1 132 LYS 132 142 123 LYS LYS A . n 
A 1 133 THR 133 143 124 THR THR A . n 
A 1 134 HIS 134 144 125 HIS HIS A . n 
A 1 135 ILE 135 145 126 ILE ILE A . n 
A 1 136 HIS 136 146 127 HIS HIS A . n 
A 1 137 ILE 137 147 128 ILE ILE A . n 
A 1 138 PHE 138 148 129 PHE PHE A . n 
A 1 139 SER 139 149 130 SER SER A . n 
A 1 140 PHE 140 150 131 PHE PHE A . n 
A 1 141 THR 141 151 132 THR THR A . n 
A 1 142 GLY 142 152 133 GLY GLY A . n 
A 1 143 GLU 143 153 134 GLU GLU A . n 
A 1 144 GLU 144 154 135 GLU GLU A . n 
A 1 145 MET 145 155 136 MET MET A . n 
A 1 146 ALA 146 156 137 ALA ALA A . n 
A 1 147 THR 147 157 138 THR THR A . n 
A 1 148 LYS 148 158 139 LYS LYS A . n 
A 1 149 ALA 149 159 140 ALA ALA A . n 
A 1 150 ASP 150 160 141 ASP ASP A . n 
A 1 151 TYR 151 161 142 TYR TYR A . n 
A 1 152 THR 152 162 143 THR THR A . n 
A 1 153 LEU 153 163 144 LEU LEU A . n 
A 1 154 ASP 154 164 145 ASP ASP A . n 
A 1 155 GLU 155 165 146 GLU GLU A . n 
A 1 156 GLU 156 166 147 GLU GLU A . n 
A 1 157 SER 157 167 148 SER SER A . n 
A 1 158 ARG 158 168 149 ARG ARG A . n 
A 1 159 ALA 159 169 150 ALA ALA A . n 
A 1 160 ARG 160 170 151 ARG ARG A . n 
A 1 161 ILE 161 171 152 ILE ILE A . n 
A 1 162 LYS 162 172 153 LYS LYS A . n 
A 1 163 THR 163 173 154 THR THR A . n 
A 1 164 ARG 164 174 155 ARG ARG A . n 
A 1 165 LEU 165 175 156 LEU LEU A . n 
A 1 166 PHE 166 176 157 PHE PHE A . n 
A 1 167 THR 167 177 158 THR THR A . n 
A 1 168 ILE 168 178 159 ILE ILE A . n 
A 1 169 ARG 169 179 160 ARG ARG A . n 
A 1 170 GLN 170 180 161 GLN GLN A . n 
A 1 171 GLU 171 181 162 GLU GLU A . n 
A 1 172 MET 172 182 163 MET MET A . n 
A 1 173 ALA 173 183 164 ALA ALA A . n 
A 1 174 SER 174 184 165 SER SER A . n 
A 1 175 ARG 175 185 166 ARG ARG A . n 
A 1 176 SER 176 186 167 SER SER A . n 
A 1 177 LEU 177 187 168 LEU LEU A . n 
A 1 178 TRP 178 188 169 TRP TRP A . n 
A 1 179 ASP 179 189 170 ASP ASP A . n 
A 1 180 SER 180 190 171 SER SER A . n 
A 1 181 PHE 181 191 172 PHE PHE A . n 
A 1 182 ARG 182 192 173 ARG ARG A . n 
A 1 183 GLN 183 193 174 GLN GLN A . n 
A 1 184 SER 184 194 175 SER SER A . n 
A 1 185 GLU 185 195 176 GLU GLU A . n 
A 1 186 ARG 186 196 177 ARG ARG A . n 
# 
loop_
_pdbx_nonpoly_scheme.asym_id 
_pdbx_nonpoly_scheme.entity_id 
_pdbx_nonpoly_scheme.mon_id 
_pdbx_nonpoly_scheme.ndb_seq_num 
_pdbx_nonpoly_scheme.pdb_seq_num 
_pdbx_nonpoly_scheme.auth_seq_num 
_pdbx_nonpoly_scheme.pdb_mon_id 
_pdbx_nonpoly_scheme.auth_mon_id 
_pdbx_nonpoly_scheme.pdb_strand_id 
_pdbx_nonpoly_scheme.pdb_ins_code 
B 2 MN  1  201 1  MN  MN  A . 
C 2 MN  1  202 2  MN  MN  A . 
D 3 MG  1  203 1  MG  MG  A . 
E 4 CL  1  204 2  CL  CL  A . 
F 5 OOH 1  205 1  OOH QB7 A . 
G 6 HOH 1  301 2  HOH HOH A . 
G 6 HOH 2  302 1  HOH HOH A . 
G 6 HOH 3  303 8  HOH HOH A . 
G 6 HOH 4  304 3  HOH HOH A . 
G 6 HOH 5  305 4  HOH HOH A . 
G 6 HOH 6  306 10 HOH HOH A . 
G 6 HOH 7  307 15 HOH HOH A . 
G 6 HOH 8  308 13 HOH HOH A . 
G 6 HOH 9  309 14 HOH HOH A . 
G 6 HOH 10 310 5  HOH HOH A . 
G 6 HOH 11 311 19 HOH HOH A . 
G 6 HOH 12 312 6  HOH HOH A . 
G 6 HOH 13 313 7  HOH HOH A . 
G 6 HOH 14 314 17 HOH HOH A . 
G 6 HOH 15 315 9  HOH HOH A . 
G 6 HOH 16 316 20 HOH HOH A . 
G 6 HOH 17 317 18 HOH HOH A . 
G 6 HOH 18 318 16 HOH HOH A . 
G 6 HOH 19 319 12 HOH HOH A . 
# 
loop_
_pdbx_unobs_or_zero_occ_atoms.id 
_pdbx_unobs_or_zero_occ_atoms.PDB_model_num 
_pdbx_unobs_or_zero_occ_atoms.polymer_flag 
_pdbx_unobs_or_zero_occ_atoms.occupancy_flag 
_pdbx_unobs_or_zero_occ_atoms.auth_asym_id 
_pdbx_unobs_or_zero_occ_atoms.auth_comp_id 
_pdbx_unobs_or_zero_occ_atoms.auth_seq_id 
_pdbx_unobs_or_zero_occ_atoms.PDB_ins_code 
_pdbx_unobs_or_zero_occ_atoms.auth_atom_id 
_pdbx_unobs_or_zero_occ_atoms.label_alt_id 
_pdbx_unobs_or_zero_occ_atoms.label_asym_id 
_pdbx_unobs_or_zero_occ_atoms.label_comp_id 
_pdbx_unobs_or_zero_occ_atoms.label_seq_id 
_pdbx_unobs_or_zero_occ_atoms.label_atom_id 
1  1 Y 1 A MET 12  ? CE  ? A MET 21  CE  
2  1 Y 1 A LYS 29  ? CE  ? A LYS 38  CE  
3  1 Y 1 A LYS 29  ? NZ  ? A LYS 38  NZ  
4  1 Y 1 A ILE 30  ? CD1 ? A ILE 39  CD1 
5  1 Y 1 A GLU 31  ? OE1 ? A GLU 40  OE1 
6  1 Y 1 A ASP 50  ? OD1 ? A ASP 59  OD1 
7  1 Y 1 A ASN 96  ? CG  ? A ASN 86  CG  
8  1 Y 1 A ASN 96  ? OD1 ? A ASN 86  OD1 
9  1 Y 1 A ASN 96  ? ND2 ? A ASN 86  ND2 
10 1 Y 1 A VAL 100 ? CG1 ? A VAL 90  CG1 
11 1 Y 1 A GLU 101 ? OE2 ? A GLU 91  OE2 
12 1 Y 1 A LYS 102 ? CD  ? A LYS 92  CD  
13 1 Y 1 A LYS 102 ? CE  ? A LYS 92  CE  
14 1 Y 1 A LYS 102 ? NZ  ? A LYS 92  NZ  
15 1 Y 1 A LYS 104 ? CD  ? A LYS 94  CD  
16 1 Y 1 A LYS 104 ? CE  ? A LYS 94  CE  
17 1 Y 1 A LYS 104 ? NZ  ? A LYS 94  NZ  
18 1 Y 1 A GLU 126 ? CB  ? A GLU 116 CB  
19 1 Y 1 A GLU 126 ? CG  ? A GLU 116 CG  
20 1 Y 1 A GLU 126 ? CD  ? A GLU 116 CD  
21 1 Y 1 A GLU 126 ? OE1 ? A GLU 116 OE1 
22 1 Y 1 A GLU 126 ? OE2 ? A GLU 116 OE2 
23 1 Y 1 A ILE 129 ? CD1 ? A ILE 119 CD1 
24 1 Y 1 A LEU 132 ? CD1 ? A LEU 122 CD1 
25 1 Y 1 A ALA 135 ? CB  ? A ALA 125 CB  
26 1 Y 1 A LYS 137 ? CB  ? A LYS 127 CB  
27 1 Y 1 A LYS 137 ? CG  ? A LYS 127 CG  
28 1 Y 1 A LYS 137 ? CD  ? A LYS 127 CD  
29 1 Y 1 A LYS 137 ? CE  ? A LYS 127 CE  
30 1 Y 1 A LYS 137 ? NZ  ? A LYS 127 NZ  
31 1 Y 1 A ILE 138 ? CG2 ? A ILE 128 CG2 
32 1 Y 1 A SER 140 ? OG  ? A SER 130 OG  
33 1 Y 1 A GLU 141 ? CB  ? A GLU 131 CB  
34 1 Y 1 A GLU 141 ? CG  ? A GLU 131 CG  
35 1 Y 1 A GLU 141 ? CD  ? A GLU 131 CD  
36 1 Y 1 A GLU 141 ? OE1 ? A GLU 131 OE1 
37 1 Y 1 A GLU 141 ? OE2 ? A GLU 131 OE2 
38 1 Y 1 A LYS 142 ? CG  ? A LYS 132 CG  
39 1 Y 1 A LYS 142 ? CD  ? A LYS 132 CD  
40 1 Y 1 A LYS 142 ? CE  ? A LYS 132 CE  
41 1 Y 1 A LYS 142 ? NZ  ? A LYS 132 NZ  
42 1 Y 1 A GLU 153 ? OE2 ? A GLU 143 OE2 
43 1 Y 1 A LYS 158 ? CE  ? A LYS 148 CE  
44 1 Y 1 A LYS 158 ? NZ  ? A LYS 148 NZ  
45 1 Y 1 A GLU 165 ? OE1 ? A GLU 155 OE1 
46 1 Y 1 A GLU 166 ? OE2 ? A GLU 156 OE2 
47 1 Y 1 A ARG 170 ? CG  ? A ARG 160 CG  
48 1 Y 1 A ARG 170 ? CD  ? A ARG 160 CD  
49 1 Y 1 A ARG 170 ? NE  ? A ARG 160 NE  
50 1 Y 1 A ARG 170 ? CZ  ? A ARG 160 CZ  
51 1 Y 1 A ARG 170 ? NH1 ? A ARG 160 NH1 
52 1 Y 1 A ARG 170 ? NH2 ? A ARG 160 NH2 
53 1 Y 1 A THR 177 ? CG2 ? A THR 167 CG2 
54 1 Y 1 A GLN 180 ? OE1 ? A GLN 170 OE1 
55 1 Y 1 A ARG 185 ? NH1 ? A ARG 175 NH1 
56 1 Y 1 A ASP 189 ? CB  ? A ASP 179 CB  
57 1 Y 1 A ASP 189 ? CG  ? A ASP 179 CG  
58 1 Y 1 A ASP 189 ? OD1 ? A ASP 179 OD1 
59 1 Y 1 A ASP 189 ? OD2 ? A ASP 179 OD2 
60 1 Y 1 A ARG 196 ? NE  ? A ARG 186 NE  
61 1 Y 1 A ARG 196 ? CZ  ? A ARG 186 CZ  
62 1 Y 1 A ARG 196 ? NH1 ? A ARG 186 NH1 
63 1 Y 1 A ARG 196 ? NH2 ? A ARG 186 NH2 
# 
loop_
_software.citation_id 
_software.classification 
_software.compiler_name 
_software.compiler_version 
_software.contact_author 
_software.contact_author_email 
_software.date 
_software.description 
_software.dependencies 
_software.hardware 
_software.language 
_software.location 
_software.mods 
_software.name 
_software.os 
_software.os_version 
_software.type 
_software.version 
_software.pdbx_ordinal 
? 'data reduction'  ? ? ? ? ? ? ? ? ? ? ? XDS         ? ? ? .        1 
? 'data scaling'    ? ? ? ? ? ? ? ? ? ? ? XSCALE      ? ? ? .        2 
? refinement        ? ? ? ? ? ? ? ? ? ? ? REFMAC      ? ? ? 5.8.0103 3 
? 'data extraction' ? ? ? ? ? ? ? ? ? ? ? PDB_EXTRACT ? ? ? 3.25     4 
? phasing           ? ? ? ? ? ? ? ? ? ? ? MOLREP      ? ? ? .        5 
# 
_cell.angle_alpha                  90.000 
_cell.angle_alpha_esd              ? 
_cell.angle_beta                   90.000 
_cell.angle_beta_esd               ? 
_cell.angle_gamma                  120.000 
_cell.angle_gamma_esd              ? 
_cell.entry_id                     6YEM 
_cell.details                      ? 
_cell.formula_units_Z              ? 
_cell.length_a                     73.340 
_cell.length_a_esd                 ? 
_cell.length_b                     73.340 
_cell.length_b_esd                 ? 
_cell.length_c                     128.750 
_cell.length_c_esd                 ? 
_cell.volume                       ? 
_cell.volume_esd                   ? 
_cell.Z_PDB                        12 
_cell.reciprocal_angle_alpha       ? 
_cell.reciprocal_angle_beta        ? 
_cell.reciprocal_angle_gamma       ? 
_cell.reciprocal_angle_alpha_esd   ? 
_cell.reciprocal_angle_beta_esd    ? 
_cell.reciprocal_angle_gamma_esd   ? 
_cell.reciprocal_length_a          ? 
_cell.reciprocal_length_b          ? 
_cell.reciprocal_length_c          ? 
_cell.reciprocal_length_a_esd      ? 
_cell.reciprocal_length_b_esd      ? 
_cell.reciprocal_length_c_esd      ? 
_cell.pdbx_unique_axis             ? 
# 
_symmetry.entry_id                         6YEM 
_symmetry.cell_setting                     ? 
_symmetry.Int_Tables_number                181 
_symmetry.space_group_name_Hall            ? 
_symmetry.space_group_name_H-M             'P 64 2 2' 
_symmetry.pdbx_full_space_group_name_H-M   ? 
# 
_exptl.absorpt_coefficient_mu     ? 
_exptl.absorpt_correction_T_max   ? 
_exptl.absorpt_correction_T_min   ? 
_exptl.absorpt_correction_type    ? 
_exptl.absorpt_process_details    ? 
_exptl.entry_id                   6YEM 
_exptl.crystals_number            1 
_exptl.details                    ? 
_exptl.method                     'X-RAY DIFFRACTION' 
_exptl.method_details             ? 
# 
_exptl_crystal.colour                      ? 
_exptl_crystal.density_diffrn              ? 
_exptl_crystal.density_Matthews            2.31 
_exptl_crystal.density_method              ? 
_exptl_crystal.density_percent_sol         46.74 
_exptl_crystal.description                 ? 
_exptl_crystal.F_000                       ? 
_exptl_crystal.id                          1 
_exptl_crystal.preparation                 ? 
_exptl_crystal.size_max                    ? 
_exptl_crystal.size_mid                    ? 
_exptl_crystal.size_min                    ? 
_exptl_crystal.size_rad                    ? 
_exptl_crystal.colour_lustre               ? 
_exptl_crystal.colour_modifier             ? 
_exptl_crystal.colour_primary              ? 
_exptl_crystal.density_meas                ? 
_exptl_crystal.density_meas_esd            ? 
_exptl_crystal.density_meas_gt             ? 
_exptl_crystal.density_meas_lt             ? 
_exptl_crystal.density_meas_temp           ? 
_exptl_crystal.density_meas_temp_esd       ? 
_exptl_crystal.density_meas_temp_gt        ? 
_exptl_crystal.density_meas_temp_lt        ? 
_exptl_crystal.pdbx_crystal_image_url      ? 
_exptl_crystal.pdbx_crystal_image_format   ? 
_exptl_crystal.pdbx_mosaicity              ? 
_exptl_crystal.pdbx_mosaicity_esd          ? 
# 
_exptl_crystal_grow.apparatus       ? 
_exptl_crystal_grow.atmosphere      ? 
_exptl_crystal_grow.crystal_id      1 
_exptl_crystal_grow.details         ? 
_exptl_crystal_grow.method          'VAPOR DIFFUSION, HANGING DROP' 
_exptl_crystal_grow.method_ref      ? 
_exptl_crystal_grow.pH              7.5 
_exptl_crystal_grow.pressure        ? 
_exptl_crystal_grow.pressure_esd    ? 
_exptl_crystal_grow.seeding         ? 
_exptl_crystal_grow.seeding_ref     ? 
_exptl_crystal_grow.temp            291.15 
_exptl_crystal_grow.temp_details    ? 
_exptl_crystal_grow.temp_esd        ? 
_exptl_crystal_grow.time            ? 
_exptl_crystal_grow.pdbx_details    'MDP, PEG 1000, PEG 3350, Sodium HEPES, MOPS (acid), Magnesium chloride, Calcium chloride' 
_exptl_crystal_grow.pdbx_pH_range   ? 
# 
_diffrn.ambient_environment              ? 
_diffrn.ambient_temp                     100 
_diffrn.ambient_temp_details             ? 
_diffrn.ambient_temp_esd                 ? 
_diffrn.crystal_id                       1 
_diffrn.crystal_support                  ? 
_diffrn.crystal_treatment                ? 
_diffrn.details                          ? 
_diffrn.id                               1 
_diffrn.ambient_pressure                 ? 
_diffrn.ambient_pressure_esd             ? 
_diffrn.ambient_pressure_gt              ? 
_diffrn.ambient_pressure_lt              ? 
_diffrn.ambient_temp_gt                  ? 
_diffrn.ambient_temp_lt                  ? 
_diffrn.pdbx_serial_crystal_experiment   N 
# 
_diffrn_detector.details                      ? 
_diffrn_detector.detector                     PIXEL 
_diffrn_detector.diffrn_id                    1 
_diffrn_detector.type                         'DECTRIS PILATUS 300K' 
_diffrn_detector.area_resol_mean              ? 
_diffrn_detector.dtime                        ? 
_diffrn_detector.pdbx_frames_total            ? 
_diffrn_detector.pdbx_collection_time_total   ? 
_diffrn_detector.pdbx_collection_date         2020-03-06 
_diffrn_detector.pdbx_frequency               ? 
# 
_diffrn_radiation.collimation                      ? 
_diffrn_radiation.diffrn_id                        1 
_diffrn_radiation.filter_edge                      ? 
_diffrn_radiation.inhomogeneity                    ? 
_diffrn_radiation.monochromator                    ? 
_diffrn_radiation.polarisn_norm                    ? 
_diffrn_radiation.polarisn_ratio                   ? 
_diffrn_radiation.probe                            ? 
_diffrn_radiation.type                             ? 
_diffrn_radiation.xray_symbol                      ? 
_diffrn_radiation.wavelength_id                    1 
_diffrn_radiation.pdbx_monochromatic_or_laue_m_l   M 
_diffrn_radiation.pdbx_wavelength_list             ? 
_diffrn_radiation.pdbx_wavelength                  ? 
_diffrn_radiation.pdbx_diffrn_protocol             'SINGLE WAVELENGTH' 
_diffrn_radiation.pdbx_analyzer                    ? 
_diffrn_radiation.pdbx_scattering_type             x-ray 
# 
_diffrn_radiation_wavelength.id           1 
_diffrn_radiation_wavelength.wavelength   1.54187 
_diffrn_radiation_wavelength.wt           1.0 
# 
_diffrn_source.current                     ? 
_diffrn_source.details                     ? 
_diffrn_source.diffrn_id                   1 
_diffrn_source.power                       ? 
_diffrn_source.size                        ? 
_diffrn_source.source                      'ROTATING ANODE' 
_diffrn_source.target                      ? 
_diffrn_source.type                        'RIGAKU MICROMAX-007 HF' 
_diffrn_source.voltage                     ? 
_diffrn_source.take-off_angle              ? 
_diffrn_source.pdbx_wavelength_list        1.54187 
_diffrn_source.pdbx_wavelength             ? 
_diffrn_source.pdbx_synchrotron_beamline   ? 
_diffrn_source.pdbx_synchrotron_site       ? 
# 
_reflns.B_iso_Wilson_estimate            67.737 
_reflns.entry_id                         6YEM 
_reflns.data_reduction_details           ? 
_reflns.data_reduction_method            ? 
_reflns.d_resolution_high                2.500 
_reflns.d_resolution_low                 45.210 
_reflns.details                          ? 
_reflns.limit_h_max                      ? 
_reflns.limit_h_min                      ? 
_reflns.limit_k_max                      ? 
_reflns.limit_k_min                      ? 
_reflns.limit_l_max                      ? 
_reflns.limit_l_min                      ? 
_reflns.number_all                       ? 
_reflns.number_obs                       13432 
_reflns.observed_criterion               ? 
_reflns.observed_criterion_F_max         ? 
_reflns.observed_criterion_F_min         ? 
_reflns.observed_criterion_I_max         ? 
_reflns.observed_criterion_I_min         ? 
_reflns.observed_criterion_sigma_F       ? 
_reflns.observed_criterion_sigma_I       ? 
_reflns.percent_possible_obs             99.700 
_reflns.R_free_details                   ? 
_reflns.Rmerge_F_all                     ? 
_reflns.Rmerge_F_obs                     ? 
_reflns.Friedel_coverage                 ? 
_reflns.number_gt                        ? 
_reflns.threshold_expression             ? 
_reflns.pdbx_redundancy                  4.671 
_reflns.pdbx_Rmerge_I_obs                0.095 
_reflns.pdbx_Rmerge_I_all                ? 
_reflns.pdbx_Rsym_value                  ? 
_reflns.pdbx_netI_over_av_sigmaI         ? 
_reflns.pdbx_netI_over_sigmaI            10.410 
_reflns.pdbx_res_netI_over_av_sigmaI_2   ? 
_reflns.pdbx_res_netI_over_sigmaI_2      ? 
_reflns.pdbx_chi_squared                 1.161 
_reflns.pdbx_scaling_rejects             ? 
_reflns.pdbx_d_res_high_opt              ? 
_reflns.pdbx_d_res_low_opt               ? 
_reflns.pdbx_d_res_opt_method            ? 
_reflns.phase_calculation_details        ? 
_reflns.pdbx_Rrim_I_all                  0.107 
_reflns.pdbx_Rpim_I_all                  ? 
_reflns.pdbx_d_opt                       ? 
_reflns.pdbx_number_measured_all         62747 
_reflns.pdbx_diffrn_id                   1 
_reflns.pdbx_ordinal                     1 
_reflns.pdbx_CC_half                     0.998 
_reflns.pdbx_CC_star                     ? 
_reflns.pdbx_R_split                     ? 
# 
loop_
_reflns_shell.d_res_high 
_reflns_shell.d_res_low 
_reflns_shell.meanI_over_sigI_all 
_reflns_shell.meanI_over_sigI_obs 
_reflns_shell.number_measured_all 
_reflns_shell.number_measured_obs 
_reflns_shell.number_possible 
_reflns_shell.number_unique_all 
_reflns_shell.number_unique_obs 
_reflns_shell.percent_possible_all 
_reflns_shell.percent_possible_obs 
_reflns_shell.Rmerge_F_all 
_reflns_shell.Rmerge_F_obs 
_reflns_shell.Rmerge_I_all 
_reflns_shell.Rmerge_I_obs 
_reflns_shell.meanI_over_sigI_gt 
_reflns_shell.meanI_over_uI_all 
_reflns_shell.meanI_over_uI_gt 
_reflns_shell.number_measured_gt 
_reflns_shell.number_unique_gt 
_reflns_shell.percent_possible_gt 
_reflns_shell.Rmerge_F_gt 
_reflns_shell.Rmerge_I_gt 
_reflns_shell.pdbx_redundancy 
_reflns_shell.pdbx_Rsym_value 
_reflns_shell.pdbx_chi_squared 
_reflns_shell.pdbx_netI_over_sigmaI_all 
_reflns_shell.pdbx_netI_over_sigmaI_obs 
_reflns_shell.pdbx_Rrim_I_all 
_reflns_shell.pdbx_Rpim_I_all 
_reflns_shell.pdbx_rejects 
_reflns_shell.pdbx_ordinal 
_reflns_shell.pdbx_diffrn_id 
_reflns_shell.pdbx_CC_half 
_reflns_shell.pdbx_CC_star 
_reflns_shell.pdbx_R_split 
2.500 2.650  ? 0.620  ? 5655  2182 ? 2179 99.900  ? ? ? ? 1.304 ? ? ? ? ? ? ? ? 2.595 ? ? ? ? 1.659 ? ? 1 1 0.329 ? ? 
2.650 2.830  ? 1.070  ? 7531  2041 ? 2040 100.000 ? ? ? ? 0.967 ? ? ? ? ? ? ? ? 3.692 ? ? ? ? 1.135 ? ? 2 1 0.561 ? ? 
2.830 3.060  ? 2.730  ? 9501  1905 ? 1905 100.000 ? ? ? ? 0.491 ? ? ? ? ? ? ? ? 4.987 ? ? ? ? 0.550 ? ? 3 1 0.847 ? ? 
3.060 3.350  ? 5.380  ? 10443 1756 ? 1756 100.000 ? ? ? ? 0.293 ? ? ? ? ? ? ? ? 5.947 ? ? ? ? 0.321 ? ? 4 1 0.960 ? ? 
3.350 3.740  ? 11.910 ? 8875  1561 ? 1561 100.000 ? ? ? ? 0.136 ? ? ? ? ? ? ? ? 5.685 ? ? ? ? 0.150 ? ? 5 1 0.987 ? ? 
3.740 4.310  ? 19.720 ? 6871  1409 ? 1401 99.400  ? ? ? ? 0.072 ? ? ? ? ? ? ? ? 4.904 ? ? ? ? 0.080 ? ? 6 1 0.995 ? ? 
4.310 5.270  ? 27.410 ? 6313  1180 ? 1173 99.400  ? ? ? ? 0.051 ? ? ? ? ? ? ? ? 5.382 ? ? ? ? 0.057 ? ? 7 1 0.998 ? ? 
5.270 7.400  ? 26.960 ? 5100  914  ? 913  99.900  ? ? ? ? 0.051 ? ? ? ? ? ? ? ? 5.586 ? ? ? ? 0.057 ? ? 8 1 0.998 ? ? 
7.400 45.210 ? 36.980 ? 2458  524  ? 504  96.200  ? ? ? ? 0.034 ? ? ? ? ? ? ? ? 4.877 ? ? ? ? 0.038 ? ? 9 1 0.999 ? ? 
# 
_refine.aniso_B[1][1]                            -0.1000 
_refine.aniso_B[1][2]                            -0.0500 
_refine.aniso_B[1][3]                            -0.0000 
_refine.aniso_B[2][2]                            -0.1000 
_refine.aniso_B[2][3]                            0.0000 
_refine.aniso_B[3][3]                            0.3400 
_refine.B_iso_max                                141.280 
_refine.B_iso_mean                               75.5280 
_refine.B_iso_min                                43.300 
_refine.correlation_coeff_Fo_to_Fc               0.9310 
_refine.correlation_coeff_Fo_to_Fc_free          0.8980 
_refine.details                                  
'HYDROGENS HAVE BEEN ADDED IN THE RIDING POSITIONS U VALUES      : REFINED INDIVIDUALLY' 
_refine.diff_density_max                         ? 
_refine.diff_density_max_esd                     ? 
_refine.diff_density_min                         ? 
_refine.diff_density_min_esd                     ? 
_refine.diff_density_rms                         ? 
_refine.diff_density_rms_esd                     ? 
_refine.entry_id                                 6YEM 
_refine.pdbx_refine_id                           'X-RAY DIFFRACTION' 
_refine.ls_abs_structure_details                 ? 
_refine.ls_abs_structure_Flack                   ? 
_refine.ls_abs_structure_Flack_esd               ? 
_refine.ls_abs_structure_Rogers                  ? 
_refine.ls_abs_structure_Rogers_esd              ? 
_refine.ls_d_res_high                            2.5000 
_refine.ls_d_res_low                             45.2100 
_refine.ls_extinction_coef                       ? 
_refine.ls_extinction_coef_esd                   ? 
_refine.ls_extinction_expression                 ? 
_refine.ls_extinction_method                     ? 
_refine.ls_goodness_of_fit_all                   ? 
_refine.ls_goodness_of_fit_all_esd               ? 
_refine.ls_goodness_of_fit_obs                   ? 
_refine.ls_goodness_of_fit_obs_esd               ? 
_refine.ls_hydrogen_treatment                    ? 
_refine.ls_matrix_type                           ? 
_refine.ls_number_constraints                    ? 
_refine.ls_number_parameters                     ? 
_refine.ls_number_reflns_all                     ? 
_refine.ls_number_reflns_obs                     7223 
_refine.ls_number_reflns_R_free                  381 
_refine.ls_number_reflns_R_work                  ? 
_refine.ls_number_restraints                     ? 
_refine.ls_percent_reflns_obs                    99.6700 
_refine.ls_percent_reflns_R_free                 5.0000 
_refine.ls_R_factor_all                          ? 
_refine.ls_R_factor_obs                          0.2640 
_refine.ls_R_factor_R_free                       0.3180 
_refine.ls_R_factor_R_free_error                 ? 
_refine.ls_R_factor_R_free_error_details         ? 
_refine.ls_R_factor_R_work                       0.2612 
_refine.ls_R_Fsqd_factor_obs                     ? 
_refine.ls_R_I_factor_obs                        ? 
_refine.ls_redundancy_reflns_all                 ? 
_refine.ls_redundancy_reflns_obs                 ? 
_refine.ls_restrained_S_all                      ? 
_refine.ls_restrained_S_obs                      ? 
_refine.ls_shift_over_esd_max                    ? 
_refine.ls_shift_over_esd_mean                   ? 
_refine.ls_structure_factor_coef                 ? 
_refine.ls_weighting_details                     ? 
_refine.ls_weighting_scheme                      ? 
_refine.ls_wR_factor_all                         ? 
_refine.ls_wR_factor_obs                         ? 
_refine.ls_wR_factor_R_free                      ? 
_refine.ls_wR_factor_R_work                      ? 
_refine.occupancy_max                            ? 
_refine.occupancy_min                            ? 
_refine.solvent_model_details                    ? 
_refine.solvent_model_param_bsol                 ? 
_refine.solvent_model_param_ksol                 ? 
_refine.pdbx_R_complete                          ? 
_refine.ls_R_factor_gt                           ? 
_refine.ls_goodness_of_fit_gt                    ? 
_refine.ls_goodness_of_fit_ref                   ? 
_refine.ls_shift_over_su_max                     ? 
_refine.ls_shift_over_su_max_lt                  ? 
_refine.ls_shift_over_su_mean                    ? 
_refine.ls_shift_over_su_mean_lt                 ? 
_refine.pdbx_ls_sigma_I                          ? 
_refine.pdbx_ls_sigma_F                          0.000 
_refine.pdbx_ls_sigma_Fsqd                       ? 
_refine.pdbx_data_cutoff_high_absF               ? 
_refine.pdbx_data_cutoff_high_rms_absF           ? 
_refine.pdbx_data_cutoff_low_absF                ? 
_refine.pdbx_isotropic_thermal_model             ? 
_refine.pdbx_ls_cross_valid_method               THROUGHOUT 
_refine.pdbx_method_to_determine_struct          'MOLECULAR REPLACEMENT' 
_refine.pdbx_starting_model                      6YA5 
_refine.pdbx_stereochemistry_target_values       ? 
_refine.pdbx_R_Free_selection_details            RANDOM 
_refine.pdbx_stereochem_target_val_spec_case     ? 
_refine.pdbx_overall_ESU_R                       0.6980 
_refine.pdbx_overall_ESU_R_Free                  0.3650 
_refine.pdbx_solvent_vdw_probe_radii             1.2000 
_refine.pdbx_solvent_ion_probe_radii             0.8000 
_refine.pdbx_solvent_shrinkage_radii             0.8000 
_refine.pdbx_real_space_R                        ? 
_refine.pdbx_density_correlation                 ? 
_refine.pdbx_pd_number_of_powder_patterns        ? 
_refine.pdbx_pd_number_of_points                 ? 
_refine.pdbx_pd_meas_number_of_points            ? 
_refine.pdbx_pd_proc_ls_prof_R_factor            ? 
_refine.pdbx_pd_proc_ls_prof_wR_factor           ? 
_refine.pdbx_pd_Marquardt_correlation_coeff      ? 
_refine.pdbx_pd_Fsqrd_R_factor                   ? 
_refine.pdbx_pd_ls_matrix_band_width             ? 
_refine.pdbx_overall_phase_error                 ? 
_refine.pdbx_overall_SU_R_free_Cruickshank_DPI   ? 
_refine.pdbx_overall_SU_R_free_Blow_DPI          ? 
_refine.pdbx_overall_SU_R_Blow_DPI               ? 
_refine.pdbx_TLS_residual_ADP_flag               ? 
_refine.pdbx_diffrn_id                           1 
_refine.overall_SU_B                             15.7590 
_refine.overall_SU_ML                            0.3270 
_refine.overall_SU_R_Cruickshank_DPI             0.6978 
_refine.overall_SU_R_free                        ? 
_refine.overall_FOM_free_R_set                   ? 
_refine.overall_FOM_work_R_set                   ? 
_refine.pdbx_average_fsc_overall                 ? 
_refine.pdbx_average_fsc_work                    ? 
_refine.pdbx_average_fsc_free                    ? 
# 
_refine_hist.pdbx_refine_id                   'X-RAY DIFFRACTION' 
_refine_hist.cycle_id                         final 
_refine_hist.details                          ? 
_refine_hist.d_res_high                       2.5000 
_refine_hist.d_res_low                        45.2100 
_refine_hist.number_atoms_solvent             19 
_refine_hist.number_atoms_total               1461 
_refine_hist.number_reflns_all                ? 
_refine_hist.number_reflns_obs                ? 
_refine_hist.number_reflns_R_free             ? 
_refine_hist.number_reflns_R_work             ? 
_refine_hist.R_factor_all                     ? 
_refine_hist.R_factor_obs                     ? 
_refine_hist.R_factor_R_free                  ? 
_refine_hist.R_factor_R_work                  ? 
_refine_hist.pdbx_number_residues_total       179 
_refine_hist.pdbx_B_iso_mean_ligand           73.50 
_refine_hist.pdbx_B_iso_mean_solvent          59.59 
_refine_hist.pdbx_number_atoms_protein        1416 
_refine_hist.pdbx_number_atoms_nucleic_acid   0 
_refine_hist.pdbx_number_atoms_ligand         26 
_refine_hist.pdbx_number_atoms_lipid          ? 
_refine_hist.pdbx_number_atoms_carb           ? 
_refine_hist.pdbx_pseudo_atom_details         ? 
# 
loop_
_refine_ls_restr.pdbx_refine_id 
_refine_ls_restr.criterion 
_refine_ls_restr.dev_ideal 
_refine_ls_restr.dev_ideal_target 
_refine_ls_restr.number 
_refine_ls_restr.rejects 
_refine_ls_restr.type 
_refine_ls_restr.weight 
_refine_ls_restr.pdbx_restraint_function 
'X-RAY DIFFRACTION' ? 0.009  0.019  1481 ? r_bond_refined_d       ? ? 
'X-RAY DIFFRACTION' ? 0.002  0.020  1341 ? r_bond_other_d         ? ? 
'X-RAY DIFFRACTION' ? 1.248  1.954  1989 ? r_angle_refined_deg    ? ? 
'X-RAY DIFFRACTION' ? 0.923  3.000  3078 ? r_angle_other_deg      ? ? 
'X-RAY DIFFRACTION' ? 5.837  5.000  180  ? r_dihedral_angle_1_deg ? ? 
'X-RAY DIFFRACTION' ? 34.317 22.714 70   ? r_dihedral_angle_2_deg ? ? 
'X-RAY DIFFRACTION' ? 17.201 15.000 257  ? r_dihedral_angle_3_deg ? ? 
'X-RAY DIFFRACTION' ? 15.885 15.000 13   ? r_dihedral_angle_4_deg ? ? 
'X-RAY DIFFRACTION' ? 0.066  0.200  206  ? r_chiral_restr         ? ? 
'X-RAY DIFFRACTION' ? 0.004  0.020  1660 ? r_gen_planes_refined   ? ? 
'X-RAY DIFFRACTION' ? 0.001  0.020  358  ? r_gen_planes_other     ? ? 
# 
_refine_ls_shell.pdbx_refine_id                   'X-RAY DIFFRACTION' 
_refine_ls_shell.d_res_high                       2.5 
_refine_ls_shell.d_res_low                        2.5630 
_refine_ls_shell.number_reflns_all                ? 
_refine_ls_shell.number_reflns_obs                ? 
_refine_ls_shell.number_reflns_R_free             27 
_refine_ls_shell.number_reflns_R_work             515 
_refine_ls_shell.percent_reflns_obs               99.8200 
_refine_ls_shell.percent_reflns_R_free            ? 
_refine_ls_shell.R_factor_all                     ? 
_refine_ls_shell.R_factor_obs                     ? 
_refine_ls_shell.R_factor_R_free                  0.3930 
_refine_ls_shell.R_factor_R_free_error            0.0000 
_refine_ls_shell.R_factor_R_work                  0.2890 
_refine_ls_shell.redundancy_reflns_all            ? 
_refine_ls_shell.redundancy_reflns_obs            ? 
_refine_ls_shell.wR_factor_all                    ? 
_refine_ls_shell.wR_factor_obs                    ? 
_refine_ls_shell.wR_factor_R_free                 ? 
_refine_ls_shell.wR_factor_R_work                 ? 
_refine_ls_shell.pdbx_R_complete                  ? 
_refine_ls_shell.pdbx_total_number_of_bins_used   ? 
_refine_ls_shell.pdbx_phase_error                 ? 
_refine_ls_shell.pdbx_fsc_work                    ? 
_refine_ls_shell.pdbx_fsc_free                    ? 
# 
_struct.entry_id                     6YEM 
_struct.title                        'H1N1 2009 PA Endonuclease in complex with Quambalarine B' 
_struct.pdbx_model_details           ? 
_struct.pdbx_formula_weight          ? 
_struct.pdbx_formula_weight_method   ? 
_struct.pdbx_model_type_details      ? 
_struct.pdbx_CASP_flag               N 
# 
_struct_keywords.entry_id        6YEM 
_struct_keywords.text            'Influenza, polymerase, endonuclease, hydrolase, VIRAL PROTEIN' 
_struct_keywords.pdbx_keywords   'VIRAL PROTEIN' 
# 
loop_
_struct_asym.id 
_struct_asym.pdbx_blank_PDB_chainid_flag 
_struct_asym.pdbx_modified 
_struct_asym.entity_id 
_struct_asym.details 
A N N 1 ? 
B N N 2 ? 
C N N 2 ? 
D N N 3 ? 
E N N 4 ? 
F N N 5 ? 
G N N 6 ? 
# 
loop_
_struct_ref.id 
_struct_ref.db_name 
_struct_ref.db_code 
_struct_ref.pdbx_db_accession 
_struct_ref.pdbx_db_isoform 
_struct_ref.entity_id 
_struct_ref.pdbx_seq_one_letter_code 
_struct_ref.pdbx_align_begin 
1 UNP C3W5X6_9INFA C3W5X6 ? 1 MEDFVRQCFNPMIVELAEKAMKEYGEDPKIETNKFAAICTHLEVCFMYSD 1  
2 UNP C3W5X6_9INFA C3W5X6 ? 1 
;KHRFEIIEGRDRIMAWTVVNSICNTTGVEKPKFLPDLYDYKENRFIEIGVTRREVHIYYLEKANKIKSEKTHIHIFSFTG
EEMATKADYTLDEESRARIKTRLFTIRQEMASRSLWDSFRQSER
;
73 
# 
loop_
_struct_ref_seq.align_id 
_struct_ref_seq.ref_id 
_struct_ref_seq.pdbx_PDB_id_code 
_struct_ref_seq.pdbx_strand_id 
_struct_ref_seq.seq_align_beg 
_struct_ref_seq.pdbx_seq_align_beg_ins_code 
_struct_ref_seq.seq_align_end 
_struct_ref_seq.pdbx_seq_align_end_ins_code 
_struct_ref_seq.pdbx_db_accession 
_struct_ref_seq.db_align_beg 
_struct_ref_seq.pdbx_db_align_beg_ins_code 
_struct_ref_seq.db_align_end 
_struct_ref_seq.pdbx_db_align_end_ins_code 
_struct_ref_seq.pdbx_auth_seq_align_beg 
_struct_ref_seq.pdbx_auth_seq_align_end 
1 1 6YEM A 10 ? 59  ? C3W5X6 1  ? 50  ? 1  50  
2 2 6YEM A 63 ? 186 ? C3W5X6 73 ? 196 ? 73 196 
# 
loop_
_struct_ref_seq_dif.align_id 
_struct_ref_seq_dif.pdbx_pdb_id_code 
_struct_ref_seq_dif.mon_id 
_struct_ref_seq_dif.pdbx_pdb_strand_id 
_struct_ref_seq_dif.seq_num 
_struct_ref_seq_dif.pdbx_pdb_ins_code 
_struct_ref_seq_dif.pdbx_seq_db_name 
_struct_ref_seq_dif.pdbx_seq_db_accession_code 
_struct_ref_seq_dif.db_mon_id 
_struct_ref_seq_dif.pdbx_seq_db_seq_num 
_struct_ref_seq_dif.details 
_struct_ref_seq_dif.pdbx_auth_seq_num 
_struct_ref_seq_dif.pdbx_ordinal 
1 6YEM SER A 1  ? UNP C3W5X6 ? ? 'expression tag' -8 1  
1 6YEM GLY A 2  ? UNP C3W5X6 ? ? 'expression tag' -7 2  
1 6YEM SER A 3  ? UNP C3W5X6 ? ? 'expression tag' -6 3  
1 6YEM GLY A 4  ? UNP C3W5X6 ? ? 'expression tag' -5 4  
1 6YEM SER A 5  ? UNP C3W5X6 ? ? 'expression tag' -4 5  
1 6YEM GLY A 6  ? UNP C3W5X6 ? ? 'expression tag' -3 6  
1 6YEM SER A 7  ? UNP C3W5X6 ? ? 'expression tag' -2 7  
1 6YEM GLY A 8  ? UNP C3W5X6 ? ? 'expression tag' -1 8  
1 6YEM SER A 9  ? UNP C3W5X6 ? ? 'expression tag' 0  9  
1 6YEM GLY A 60 ? UNP C3W5X6 ? ? linker           51 10 
1 6YEM GLY A 61 ? UNP C3W5X6 ? ? linker           52 11 
1 6YEM SER A 62 ? UNP C3W5X6 ? ? linker           53 12 
# 
_pdbx_struct_assembly.id                   1 
_pdbx_struct_assembly.details              author_and_software_defined_assembly 
_pdbx_struct_assembly.method_details       PISA 
_pdbx_struct_assembly.oligomeric_details   monomeric 
_pdbx_struct_assembly.oligomeric_count     1 
# 
loop_
_pdbx_struct_assembly_prop.biol_id 
_pdbx_struct_assembly_prop.type 
_pdbx_struct_assembly_prop.value 
_pdbx_struct_assembly_prop.details 
1 'ABSA (A^2)' 370  ? 
1 MORE         -21  ? 
1 'SSA (A^2)'  9620 ? 
# 
_pdbx_struct_assembly_gen.assembly_id       1 
_pdbx_struct_assembly_gen.oper_expression   1 
_pdbx_struct_assembly_gen.asym_id_list      A,B,C,D,E,F,G 
# 
_pdbx_struct_assembly_auth_evidence.id                     1 
_pdbx_struct_assembly_auth_evidence.assembly_id            1 
_pdbx_struct_assembly_auth_evidence.experimental_support   'gel filtration' 
_pdbx_struct_assembly_auth_evidence.details                ? 
# 
_pdbx_struct_oper_list.id                   1 
_pdbx_struct_oper_list.type                 'identity operation' 
_pdbx_struct_oper_list.name                 1_555 
_pdbx_struct_oper_list.symmetry_operation   x,y,z 
_pdbx_struct_oper_list.matrix[1][1]         1.0000000000 
_pdbx_struct_oper_list.matrix[1][2]         0.0000000000 
_pdbx_struct_oper_list.matrix[1][3]         0.0000000000 
_pdbx_struct_oper_list.vector[1]            0.0000000000 
_pdbx_struct_oper_list.matrix[2][1]         0.0000000000 
_pdbx_struct_oper_list.matrix[2][2]         1.0000000000 
_pdbx_struct_oper_list.matrix[2][3]         0.0000000000 
_pdbx_struct_oper_list.vector[2]            0.0000000000 
_pdbx_struct_oper_list.matrix[3][1]         0.0000000000 
_pdbx_struct_oper_list.matrix[3][2]         0.0000000000 
_pdbx_struct_oper_list.matrix[3][3]         1.0000000000 
_pdbx_struct_oper_list.vector[3]            0.0000000000 
# 
loop_
_struct_conf.conf_type_id 
_struct_conf.id 
_struct_conf.pdbx_PDB_helix_id 
_struct_conf.beg_label_comp_id 
_struct_conf.beg_label_asym_id 
_struct_conf.beg_label_seq_id 
_struct_conf.pdbx_beg_PDB_ins_code 
_struct_conf.end_label_comp_id 
_struct_conf.end_label_asym_id 
_struct_conf.end_label_seq_id 
_struct_conf.pdbx_end_PDB_ins_code 
_struct_conf.beg_auth_comp_id 
_struct_conf.beg_auth_asym_id 
_struct_conf.beg_auth_seq_id 
_struct_conf.end_auth_comp_id 
_struct_conf.end_auth_asym_id 
_struct_conf.end_auth_seq_id 
_struct_conf.pdbx_PDB_helix_class 
_struct_conf.details 
_struct_conf.pdbx_PDB_helix_length 
HELX_P HELX_P1 AA1 GLY A 8   ? PHE A 18  ? GLY A -1  PHE A 9   1 ? 11 
HELX_P HELX_P2 AA2 ASN A 19  ? GLU A 32  ? ASN A 10  GLU A 23  1 ? 14 
HELX_P HELX_P3 AA3 GLU A 40  ? GLY A 60  ? GLU A 31  GLY A 51  1 ? 21 
HELX_P HELX_P4 AA4 ASP A 73  ? THR A 88  ? ASP A 83  THR A 98  1 ? 16 
HELX_P HELX_P5 AA5 GLU A 116 ? LYS A 129 ? GLU A 126 LYS A 139 1 ? 14 
HELX_P HELX_P6 AA6 LYS A 148 ? ASP A 150 ? LYS A 158 ASP A 160 5 ? 3  
HELX_P HELX_P7 AA7 ASP A 154 ? ARG A 175 ? ASP A 164 ARG A 185 1 ? 22 
HELX_P HELX_P8 AA8 LEU A 177 ? SER A 184 ? LEU A 187 SER A 194 1 ? 8  
# 
_struct_conf_type.id          HELX_P 
_struct_conf_type.criteria    ? 
_struct_conf_type.reference   ? 
# 
loop_
_struct_conn.id 
_struct_conn.conn_type_id 
_struct_conn.pdbx_leaving_atom_flag 
_struct_conn.pdbx_PDB_id 
_struct_conn.ptnr1_label_asym_id 
_struct_conn.ptnr1_label_comp_id 
_struct_conn.ptnr1_label_seq_id 
_struct_conn.ptnr1_label_atom_id 
_struct_conn.pdbx_ptnr1_label_alt_id 
_struct_conn.pdbx_ptnr1_PDB_ins_code 
_struct_conn.pdbx_ptnr1_standard_comp_id 
_struct_conn.ptnr1_symmetry 
_struct_conn.ptnr2_label_asym_id 
_struct_conn.ptnr2_label_comp_id 
_struct_conn.ptnr2_label_seq_id 
_struct_conn.ptnr2_label_atom_id 
_struct_conn.pdbx_ptnr2_label_alt_id 
_struct_conn.pdbx_ptnr2_PDB_ins_code 
_struct_conn.ptnr1_auth_asym_id 
_struct_conn.ptnr1_auth_comp_id 
_struct_conn.ptnr1_auth_seq_id 
_struct_conn.ptnr2_auth_asym_id 
_struct_conn.ptnr2_auth_comp_id 
_struct_conn.ptnr2_auth_seq_id 
_struct_conn.ptnr2_symmetry 
_struct_conn.pdbx_ptnr3_label_atom_id 
_struct_conn.pdbx_ptnr3_label_seq_id 
_struct_conn.pdbx_ptnr3_label_comp_id 
_struct_conn.pdbx_ptnr3_label_asym_id 
_struct_conn.pdbx_ptnr3_label_alt_id 
_struct_conn.pdbx_ptnr3_PDB_ins_code 
_struct_conn.details 
_struct_conn.pdbx_dist_value 
_struct_conn.pdbx_value_order 
_struct_conn.pdbx_role 
metalc1  metalc ? ? A HIS 50  NE2 ? ? ? 1_555 B MN  . MN ? ? A HIS 41  A MN  201 1_555 ? ? ? ? ? ? ? 2.537 ? ? 
metalc2  metalc ? ? A ASP 98  OD2 ? ? ? 1_555 B MN  . MN ? ? A ASP 108 A MN  201 1_555 ? ? ? ? ? ? ? 1.969 ? ? 
metalc3  metalc ? ? A ASP 98  OD1 ? ? ? 1_555 C MN  . MN ? ? A ASP 108 A MN  202 1_555 ? ? ? ? ? ? ? 1.985 ? ? 
metalc4  metalc ? ? A ILE 110 O   ? ? ? 1_555 B MN  . MN ? ? A ILE 120 A MN  201 1_555 ? ? ? ? ? ? ? 2.078 ? ? 
metalc5  metalc ? ? B MN  .   MN  ? ? ? 1_555 F OOH . O  ? ? A MN  201 A OOH 205 1_555 ? ? ? ? ? ? ? 1.994 ? ? 
metalc6  metalc ? ? B MN  .   MN  ? ? ? 1_555 F OOH . O6 ? ? A MN  201 A OOH 205 1_555 ? ? ? ? ? ? ? 1.862 ? ? 
metalc7  metalc ? ? C MN  .   MN  ? ? ? 1_555 F OOH . O1 ? ? A MN  202 A OOH 205 1_555 ? ? ? ? ? ? ? 1.986 ? ? 
metalc8  metalc ? ? C MN  .   MN  ? ? ? 1_555 F OOH . O  ? ? A MN  202 A OOH 205 1_555 ? ? ? ? ? ? ? 2.298 ? ? 
metalc9  metalc ? ? C MN  .   MN  ? ? ? 1_555 G HOH . O  ? ? A MN  202 A HOH 301 1_555 ? ? ? ? ? ? ? 2.110 ? ? 
metalc10 metalc ? ? C MN  .   MN  ? ? ? 1_555 G HOH . O  ? ? A MN  202 A HOH 302 1_555 ? ? ? ? ? ? ? 2.282 ? ? 
# 
_struct_conn_type.id          metalc 
_struct_conn_type.criteria    ? 
_struct_conn_type.reference   ? 
# 
loop_
_pdbx_struct_conn_angle.id 
_pdbx_struct_conn_angle.ptnr1_label_atom_id 
_pdbx_struct_conn_angle.ptnr1_label_alt_id 
_pdbx_struct_conn_angle.ptnr1_label_asym_id 
_pdbx_struct_conn_angle.ptnr1_label_comp_id 
_pdbx_struct_conn_angle.ptnr1_label_seq_id 
_pdbx_struct_conn_angle.ptnr1_auth_atom_id 
_pdbx_struct_conn_angle.ptnr1_auth_asym_id 
_pdbx_struct_conn_angle.ptnr1_auth_comp_id 
_pdbx_struct_conn_angle.ptnr1_auth_seq_id 
_pdbx_struct_conn_angle.ptnr1_PDB_ins_code 
_pdbx_struct_conn_angle.ptnr1_symmetry 
_pdbx_struct_conn_angle.ptnr2_label_atom_id 
_pdbx_struct_conn_angle.ptnr2_label_alt_id 
_pdbx_struct_conn_angle.ptnr2_label_asym_id 
_pdbx_struct_conn_angle.ptnr2_label_comp_id 
_pdbx_struct_conn_angle.ptnr2_label_seq_id 
_pdbx_struct_conn_angle.ptnr2_auth_atom_id 
_pdbx_struct_conn_angle.ptnr2_auth_asym_id 
_pdbx_struct_conn_angle.ptnr2_auth_comp_id 
_pdbx_struct_conn_angle.ptnr2_auth_seq_id 
_pdbx_struct_conn_angle.ptnr2_PDB_ins_code 
_pdbx_struct_conn_angle.ptnr2_symmetry 
_pdbx_struct_conn_angle.ptnr3_label_atom_id 
_pdbx_struct_conn_angle.ptnr3_label_alt_id 
_pdbx_struct_conn_angle.ptnr3_label_asym_id 
_pdbx_struct_conn_angle.ptnr3_label_comp_id 
_pdbx_struct_conn_angle.ptnr3_label_seq_id 
_pdbx_struct_conn_angle.ptnr3_auth_atom_id 
_pdbx_struct_conn_angle.ptnr3_auth_asym_id 
_pdbx_struct_conn_angle.ptnr3_auth_comp_id 
_pdbx_struct_conn_angle.ptnr3_auth_seq_id 
_pdbx_struct_conn_angle.ptnr3_PDB_ins_code 
_pdbx_struct_conn_angle.ptnr3_symmetry 
_pdbx_struct_conn_angle.value 
_pdbx_struct_conn_angle.value_esd 
1  NE2 ? A HIS 50  ? A HIS 41  ? 1_555 MN ? B MN . ? A MN 201 ? 1_555 OD2 ? A ASP 98  ? A ASP 108 ? 1_555 97.3  ? 
2  NE2 ? A HIS 50  ? A HIS 41  ? 1_555 MN ? B MN . ? A MN 201 ? 1_555 O   ? A ILE 110 ? A ILE 120 ? 1_555 90.1  ? 
3  OD2 ? A ASP 98  ? A ASP 108 ? 1_555 MN ? B MN . ? A MN 201 ? 1_555 O   ? A ILE 110 ? A ILE 120 ? 1_555 102.1 ? 
4  NE2 ? A HIS 50  ? A HIS 41  ? 1_555 MN ? B MN . ? A MN 201 ? 1_555 O   ? F OOH .   ? A OOH 205 ? 1_555 80.6  ? 
5  OD2 ? A ASP 98  ? A ASP 108 ? 1_555 MN ? B MN . ? A MN 201 ? 1_555 O   ? F OOH .   ? A OOH 205 ? 1_555 97.7  ? 
6  O   ? A ILE 110 ? A ILE 120 ? 1_555 MN ? B MN . ? A MN 201 ? 1_555 O   ? F OOH .   ? A OOH 205 ? 1_555 159.1 ? 
7  NE2 ? A HIS 50  ? A HIS 41  ? 1_555 MN ? B MN . ? A MN 201 ? 1_555 O6  ? F OOH .   ? A OOH 205 ? 1_555 81.6  ? 
8  OD2 ? A ASP 98  ? A ASP 108 ? 1_555 MN ? B MN . ? A MN 201 ? 1_555 O6  ? F OOH .   ? A OOH 205 ? 1_555 171.0 ? 
9  O   ? A ILE 110 ? A ILE 120 ? 1_555 MN ? B MN . ? A MN 201 ? 1_555 O6  ? F OOH .   ? A OOH 205 ? 1_555 69.0  ? 
10 O   ? F OOH .   ? A OOH 205 ? 1_555 MN ? B MN . ? A MN 201 ? 1_555 O6  ? F OOH .   ? A OOH 205 ? 1_555 91.0  ? 
11 OD1 ? A ASP 98  ? A ASP 108 ? 1_555 MN ? C MN . ? A MN 202 ? 1_555 O1  ? F OOH .   ? A OOH 205 ? 1_555 160.5 ? 
12 OD1 ? A ASP 98  ? A ASP 108 ? 1_555 MN ? C MN . ? A MN 202 ? 1_555 O   ? F OOH .   ? A OOH 205 ? 1_555 89.0  ? 
13 O1  ? F OOH .   ? A OOH 205 ? 1_555 MN ? C MN . ? A MN 202 ? 1_555 O   ? F OOH .   ? A OOH 205 ? 1_555 73.6  ? 
14 OD1 ? A ASP 98  ? A ASP 108 ? 1_555 MN ? C MN . ? A MN 202 ? 1_555 O   ? G HOH .   ? A HOH 301 ? 1_555 88.5  ? 
15 O1  ? F OOH .   ? A OOH 205 ? 1_555 MN ? C MN . ? A MN 202 ? 1_555 O   ? G HOH .   ? A HOH 301 ? 1_555 83.5  ? 
16 O   ? F OOH .   ? A OOH 205 ? 1_555 MN ? C MN . ? A MN 202 ? 1_555 O   ? G HOH .   ? A HOH 301 ? 1_555 91.7  ? 
17 OD1 ? A ASP 98  ? A ASP 108 ? 1_555 MN ? C MN . ? A MN 202 ? 1_555 O   ? G HOH .   ? A HOH 302 ? 1_555 87.9  ? 
18 O1  ? F OOH .   ? A OOH 205 ? 1_555 MN ? C MN . ? A MN 202 ? 1_555 O   ? G HOH .   ? A HOH 302 ? 1_555 106.7 ? 
19 O   ? F OOH .   ? A OOH 205 ? 1_555 MN ? C MN . ? A MN 202 ? 1_555 O   ? G HOH .   ? A HOH 302 ? 1_555 165.5 ? 
20 O   ? G HOH .   ? A HOH 301 ? 1_555 MN ? C MN . ? A MN 202 ? 1_555 O   ? G HOH .   ? A HOH 302 ? 1_555 74.1  ? 
# 
_struct_sheet.id               AA1 
_struct_sheet.type             ? 
_struct_sheet.number_strands   5 
_struct_sheet.details          ? 
# 
loop_
_struct_sheet_order.sheet_id 
_struct_sheet_order.range_id_1 
_struct_sheet_order.range_id_2 
_struct_sheet_order.offset 
_struct_sheet_order.sense 
AA1 1 2 ? anti-parallel 
AA1 2 3 ? anti-parallel 
AA1 3 4 ? parallel      
AA1 4 5 ? anti-parallel 
# 
loop_
_struct_sheet_range.sheet_id 
_struct_sheet_range.id 
_struct_sheet_range.beg_label_comp_id 
_struct_sheet_range.beg_label_asym_id 
_struct_sheet_range.beg_label_seq_id 
_struct_sheet_range.pdbx_beg_PDB_ins_code 
_struct_sheet_range.end_label_comp_id 
_struct_sheet_range.end_label_asym_id 
_struct_sheet_range.end_label_seq_id 
_struct_sheet_range.pdbx_end_PDB_ins_code 
_struct_sheet_range.beg_auth_comp_id 
_struct_sheet_range.beg_auth_asym_id 
_struct_sheet_range.beg_auth_seq_id 
_struct_sheet_range.end_auth_comp_id 
_struct_sheet_range.end_auth_asym_id 
_struct_sheet_range.end_auth_seq_id 
AA1 1 PHE A 66  ? ILE A 68  ? PHE A 76  ILE A 78  
AA1 2 LEU A 99  ? ASP A 101 ? LEU A 109 ASP A 111 
AA1 3 ARG A 106 ? THR A 113 ? ARG A 116 THR A 123 
AA1 4 HIS A 134 ? SER A 139 ? HIS A 144 SER A 149 
AA1 5 GLU A 144 ? ALA A 146 ? GLU A 154 ALA A 156 
# 
loop_
_pdbx_struct_sheet_hbond.sheet_id 
_pdbx_struct_sheet_hbond.range_id_1 
_pdbx_struct_sheet_hbond.range_id_2 
_pdbx_struct_sheet_hbond.range_1_label_atom_id 
_pdbx_struct_sheet_hbond.range_1_label_comp_id 
_pdbx_struct_sheet_hbond.range_1_label_asym_id 
_pdbx_struct_sheet_hbond.range_1_label_seq_id 
_pdbx_struct_sheet_hbond.range_1_PDB_ins_code 
_pdbx_struct_sheet_hbond.range_1_auth_atom_id 
_pdbx_struct_sheet_hbond.range_1_auth_comp_id 
_pdbx_struct_sheet_hbond.range_1_auth_asym_id 
_pdbx_struct_sheet_hbond.range_1_auth_seq_id 
_pdbx_struct_sheet_hbond.range_2_label_atom_id 
_pdbx_struct_sheet_hbond.range_2_label_comp_id 
_pdbx_struct_sheet_hbond.range_2_label_asym_id 
_pdbx_struct_sheet_hbond.range_2_label_seq_id 
_pdbx_struct_sheet_hbond.range_2_PDB_ins_code 
_pdbx_struct_sheet_hbond.range_2_auth_atom_id 
_pdbx_struct_sheet_hbond.range_2_auth_comp_id 
_pdbx_struct_sheet_hbond.range_2_auth_asym_id 
_pdbx_struct_sheet_hbond.range_2_auth_seq_id 
AA1 1 2 N GLU A 67  ? N GLU A 77  O TYR A 100 ? O TYR A 110 
AA1 2 3 N ASP A 101 ? N ASP A 111 O ARG A 106 ? O ARG A 116 
AA1 3 4 N GLU A 109 ? N GLU A 119 O HIS A 134 ? O HIS A 144 
AA1 4 5 N ILE A 137 ? N ILE A 147 O MET A 145 ? O MET A 155 
# 
loop_
_struct_site.id 
_struct_site.pdbx_evidence_code 
_struct_site.pdbx_auth_asym_id 
_struct_site.pdbx_auth_comp_id 
_struct_site.pdbx_auth_seq_id 
_struct_site.pdbx_auth_ins_code 
_struct_site.pdbx_num_residues 
_struct_site.details 
AC1 Software A MN  201 ? 5  'binding site for residue MN A 201'  
AC2 Software A MN  202 ? 6  'binding site for residue MN A 202'  
AC3 Software A CL  204 ? 2  'binding site for residue CL A 204'  
AC4 Software A OOH 205 ? 11 'binding site for residue OOH A 205' 
# 
loop_
_struct_site_gen.id 
_struct_site_gen.site_id 
_struct_site_gen.pdbx_num_res 
_struct_site_gen.label_comp_id 
_struct_site_gen.label_asym_id 
_struct_site_gen.label_seq_id 
_struct_site_gen.pdbx_auth_ins_code 
_struct_site_gen.auth_comp_id 
_struct_site_gen.auth_asym_id 
_struct_site_gen.auth_seq_id 
_struct_site_gen.label_atom_id 
_struct_site_gen.label_alt_id 
_struct_site_gen.symmetry 
_struct_site_gen.details 
1  AC1 5  HIS A 50  ? HIS A 41  . ? 1_555 ? 
2  AC1 5  ASP A 98  ? ASP A 108 . ? 1_555 ? 
3  AC1 5  GLU A 109 ? GLU A 119 . ? 1_555 ? 
4  AC1 5  ILE A 110 ? ILE A 120 . ? 1_555 ? 
5  AC1 5  OOH F .   ? OOH A 205 . ? 1_555 ? 
6  AC2 6  HIS A 50  ? HIS A 41  . ? 1_555 ? 
7  AC2 6  GLU A 70  ? GLU A 80  . ? 1_555 ? 
8  AC2 6  ASP A 98  ? ASP A 108 . ? 1_555 ? 
9  AC2 6  OOH F .   ? OOH A 205 . ? 1_555 ? 
10 AC2 6  HOH G .   ? HOH A 301 . ? 1_555 ? 
11 AC2 6  HOH G .   ? HOH A 302 . ? 1_555 ? 
12 AC3 2  GLN A 16  ? GLN A 7   . ? 1_555 ? 
13 AC3 2  PHE A 18  ? PHE A 9   . ? 1_555 ? 
14 AC4 11 HIS A 50  ? HIS A 41  . ? 1_555 ? 
15 AC4 11 GLU A 70  ? GLU A 80  . ? 1_555 ? 
16 AC4 11 ASP A 98  ? ASP A 108 . ? 1_555 ? 
17 AC4 11 GLU A 109 ? GLU A 119 . ? 1_555 ? 
18 AC4 11 ILE A 110 ? ILE A 120 . ? 1_555 ? 
19 AC4 11 GLY A 111 ? GLY A 121 . ? 1_555 ? 
20 AC4 11 TYR A 120 ? TYR A 130 . ? 1_555 ? 
21 AC4 11 LYS A 124 ? LYS A 134 . ? 1_555 ? 
22 AC4 11 MN  B .   ? MN  A 201 . ? 1_555 ? 
23 AC4 11 MN  C .   ? MN  A 202 . ? 1_555 ? 
24 AC4 11 HOH G .   ? HOH A 301 . ? 1_555 ? 
# 
_pdbx_validate_close_contact.id               1 
_pdbx_validate_close_contact.PDB_model_num    1 
_pdbx_validate_close_contact.auth_atom_id_1   OE2 
_pdbx_validate_close_contact.auth_asym_id_1   A 
_pdbx_validate_close_contact.auth_comp_id_1   GLU 
_pdbx_validate_close_contact.auth_seq_id_1    80 
_pdbx_validate_close_contact.PDB_ins_code_1   ? 
_pdbx_validate_close_contact.label_alt_id_1   ? 
_pdbx_validate_close_contact.auth_atom_id_2   MN 
_pdbx_validate_close_contact.auth_asym_id_2   A 
_pdbx_validate_close_contact.auth_comp_id_2   MN 
_pdbx_validate_close_contact.auth_seq_id_2    202 
_pdbx_validate_close_contact.PDB_ins_code_2   ? 
_pdbx_validate_close_contact.label_alt_id_2   ? 
_pdbx_validate_close_contact.dist             1.69 
# 
loop_
_pdbx_validate_torsion.id 
_pdbx_validate_torsion.PDB_model_num 
_pdbx_validate_torsion.auth_comp_id 
_pdbx_validate_torsion.auth_asym_id 
_pdbx_validate_torsion.auth_seq_id 
_pdbx_validate_torsion.PDB_ins_code 
_pdbx_validate_torsion.label_alt_id 
_pdbx_validate_torsion.phi 
_pdbx_validate_torsion.psi 
1 1 ARG A 125 ? ? -92.89 -157.87 
2 1 LYS A 139 ? ? 62.65  -77.57  
3 1 SER A 140 ? ? -24.12 97.69   
4 1 THR A 162 ? ? 65.50  -69.20  
# 
loop_
_pdbx_struct_special_symmetry.id 
_pdbx_struct_special_symmetry.PDB_model_num 
_pdbx_struct_special_symmetry.auth_asym_id 
_pdbx_struct_special_symmetry.auth_comp_id 
_pdbx_struct_special_symmetry.auth_seq_id 
_pdbx_struct_special_symmetry.PDB_ins_code 
_pdbx_struct_special_symmetry.label_asym_id 
_pdbx_struct_special_symmetry.label_comp_id 
_pdbx_struct_special_symmetry.label_seq_id 
1 1 A HOH 303 ? G HOH . 
2 1 A HOH 315 ? G HOH . 
# 
_pdbx_entry_details.entry_id                 6YEM 
_pdbx_entry_details.has_ligand_of_interest   Y 
_pdbx_entry_details.compound_details         ? 
_pdbx_entry_details.source_details           ? 
_pdbx_entry_details.nonpolymer_details       ? 
_pdbx_entry_details.sequence_details         ? 
# 
loop_
_pdbx_unobs_or_zero_occ_residues.id 
_pdbx_unobs_or_zero_occ_residues.PDB_model_num 
_pdbx_unobs_or_zero_occ_residues.polymer_flag 
_pdbx_unobs_or_zero_occ_residues.occupancy_flag 
_pdbx_unobs_or_zero_occ_residues.auth_asym_id 
_pdbx_unobs_or_zero_occ_residues.auth_comp_id 
_pdbx_unobs_or_zero_occ_residues.auth_seq_id 
_pdbx_unobs_or_zero_occ_residues.PDB_ins_code 
_pdbx_unobs_or_zero_occ_residues.label_asym_id 
_pdbx_unobs_or_zero_occ_residues.label_comp_id 
_pdbx_unobs_or_zero_occ_residues.label_seq_id 
1 1 Y 1 A SER -8 ? A SER 1 
2 1 Y 1 A GLY -7 ? A GLY 2 
3 1 Y 1 A SER -6 ? A SER 3 
4 1 Y 1 A GLY -5 ? A GLY 4 
5 1 Y 1 A SER -4 ? A SER 5 
6 1 Y 1 A GLY -3 ? A GLY 6 
7 1 Y 1 A SER -2 ? A SER 7 
# 
loop_
_chem_comp_atom.comp_id 
_chem_comp_atom.atom_id 
_chem_comp_atom.type_symbol 
_chem_comp_atom.pdbx_aromatic_flag 
_chem_comp_atom.pdbx_stereo_config 
_chem_comp_atom.pdbx_ordinal 
ALA N    N  N N 1   
ALA CA   C  N S 2   
ALA C    C  N N 3   
ALA O    O  N N 4   
ALA CB   C  N N 5   
ALA OXT  O  N N 6   
ALA H    H  N N 7   
ALA H2   H  N N 8   
ALA HA   H  N N 9   
ALA HB1  H  N N 10  
ALA HB2  H  N N 11  
ALA HB3  H  N N 12  
ALA HXT  H  N N 13  
ARG N    N  N N 14  
ARG CA   C  N S 15  
ARG C    C  N N 16  
ARG O    O  N N 17  
ARG CB   C  N N 18  
ARG CG   C  N N 19  
ARG CD   C  N N 20  
ARG NE   N  N N 21  
ARG CZ   C  N N 22  
ARG NH1  N  N N 23  
ARG NH2  N  N N 24  
ARG OXT  O  N N 25  
ARG H    H  N N 26  
ARG H2   H  N N 27  
ARG HA   H  N N 28  
ARG HB2  H  N N 29  
ARG HB3  H  N N 30  
ARG HG2  H  N N 31  
ARG HG3  H  N N 32  
ARG HD2  H  N N 33  
ARG HD3  H  N N 34  
ARG HE   H  N N 35  
ARG HH11 H  N N 36  
ARG HH12 H  N N 37  
ARG HH21 H  N N 38  
ARG HH22 H  N N 39  
ARG HXT  H  N N 40  
ASN N    N  N N 41  
ASN CA   C  N S 42  
ASN C    C  N N 43  
ASN O    O  N N 44  
ASN CB   C  N N 45  
ASN CG   C  N N 46  
ASN OD1  O  N N 47  
ASN ND2  N  N N 48  
ASN OXT  O  N N 49  
ASN H    H  N N 50  
ASN H2   H  N N 51  
ASN HA   H  N N 52  
ASN HB2  H  N N 53  
ASN HB3  H  N N 54  
ASN HD21 H  N N 55  
ASN HD22 H  N N 56  
ASN HXT  H  N N 57  
ASP N    N  N N 58  
ASP CA   C  N S 59  
ASP C    C  N N 60  
ASP O    O  N N 61  
ASP CB   C  N N 62  
ASP CG   C  N N 63  
ASP OD1  O  N N 64  
ASP OD2  O  N N 65  
ASP OXT  O  N N 66  
ASP H    H  N N 67  
ASP H2   H  N N 68  
ASP HA   H  N N 69  
ASP HB2  H  N N 70  
ASP HB3  H  N N 71  
ASP HD2  H  N N 72  
ASP HXT  H  N N 73  
CL  CL   CL N N 74  
CYS N    N  N N 75  
CYS CA   C  N R 76  
CYS C    C  N N 77  
CYS O    O  N N 78  
CYS CB   C  N N 79  
CYS SG   S  N N 80  
CYS OXT  O  N N 81  
CYS H    H  N N 82  
CYS H2   H  N N 83  
CYS HA   H  N N 84  
CYS HB2  H  N N 85  
CYS HB3  H  N N 86  
CYS HG   H  N N 87  
CYS HXT  H  N N 88  
GLN N    N  N N 89  
GLN CA   C  N S 90  
GLN C    C  N N 91  
GLN O    O  N N 92  
GLN CB   C  N N 93  
GLN CG   C  N N 94  
GLN CD   C  N N 95  
GLN OE1  O  N N 96  
GLN NE2  N  N N 97  
GLN OXT  O  N N 98  
GLN H    H  N N 99  
GLN H2   H  N N 100 
GLN HA   H  N N 101 
GLN HB2  H  N N 102 
GLN HB3  H  N N 103 
GLN HG2  H  N N 104 
GLN HG3  H  N N 105 
GLN HE21 H  N N 106 
GLN HE22 H  N N 107 
GLN HXT  H  N N 108 
GLU N    N  N N 109 
GLU CA   C  N S 110 
GLU C    C  N N 111 
GLU O    O  N N 112 
GLU CB   C  N N 113 
GLU CG   C  N N 114 
GLU CD   C  N N 115 
GLU OE1  O  N N 116 
GLU OE2  O  N N 117 
GLU OXT  O  N N 118 
GLU H    H  N N 119 
GLU H2   H  N N 120 
GLU HA   H  N N 121 
GLU HB2  H  N N 122 
GLU HB3  H  N N 123 
GLU HG2  H  N N 124 
GLU HG3  H  N N 125 
GLU HE2  H  N N 126 
GLU HXT  H  N N 127 
GLY N    N  N N 128 
GLY CA   C  N N 129 
GLY C    C  N N 130 
GLY O    O  N N 131 
GLY OXT  O  N N 132 
GLY H    H  N N 133 
GLY H2   H  N N 134 
GLY HA2  H  N N 135 
GLY HA3  H  N N 136 
GLY HXT  H  N N 137 
HIS N    N  N N 138 
HIS CA   C  N S 139 
HIS C    C  N N 140 
HIS O    O  N N 141 
HIS CB   C  N N 142 
HIS CG   C  Y N 143 
HIS ND1  N  Y N 144 
HIS CD2  C  Y N 145 
HIS CE1  C  Y N 146 
HIS NE2  N  Y N 147 
HIS OXT  O  N N 148 
HIS H    H  N N 149 
HIS H2   H  N N 150 
HIS HA   H  N N 151 
HIS HB2  H  N N 152 
HIS HB3  H  N N 153 
HIS HD1  H  N N 154 
HIS HD2  H  N N 155 
HIS HE1  H  N N 156 
HIS HE2  H  N N 157 
HIS HXT  H  N N 158 
HOH O    O  N N 159 
HOH H1   H  N N 160 
HOH H2   H  N N 161 
ILE N    N  N N 162 
ILE CA   C  N S 163 
ILE C    C  N N 164 
ILE O    O  N N 165 
ILE CB   C  N S 166 
ILE CG1  C  N N 167 
ILE CG2  C  N N 168 
ILE CD1  C  N N 169 
ILE OXT  O  N N 170 
ILE H    H  N N 171 
ILE H2   H  N N 172 
ILE HA   H  N N 173 
ILE HB   H  N N 174 
ILE HG12 H  N N 175 
ILE HG13 H  N N 176 
ILE HG21 H  N N 177 
ILE HG22 H  N N 178 
ILE HG23 H  N N 179 
ILE HD11 H  N N 180 
ILE HD12 H  N N 181 
ILE HD13 H  N N 182 
ILE HXT  H  N N 183 
LEU N    N  N N 184 
LEU CA   C  N S 185 
LEU C    C  N N 186 
LEU O    O  N N 187 
LEU CB   C  N N 188 
LEU CG   C  N N 189 
LEU CD1  C  N N 190 
LEU CD2  C  N N 191 
LEU OXT  O  N N 192 
LEU H    H  N N 193 
LEU H2   H  N N 194 
LEU HA   H  N N 195 
LEU HB2  H  N N 196 
LEU HB3  H  N N 197 
LEU HG   H  N N 198 
LEU HD11 H  N N 199 
LEU HD12 H  N N 200 
LEU HD13 H  N N 201 
LEU HD21 H  N N 202 
LEU HD22 H  N N 203 
LEU HD23 H  N N 204 
LEU HXT  H  N N 205 
LYS N    N  N N 206 
LYS CA   C  N S 207 
LYS C    C  N N 208 
LYS O    O  N N 209 
LYS CB   C  N N 210 
LYS CG   C  N N 211 
LYS CD   C  N N 212 
LYS CE   C  N N 213 
LYS NZ   N  N N 214 
LYS OXT  O  N N 215 
LYS H    H  N N 216 
LYS H2   H  N N 217 
LYS HA   H  N N 218 
LYS HB2  H  N N 219 
LYS HB3  H  N N 220 
LYS HG2  H  N N 221 
LYS HG3  H  N N 222 
LYS HD2  H  N N 223 
LYS HD3  H  N N 224 
LYS HE2  H  N N 225 
LYS HE3  H  N N 226 
LYS HZ1  H  N N 227 
LYS HZ2  H  N N 228 
LYS HZ3  H  N N 229 
LYS HXT  H  N N 230 
MET N    N  N N 231 
MET CA   C  N S 232 
MET C    C  N N 233 
MET O    O  N N 234 
MET CB   C  N N 235 
MET CG   C  N N 236 
MET SD   S  N N 237 
MET CE   C  N N 238 
MET OXT  O  N N 239 
MET H    H  N N 240 
MET H2   H  N N 241 
MET HA   H  N N 242 
MET HB2  H  N N 243 
MET HB3  H  N N 244 
MET HG2  H  N N 245 
MET HG3  H  N N 246 
MET HE1  H  N N 247 
MET HE2  H  N N 248 
MET HE3  H  N N 249 
MET HXT  H  N N 250 
MG  MG   MG N N 251 
MN  MN   MN N N 252 
OOH O6   O  N N 253 
OOH C    C  Y N 254 
OOH O    O  N N 255 
OOH C1   C  Y N 256 
OOH C2   C  Y N 257 
OOH C3   C  Y N 258 
OOH O1   O  N N 259 
OOH C4   C  Y N 260 
OOH O5   O  N N 261 
OOH C14  C  N N 262 
OOH C13  C  N N 263 
OOH C6   C  N N 264 
OOH C5   C  Y N 265 
OOH C8   C  N N 266 
OOH C7   C  N N 267 
OOH C9   C  N N 268 
OOH O2   O  N N 269 
OOH C10  C  N N 270 
OOH C11  C  N N 271 
OOH C12  C  N N 272 
OOH O3   O  N N 273 
OOH O4   O  N N 274 
OOH H1   H  N N 275 
OOH H2   H  N N 276 
OOH H3   H  N N 277 
OOH H4   H  N N 278 
OOH H5   H  N N 279 
OOH H6   H  N N 280 
OOH H7   H  N N 281 
OOH H8   H  N N 282 
OOH H9   H  N N 283 
OOH H10  H  N N 284 
OOH H11  H  N N 285 
OOH H12  H  N N 286 
OOH H13  H  N N 287 
OOH H14  H  N N 288 
PHE N    N  N N 289 
PHE CA   C  N S 290 
PHE C    C  N N 291 
PHE O    O  N N 292 
PHE CB   C  N N 293 
PHE CG   C  Y N 294 
PHE CD1  C  Y N 295 
PHE CD2  C  Y N 296 
PHE CE1  C  Y N 297 
PHE CE2  C  Y N 298 
PHE CZ   C  Y N 299 
PHE OXT  O  N N 300 
PHE H    H  N N 301 
PHE H2   H  N N 302 
PHE HA   H  N N 303 
PHE HB2  H  N N 304 
PHE HB3  H  N N 305 
PHE HD1  H  N N 306 
PHE HD2  H  N N 307 
PHE HE1  H  N N 308 
PHE HE2  H  N N 309 
PHE HZ   H  N N 310 
PHE HXT  H  N N 311 
PRO N    N  N N 312 
PRO CA   C  N S 313 
PRO C    C  N N 314 
PRO O    O  N N 315 
PRO CB   C  N N 316 
PRO CG   C  N N 317 
PRO CD   C  N N 318 
PRO OXT  O  N N 319 
PRO H    H  N N 320 
PRO HA   H  N N 321 
PRO HB2  H  N N 322 
PRO HB3  H  N N 323 
PRO HG2  H  N N 324 
PRO HG3  H  N N 325 
PRO HD2  H  N N 326 
PRO HD3  H  N N 327 
PRO HXT  H  N N 328 
SER N    N  N N 329 
SER CA   C  N S 330 
SER C    C  N N 331 
SER O    O  N N 332 
SER CB   C  N N 333 
SER OG   O  N N 334 
SER OXT  O  N N 335 
SER H    H  N N 336 
SER H2   H  N N 337 
SER HA   H  N N 338 
SER HB2  H  N N 339 
SER HB3  H  N N 340 
SER HG   H  N N 341 
SER HXT  H  N N 342 
THR N    N  N N 343 
THR CA   C  N S 344 
THR C    C  N N 345 
THR O    O  N N 346 
THR CB   C  N R 347 
THR OG1  O  N N 348 
THR CG2  C  N N 349 
THR OXT  O  N N 350 
THR H    H  N N 351 
THR H2   H  N N 352 
THR HA   H  N N 353 
THR HB   H  N N 354 
THR HG1  H  N N 355 
THR HG21 H  N N 356 
THR HG22 H  N N 357 
THR HG23 H  N N 358 
THR HXT  H  N N 359 
TRP N    N  N N 360 
TRP CA   C  N S 361 
TRP C    C  N N 362 
TRP O    O  N N 363 
TRP CB   C  N N 364 
TRP CG   C  Y N 365 
TRP CD1  C  Y N 366 
TRP CD2  C  Y N 367 
TRP NE1  N  Y N 368 
TRP CE2  C  Y N 369 
TRP CE3  C  Y N 370 
TRP CZ2  C  Y N 371 
TRP CZ3  C  Y N 372 
TRP CH2  C  Y N 373 
TRP OXT  O  N N 374 
TRP H    H  N N 375 
TRP H2   H  N N 376 
TRP HA   H  N N 377 
TRP HB2  H  N N 378 
TRP HB3  H  N N 379 
TRP HD1  H  N N 380 
TRP HE1  H  N N 381 
TRP HE3  H  N N 382 
TRP HZ2  H  N N 383 
TRP HZ3  H  N N 384 
TRP HH2  H  N N 385 
TRP HXT  H  N N 386 
TYR N    N  N N 387 
TYR CA   C  N S 388 
TYR C    C  N N 389 
TYR O    O  N N 390 
TYR CB   C  N N 391 
TYR CG   C  Y N 392 
TYR CD1  C  Y N 393 
TYR CD2  C  Y N 394 
TYR CE1  C  Y N 395 
TYR CE2  C  Y N 396 
TYR CZ   C  Y N 397 
TYR OH   O  N N 398 
TYR OXT  O  N N 399 
TYR H    H  N N 400 
TYR H2   H  N N 401 
TYR HA   H  N N 402 
TYR HB2  H  N N 403 
TYR HB3  H  N N 404 
TYR HD1  H  N N 405 
TYR HD2  H  N N 406 
TYR HE1  H  N N 407 
TYR HE2  H  N N 408 
TYR HH   H  N N 409 
TYR HXT  H  N N 410 
VAL N    N  N N 411 
VAL CA   C  N S 412 
VAL C    C  N N 413 
VAL O    O  N N 414 
VAL CB   C  N N 415 
VAL CG1  C  N N 416 
VAL CG2  C  N N 417 
VAL OXT  O  N N 418 
VAL H    H  N N 419 
VAL H2   H  N N 420 
VAL HA   H  N N 421 
VAL HB   H  N N 422 
VAL HG11 H  N N 423 
VAL HG12 H  N N 424 
VAL HG13 H  N N 425 
VAL HG21 H  N N 426 
VAL HG22 H  N N 427 
VAL HG23 H  N N 428 
VAL HXT  H  N N 429 
# 
loop_
_chem_comp_bond.comp_id 
_chem_comp_bond.atom_id_1 
_chem_comp_bond.atom_id_2 
_chem_comp_bond.value_order 
_chem_comp_bond.pdbx_aromatic_flag 
_chem_comp_bond.pdbx_stereo_config 
_chem_comp_bond.pdbx_ordinal 
ALA N   CA   sing N N 1   
ALA N   H    sing N N 2   
ALA N   H2   sing N N 3   
ALA CA  C    sing N N 4   
ALA CA  CB   sing N N 5   
ALA CA  HA   sing N N 6   
ALA C   O    doub N N 7   
ALA C   OXT  sing N N 8   
ALA CB  HB1  sing N N 9   
ALA CB  HB2  sing N N 10  
ALA CB  HB3  sing N N 11  
ALA OXT HXT  sing N N 12  
ARG N   CA   sing N N 13  
ARG N   H    sing N N 14  
ARG N   H2   sing N N 15  
ARG CA  C    sing N N 16  
ARG CA  CB   sing N N 17  
ARG CA  HA   sing N N 18  
ARG C   O    doub N N 19  
ARG C   OXT  sing N N 20  
ARG CB  CG   sing N N 21  
ARG CB  HB2  sing N N 22  
ARG CB  HB3  sing N N 23  
ARG CG  CD   sing N N 24  
ARG CG  HG2  sing N N 25  
ARG CG  HG3  sing N N 26  
ARG CD  NE   sing N N 27  
ARG CD  HD2  sing N N 28  
ARG CD  HD3  sing N N 29  
ARG NE  CZ   sing N N 30  
ARG NE  HE   sing N N 31  
ARG CZ  NH1  sing N N 32  
ARG CZ  NH2  doub N N 33  
ARG NH1 HH11 sing N N 34  
ARG NH1 HH12 sing N N 35  
ARG NH2 HH21 sing N N 36  
ARG NH2 HH22 sing N N 37  
ARG OXT HXT  sing N N 38  
ASN N   CA   sing N N 39  
ASN N   H    sing N N 40  
ASN N   H2   sing N N 41  
ASN CA  C    sing N N 42  
ASN CA  CB   sing N N 43  
ASN CA  HA   sing N N 44  
ASN C   O    doub N N 45  
ASN C   OXT  sing N N 46  
ASN CB  CG   sing N N 47  
ASN CB  HB2  sing N N 48  
ASN CB  HB3  sing N N 49  
ASN CG  OD1  doub N N 50  
ASN CG  ND2  sing N N 51  
ASN ND2 HD21 sing N N 52  
ASN ND2 HD22 sing N N 53  
ASN OXT HXT  sing N N 54  
ASP N   CA   sing N N 55  
ASP N   H    sing N N 56  
ASP N   H2   sing N N 57  
ASP CA  C    sing N N 58  
ASP CA  CB   sing N N 59  
ASP CA  HA   sing N N 60  
ASP C   O    doub N N 61  
ASP C   OXT  sing N N 62  
ASP CB  CG   sing N N 63  
ASP CB  HB2  sing N N 64  
ASP CB  HB3  sing N N 65  
ASP CG  OD1  doub N N 66  
ASP CG  OD2  sing N N 67  
ASP OD2 HD2  sing N N 68  
ASP OXT HXT  sing N N 69  
CYS N   CA   sing N N 70  
CYS N   H    sing N N 71  
CYS N   H2   sing N N 72  
CYS CA  C    sing N N 73  
CYS CA  CB   sing N N 74  
CYS CA  HA   sing N N 75  
CYS C   O    doub N N 76  
CYS C   OXT  sing N N 77  
CYS CB  SG   sing N N 78  
CYS CB  HB2  sing N N 79  
CYS CB  HB3  sing N N 80  
CYS SG  HG   sing N N 81  
CYS OXT HXT  sing N N 82  
GLN N   CA   sing N N 83  
GLN N   H    sing N N 84  
GLN N   H2   sing N N 85  
GLN CA  C    sing N N 86  
GLN CA  CB   sing N N 87  
GLN CA  HA   sing N N 88  
GLN C   O    doub N N 89  
GLN C   OXT  sing N N 90  
GLN CB  CG   sing N N 91  
GLN CB  HB2  sing N N 92  
GLN CB  HB3  sing N N 93  
GLN CG  CD   sing N N 94  
GLN CG  HG2  sing N N 95  
GLN CG  HG3  sing N N 96  
GLN CD  OE1  doub N N 97  
GLN CD  NE2  sing N N 98  
GLN NE2 HE21 sing N N 99  
GLN NE2 HE22 sing N N 100 
GLN OXT HXT  sing N N 101 
GLU N   CA   sing N N 102 
GLU N   H    sing N N 103 
GLU N   H2   sing N N 104 
GLU CA  C    sing N N 105 
GLU CA  CB   sing N N 106 
GLU CA  HA   sing N N 107 
GLU C   O    doub N N 108 
GLU C   OXT  sing N N 109 
GLU CB  CG   sing N N 110 
GLU CB  HB2  sing N N 111 
GLU CB  HB3  sing N N 112 
GLU CG  CD   sing N N 113 
GLU CG  HG2  sing N N 114 
GLU CG  HG3  sing N N 115 
GLU CD  OE1  doub N N 116 
GLU CD  OE2  sing N N 117 
GLU OE2 HE2  sing N N 118 
GLU OXT HXT  sing N N 119 
GLY N   CA   sing N N 120 
GLY N   H    sing N N 121 
GLY N   H2   sing N N 122 
GLY CA  C    sing N N 123 
GLY CA  HA2  sing N N 124 
GLY CA  HA3  sing N N 125 
GLY C   O    doub N N 126 
GLY C   OXT  sing N N 127 
GLY OXT HXT  sing N N 128 
HIS N   CA   sing N N 129 
HIS N   H    sing N N 130 
HIS N   H2   sing N N 131 
HIS CA  C    sing N N 132 
HIS CA  CB   sing N N 133 
HIS CA  HA   sing N N 134 
HIS C   O    doub N N 135 
HIS C   OXT  sing N N 136 
HIS CB  CG   sing N N 137 
HIS CB  HB2  sing N N 138 
HIS CB  HB3  sing N N 139 
HIS CG  ND1  sing Y N 140 
HIS CG  CD2  doub Y N 141 
HIS ND1 CE1  doub Y N 142 
HIS ND1 HD1  sing N N 143 
HIS CD2 NE2  sing Y N 144 
HIS CD2 HD2  sing N N 145 
HIS CE1 NE2  sing Y N 146 
HIS CE1 HE1  sing N N 147 
HIS NE2 HE2  sing N N 148 
HIS OXT HXT  sing N N 149 
HOH O   H1   sing N N 150 
HOH O   H2   sing N N 151 
ILE N   CA   sing N N 152 
ILE N   H    sing N N 153 
ILE N   H2   sing N N 154 
ILE CA  C    sing N N 155 
ILE CA  CB   sing N N 156 
ILE CA  HA   sing N N 157 
ILE C   O    doub N N 158 
ILE C   OXT  sing N N 159 
ILE CB  CG1  sing N N 160 
ILE CB  CG2  sing N N 161 
ILE CB  HB   sing N N 162 
ILE CG1 CD1  sing N N 163 
ILE CG1 HG12 sing N N 164 
ILE CG1 HG13 sing N N 165 
ILE CG2 HG21 sing N N 166 
ILE CG2 HG22 sing N N 167 
ILE CG2 HG23 sing N N 168 
ILE CD1 HD11 sing N N 169 
ILE CD1 HD12 sing N N 170 
ILE CD1 HD13 sing N N 171 
ILE OXT HXT  sing N N 172 
LEU N   CA   sing N N 173 
LEU N   H    sing N N 174 
LEU N   H2   sing N N 175 
LEU CA  C    sing N N 176 
LEU CA  CB   sing N N 177 
LEU CA  HA   sing N N 178 
LEU C   O    doub N N 179 
LEU C   OXT  sing N N 180 
LEU CB  CG   sing N N 181 
LEU CB  HB2  sing N N 182 
LEU CB  HB3  sing N N 183 
LEU CG  CD1  sing N N 184 
LEU CG  CD2  sing N N 185 
LEU CG  HG   sing N N 186 
LEU CD1 HD11 sing N N 187 
LEU CD1 HD12 sing N N 188 
LEU CD1 HD13 sing N N 189 
LEU CD2 HD21 sing N N 190 
LEU CD2 HD22 sing N N 191 
LEU CD2 HD23 sing N N 192 
LEU OXT HXT  sing N N 193 
LYS N   CA   sing N N 194 
LYS N   H    sing N N 195 
LYS N   H2   sing N N 196 
LYS CA  C    sing N N 197 
LYS CA  CB   sing N N 198 
LYS CA  HA   sing N N 199 
LYS C   O    doub N N 200 
LYS C   OXT  sing N N 201 
LYS CB  CG   sing N N 202 
LYS CB  HB2  sing N N 203 
LYS CB  HB3  sing N N 204 
LYS CG  CD   sing N N 205 
LYS CG  HG2  sing N N 206 
LYS CG  HG3  sing N N 207 
LYS CD  CE   sing N N 208 
LYS CD  HD2  sing N N 209 
LYS CD  HD3  sing N N 210 
LYS CE  NZ   sing N N 211 
LYS CE  HE2  sing N N 212 
LYS CE  HE3  sing N N 213 
LYS NZ  HZ1  sing N N 214 
LYS NZ  HZ2  sing N N 215 
LYS NZ  HZ3  sing N N 216 
LYS OXT HXT  sing N N 217 
MET N   CA   sing N N 218 
MET N   H    sing N N 219 
MET N   H2   sing N N 220 
MET CA  C    sing N N 221 
MET CA  CB   sing N N 222 
MET CA  HA   sing N N 223 
MET C   O    doub N N 224 
MET C   OXT  sing N N 225 
MET CB  CG   sing N N 226 
MET CB  HB2  sing N N 227 
MET CB  HB3  sing N N 228 
MET CG  SD   sing N N 229 
MET CG  HG2  sing N N 230 
MET CG  HG3  sing N N 231 
MET SD  CE   sing N N 232 
MET CE  HE1  sing N N 233 
MET CE  HE2  sing N N 234 
MET CE  HE3  sing N N 235 
MET OXT HXT  sing N N 236 
OOH O4  C7   sing N N 237 
OOH O1  C6   doub N N 238 
OOH C11 C12  sing N N 239 
OOH C11 C10  sing N N 240 
OOH C13 C12  sing N N 241 
OOH C13 C14  sing N N 242 
OOH C7  C6   sing N N 243 
OOH C7  C8   doub N N 244 
OOH C6  C4   sing N N 245 
OOH O   C5   sing N N 246 
OOH C10 C8   sing N N 247 
OOH C10 O3   doub N N 248 
OOH C8  C9   sing N N 249 
OOH C4  C5   doub Y N 250 
OOH C4  C3   sing Y N 251 
OOH C5  C    sing Y N 252 
OOH C9  C3   sing N N 253 
OOH C9  O2   doub N N 254 
OOH C3  C2   doub Y N 255 
OOH C   O6   sing N N 256 
OOH C   C1   doub Y N 257 
OOH C2  C1   sing Y N 258 
OOH C2  O5   sing N N 259 
OOH O6  H1   sing N N 260 
OOH O   H2   sing N N 261 
OOH C1  H3   sing N N 262 
OOH O5  H4   sing N N 263 
OOH C14 H5   sing N N 264 
OOH C14 H6   sing N N 265 
OOH C14 H7   sing N N 266 
OOH C13 H8   sing N N 267 
OOH C13 H9   sing N N 268 
OOH C11 H10  sing N N 269 
OOH C11 H11  sing N N 270 
OOH C12 H12  sing N N 271 
OOH C12 H13  sing N N 272 
OOH O4  H14  sing N N 273 
PHE N   CA   sing N N 274 
PHE N   H    sing N N 275 
PHE N   H2   sing N N 276 
PHE CA  C    sing N N 277 
PHE CA  CB   sing N N 278 
PHE CA  HA   sing N N 279 
PHE C   O    doub N N 280 
PHE C   OXT  sing N N 281 
PHE CB  CG   sing N N 282 
PHE CB  HB2  sing N N 283 
PHE CB  HB3  sing N N 284 
PHE CG  CD1  doub Y N 285 
PHE CG  CD2  sing Y N 286 
PHE CD1 CE1  sing Y N 287 
PHE CD1 HD1  sing N N 288 
PHE CD2 CE2  doub Y N 289 
PHE CD2 HD2  sing N N 290 
PHE CE1 CZ   doub Y N 291 
PHE CE1 HE1  sing N N 292 
PHE CE2 CZ   sing Y N 293 
PHE CE2 HE2  sing N N 294 
PHE CZ  HZ   sing N N 295 
PHE OXT HXT  sing N N 296 
PRO N   CA   sing N N 297 
PRO N   CD   sing N N 298 
PRO N   H    sing N N 299 
PRO CA  C    sing N N 300 
PRO CA  CB   sing N N 301 
PRO CA  HA   sing N N 302 
PRO C   O    doub N N 303 
PRO C   OXT  sing N N 304 
PRO CB  CG   sing N N 305 
PRO CB  HB2  sing N N 306 
PRO CB  HB3  sing N N 307 
PRO CG  CD   sing N N 308 
PRO CG  HG2  sing N N 309 
PRO CG  HG3  sing N N 310 
PRO CD  HD2  sing N N 311 
PRO CD  HD3  sing N N 312 
PRO OXT HXT  sing N N 313 
SER N   CA   sing N N 314 
SER N   H    sing N N 315 
SER N   H2   sing N N 316 
SER CA  C    sing N N 317 
SER CA  CB   sing N N 318 
SER CA  HA   sing N N 319 
SER C   O    doub N N 320 
SER C   OXT  sing N N 321 
SER CB  OG   sing N N 322 
SER CB  HB2  sing N N 323 
SER CB  HB3  sing N N 324 
SER OG  HG   sing N N 325 
SER OXT HXT  sing N N 326 
THR N   CA   sing N N 327 
THR N   H    sing N N 328 
THR N   H2   sing N N 329 
THR CA  C    sing N N 330 
THR CA  CB   sing N N 331 
THR CA  HA   sing N N 332 
THR C   O    doub N N 333 
THR C   OXT  sing N N 334 
THR CB  OG1  sing N N 335 
THR CB  CG2  sing N N 336 
THR CB  HB   sing N N 337 
THR OG1 HG1  sing N N 338 
THR CG2 HG21 sing N N 339 
THR CG2 HG22 sing N N 340 
THR CG2 HG23 sing N N 341 
THR OXT HXT  sing N N 342 
TRP N   CA   sing N N 343 
TRP N   H    sing N N 344 
TRP N   H2   sing N N 345 
TRP CA  C    sing N N 346 
TRP CA  CB   sing N N 347 
TRP CA  HA   sing N N 348 
TRP C   O    doub N N 349 
TRP C   OXT  sing N N 350 
TRP CB  CG   sing N N 351 
TRP CB  HB2  sing N N 352 
TRP CB  HB3  sing N N 353 
TRP CG  CD1  doub Y N 354 
TRP CG  CD2  sing Y N 355 
TRP CD1 NE1  sing Y N 356 
TRP CD1 HD1  sing N N 357 
TRP CD2 CE2  doub Y N 358 
TRP CD2 CE3  sing Y N 359 
TRP NE1 CE2  sing Y N 360 
TRP NE1 HE1  sing N N 361 
TRP CE2 CZ2  sing Y N 362 
TRP CE3 CZ3  doub Y N 363 
TRP CE3 HE3  sing N N 364 
TRP CZ2 CH2  doub Y N 365 
TRP CZ2 HZ2  sing N N 366 
TRP CZ3 CH2  sing Y N 367 
TRP CZ3 HZ3  sing N N 368 
TRP CH2 HH2  sing N N 369 
TRP OXT HXT  sing N N 370 
TYR N   CA   sing N N 371 
TYR N   H    sing N N 372 
TYR N   H2   sing N N 373 
TYR CA  C    sing N N 374 
TYR CA  CB   sing N N 375 
TYR CA  HA   sing N N 376 
TYR C   O    doub N N 377 
TYR C   OXT  sing N N 378 
TYR CB  CG   sing N N 379 
TYR CB  HB2  sing N N 380 
TYR CB  HB3  sing N N 381 
TYR CG  CD1  doub Y N 382 
TYR CG  CD2  sing Y N 383 
TYR CD1 CE1  sing Y N 384 
TYR CD1 HD1  sing N N 385 
TYR CD2 CE2  doub Y N 386 
TYR CD2 HD2  sing N N 387 
TYR CE1 CZ   doub Y N 388 
TYR CE1 HE1  sing N N 389 
TYR CE2 CZ   sing Y N 390 
TYR CE2 HE2  sing N N 391 
TYR CZ  OH   sing N N 392 
TYR OH  HH   sing N N 393 
TYR OXT HXT  sing N N 394 
VAL N   CA   sing N N 395 
VAL N   H    sing N N 396 
VAL N   H2   sing N N 397 
VAL CA  C    sing N N 398 
VAL CA  CB   sing N N 399 
VAL CA  HA   sing N N 400 
VAL C   O    doub N N 401 
VAL C   OXT  sing N N 402 
VAL CB  CG1  sing N N 403 
VAL CB  CG2  sing N N 404 
VAL CB  HB   sing N N 405 
VAL CG1 HG11 sing N N 406 
VAL CG1 HG12 sing N N 407 
VAL CG1 HG13 sing N N 408 
VAL CG2 HG21 sing N N 409 
VAL CG2 HG22 sing N N 410 
VAL CG2 HG23 sing N N 411 
VAL OXT HXT  sing N N 412 
# 
loop_
_pdbx_audit_support.funding_organization 
_pdbx_audit_support.country 
_pdbx_audit_support.grant_number 
_pdbx_audit_support.ordinal 
'Ministry of Education (MoE, Czech Republic)' 'Czech Republic' LM2015064                         1 
'European Regional Development Fund'          'Czech Republic' CZ.02.1.01/0.0/0.0/16_019/0000729 2 
# 
_pdbx_entity_instance_feature.ordinal        1 
_pdbx_entity_instance_feature.comp_id        OOH 
_pdbx_entity_instance_feature.asym_id        ? 
_pdbx_entity_instance_feature.seq_num        ? 
_pdbx_entity_instance_feature.auth_comp_id   OOH 
_pdbx_entity_instance_feature.auth_asym_id   ? 
_pdbx_entity_instance_feature.auth_seq_num   ? 
_pdbx_entity_instance_feature.feature_type   'SUBJECT OF INVESTIGATION' 
_pdbx_entity_instance_feature.details        ? 
# 
_pdbx_initial_refinement_model.id               1 
_pdbx_initial_refinement_model.entity_id_list   ? 
_pdbx_initial_refinement_model.type             'experimental model' 
_pdbx_initial_refinement_model.source_name      PDB 
_pdbx_initial_refinement_model.accession_code   6YA5 
_pdbx_initial_refinement_model.details          ? 
# 
_atom_sites.entry_id                    6YEM 
_atom_sites.Cartn_transf_matrix[1][1]   ? 
_atom_sites.Cartn_transf_matrix[1][2]   ? 
_atom_sites.Cartn_transf_matrix[1][3]   ? 
_atom_sites.Cartn_transf_matrix[2][1]   ? 
_atom_sites.Cartn_transf_matrix[2][2]   ? 
_atom_sites.Cartn_transf_matrix[2][3]   ? 
_atom_sites.Cartn_transf_matrix[3][1]   ? 
_atom_sites.Cartn_transf_matrix[3][2]   ? 
_atom_sites.Cartn_transf_matrix[3][3]   ? 
_atom_sites.Cartn_transf_vector[1]      ? 
_atom_sites.Cartn_transf_vector[2]      ? 
_atom_sites.Cartn_transf_vector[3]      ? 
_atom_sites.fract_transf_matrix[1][1]   0.00641167 
_atom_sites.fract_transf_matrix[1][2]   -0.00342089 
_atom_sites.fract_transf_matrix[1][3]   -0.01396673 
_atom_sites.fract_transf_matrix[2][1]   -0.00827140 
_atom_sites.fract_transf_matrix[2][2]   0.00221116 
_atom_sites.fract_transf_matrix[2][3]   -0.01321243 
_atom_sites.fract_transf_matrix[3][1]   0.00275270 
_atom_sites.fract_transf_matrix[3][2]   0.00724486 
_atom_sites.fract_transf_matrix[3][3]   -0.00051082 
_atom_sites.fract_transf_vector[1]      0.392185 
_atom_sites.fract_transf_vector[2]      0.212336 
_atom_sites.fract_transf_vector[3]      0.057927 
_atom_sites.solution_primary            ? 
_atom_sites.solution_secondary          ? 
_atom_sites.solution_hydrogens          ? 
_atom_sites.special_details             ? 
# 
loop_
_atom_type.symbol 
C  
CL 
MG 
MN 
N  
O  
S  
# 
loop_
_atom_site.group_PDB 
_atom_site.id 
_atom_site.type_symbol 
_atom_site.label_atom_id 
_atom_site.label_alt_id 
_atom_site.label_comp_id 
_atom_site.label_asym_id 
_atom_site.label_entity_id 
_atom_site.label_seq_id 
_atom_site.pdbx_PDB_ins_code 
_atom_site.Cartn_x 
_atom_site.Cartn_y 
_atom_site.Cartn_z 
_atom_site.occupancy 
_atom_site.B_iso_or_equiv 
_atom_site.pdbx_formal_charge 
_atom_site.auth_seq_id 
_atom_site.auth_comp_id 
_atom_site.auth_asym_id 
_atom_site.auth_atom_id 
_atom_site.pdbx_PDB_model_num 
ATOM   1    N  N   . GLY A 1 8   ? 18.392  13.538  -4.272  1.00 114.75 ? -1  GLY A N   1 
ATOM   2    C  CA  . GLY A 1 8   ? 19.220  13.579  -3.024  1.00 115.40 ? -1  GLY A CA  1 
ATOM   3    C  C   . GLY A 1 8   ? 18.452  14.019  -1.792  1.00 113.84 ? -1  GLY A C   1 
ATOM   4    O  O   . GLY A 1 8   ? 18.535  13.378  -0.742  1.00 111.24 ? -1  GLY A O   1 
ATOM   5    N  N   . SER A 1 9   ? 17.716  15.124  -1.934  1.00 111.87 ? 0   SER A N   1 
ATOM   6    C  CA  . SER A 1 9   ? 16.829  15.648  -0.884  1.00 108.09 ? 0   SER A CA  1 
ATOM   7    C  C   . SER A 1 9   ? 15.517  14.857  -0.715  1.00 106.16 ? 0   SER A C   1 
ATOM   8    O  O   . SER A 1 9   ? 14.797  15.077  0.264   1.00 115.03 ? 0   SER A O   1 
ATOM   9    C  CB  . SER A 1 9   ? 16.512  17.133  -1.125  1.00 106.20 ? 0   SER A CB  1 
ATOM   10   O  OG  . SER A 1 9   ? 17.615  17.947  -0.771  1.00 108.51 ? 0   SER A OG  1 
ATOM   11   N  N   . MET A 1 10  ? 15.201  13.966  -1.662  1.00 99.89  ? 1   MET A N   1 
ATOM   12   C  CA  . MET A 1 10  ? 14.087  13.007  -1.501  1.00 89.35  ? 1   MET A CA  1 
ATOM   13   C  C   . MET A 1 10  ? 14.515  11.853  -0.599  1.00 88.05  ? 1   MET A C   1 
ATOM   14   O  O   . MET A 1 10  ? 13.803  11.502  0.346   1.00 85.23  ? 1   MET A O   1 
ATOM   15   C  CB  . MET A 1 10  ? 13.607  12.467  -2.854  1.00 77.08  ? 1   MET A CB  1 
ATOM   16   C  CG  . MET A 1 10  ? 12.597  11.333  -2.764  1.00 73.26  ? 1   MET A CG  1 
ATOM   17   S  SD  . MET A 1 10  ? 11.181  11.700  -1.715  0.70 63.46  ? 1   MET A SD  1 
ATOM   18   C  CE  . MET A 1 10  ? 10.093  12.396  -2.934  1.00 61.86  ? 1   MET A CE  1 
ATOM   19   N  N   . GLU A 1 11  ? 15.668  11.261  -0.911  1.00 87.89  ? 2   GLU A N   1 
ATOM   20   C  CA  . GLU A 1 11  ? 16.272  10.245  -0.051  1.00 85.50  ? 2   GLU A CA  1 
ATOM   21   C  C   . GLU A 1 11  ? 16.297  10.776  1.384   1.00 84.55  ? 2   GLU A C   1 
ATOM   22   O  O   . GLU A 1 11  ? 15.739  10.151  2.280   1.00 83.48  ? 2   GLU A O   1 
ATOM   23   C  CB  . GLU A 1 11  ? 17.675  9.874   -0.535  1.00 86.55  ? 2   GLU A CB  1 
ATOM   24   C  CG  . GLU A 1 11  ? 18.138  8.508   -0.057  1.00 90.30  ? 2   GLU A CG  1 
ATOM   25   C  CD  . GLU A 1 11  ? 19.614  8.244   -0.319  1.00 87.60  ? 2   GLU A CD  1 
ATOM   26   O  OE1 . GLU A 1 11  ? 20.216  8.914   -1.187  1.00 90.58  ? 2   GLU A OE1 1 
ATOM   27   O  OE2 . GLU A 1 11  ? 20.175  7.353   0.358   1.00 78.24  ? 2   GLU A OE2 1 
ATOM   28   N  N   . ASP A 1 12  ? 16.883  11.961  1.562   1.00 84.42  ? 3   ASP A N   1 
ATOM   29   C  CA  . ASP A 1 12  ? 16.859  12.700  2.838   1.00 88.36  ? 3   ASP A CA  1 
ATOM   30   C  C   . ASP A 1 12  ? 15.466  12.726  3.467   1.00 83.62  ? 3   ASP A C   1 
ATOM   31   O  O   . ASP A 1 12  ? 15.309  12.342  4.627   1.00 82.41  ? 3   ASP A O   1 
ATOM   32   C  CB  . ASP A 1 12  ? 17.326  14.157  2.645   1.00 95.32  ? 3   ASP A CB  1 
ATOM   33   C  CG  . ASP A 1 12  ? 18.827  14.282  2.359   1.00 99.98  ? 3   ASP A CG  1 
ATOM   34   O  OD1 . ASP A 1 12  ? 19.478  13.264  2.035   1.00 106.93 ? 3   ASP A OD1 1 
ATOM   35   O  OD2 . ASP A 1 12  ? 19.356  15.415  2.453   1.00 100.90 ? 3   ASP A OD2 1 
ATOM   36   N  N   . PHE A 1 13  ? 14.474  13.181  2.694   1.00 79.11  ? 4   PHE A N   1 
ATOM   37   C  CA  . PHE A 1 13  ? 13.060  13.216  3.129   1.00 82.22  ? 4   PHE A CA  1 
ATOM   38   C  C   . PHE A 1 13  ? 12.534  11.854  3.570   1.00 82.66  ? 4   PHE A C   1 
ATOM   39   O  O   . PHE A 1 13  ? 11.889  11.747  4.619   1.00 85.74  ? 4   PHE A O   1 
ATOM   40   C  CB  . PHE A 1 13  ? 12.135  13.753  2.023   1.00 76.71  ? 4   PHE A CB  1 
ATOM   41   C  CG  . PHE A 1 13  ? 10.668  13.551  2.314   1.00 77.94  ? 4   PHE A CG  1 
ATOM   42   C  CD1 . PHE A 1 13  ? 10.011  14.356  3.244   1.00 79.51  ? 4   PHE A CD1 1 
ATOM   43   C  CD2 . PHE A 1 13  ? 9.940   12.552  1.673   1.00 74.89  ? 4   PHE A CD2 1 
ATOM   44   C  CE1 . PHE A 1 13  ? 8.660   14.172  3.517   1.00 79.57  ? 4   PHE A CE1 1 
ATOM   45   C  CE2 . PHE A 1 13  ? 8.594   12.363  1.946   1.00 75.82  ? 4   PHE A CE2 1 
ATOM   46   C  CZ  . PHE A 1 13  ? 7.953   13.173  2.867   1.00 78.31  ? 4   PHE A CZ  1 
ATOM   47   N  N   . VAL A 1 14  ? 12.799  10.836  2.752   1.00 80.16  ? 5   VAL A N   1 
ATOM   48   C  CA  . VAL A 1 14  ? 12.369  9.458   3.028   1.00 74.25  ? 5   VAL A CA  1 
ATOM   49   C  C   . VAL A 1 14  ? 12.856  8.999   4.402   1.00 67.89  ? 5   VAL A C   1 
ATOM   50   O  O   . VAL A 1 14  ? 12.068  8.464   5.187   1.00 65.83  ? 5   VAL A O   1 
ATOM   51   C  CB  . VAL A 1 14  ? 12.820  8.487   1.910   1.00 75.13  ? 5   VAL A CB  1 
ATOM   52   C  CG1 . VAL A 1 14  ? 12.717  7.029   2.346   1.00 74.02  ? 5   VAL A CG1 1 
ATOM   53   C  CG2 . VAL A 1 14  ? 11.991  8.724   0.657   1.00 73.12  ? 5   VAL A CG2 1 
ATOM   54   N  N   A ARG A 1 15  ? 14.138  9.228   4.688   0.50 70.25  ? 6   ARG A N   1 
ATOM   55   N  N   B ARG A 1 15  ? 14.135  9.239   4.689   0.50 69.21  ? 6   ARG A N   1 
ATOM   56   C  CA  A ARG A 1 15  ? 14.739  8.842   5.972   0.50 75.73  ? 6   ARG A CA  1 
ATOM   57   C  CA  B ARG A 1 15  ? 14.735  8.855   5.973   0.50 73.90  ? 6   ARG A CA  1 
ATOM   58   C  C   A ARG A 1 15  ? 14.314  9.750   7.142   0.50 76.53  ? 6   ARG A C   1 
ATOM   59   C  C   B ARG A 1 15  ? 14.314  9.753   7.143   0.50 75.48  ? 6   ARG A C   1 
ATOM   60   O  O   A ARG A 1 15  ? 14.453  9.359   8.303   0.50 80.53  ? 6   ARG A O   1 
ATOM   61   O  O   B ARG A 1 15  ? 14.457  9.362   8.303   0.50 79.59  ? 6   ARG A O   1 
ATOM   62   C  CB  A ARG A 1 15  ? 16.276  8.806   5.861   0.50 77.64  ? 6   ARG A CB  1 
ATOM   63   C  CB  B ARG A 1 15  ? 16.267  8.817   5.861   0.50 74.31  ? 6   ARG A CB  1 
ATOM   64   C  CG  A ARG A 1 15  ? 16.803  8.272   4.527   0.50 78.52  ? 6   ARG A CG  1 
ATOM   65   C  CG  B ARG A 1 15  ? 16.773  8.086   4.622   0.50 73.54  ? 6   ARG A CG  1 
ATOM   66   C  CD  A ARG A 1 15  ? 17.448  6.886   4.599   0.50 77.13  ? 6   ARG A CD  1 
ATOM   67   C  CD  B ARG A 1 15  ? 18.073  7.335   4.870   0.50 70.25  ? 6   ARG A CD  1 
ATOM   68   N  NE  A ARG A 1 15  ? 18.869  6.926   4.949   0.50 73.26  ? 6   ARG A NE  1 
ATOM   69   N  NE  B ARG A 1 15  ? 18.116  6.108   4.084   0.50 66.92  ? 6   ARG A NE  1 
ATOM   70   C  CZ  A ARG A 1 15  ? 19.423  6.213   5.928   0.50 70.59  ? 6   ARG A CZ  1 
ATOM   71   C  CZ  B ARG A 1 15  ? 18.834  5.962   2.985   0.50 64.50  ? 6   ARG A CZ  1 
ATOM   72   N  NH1 A ARG A 1 15  ? 18.682  5.387   6.654   0.50 67.28  ? 6   ARG A NH1 1 
ATOM   73   N  NH1 B ARG A 1 15  ? 19.578  6.959   2.566   0.50 65.09  ? 6   ARG A NH1 1 
ATOM   74   N  NH2 A ARG A 1 15  ? 20.724  6.317   6.173   0.50 67.31  ? 6   ARG A NH2 1 
ATOM   75   N  NH2 B ARG A 1 15  ? 18.820  4.824   2.314   0.50 63.33  ? 6   ARG A NH2 1 
ATOM   76   N  N   . GLN A 1 16  ? 13.809  10.949  6.842   1.00 79.14  ? 7   GLN A N   1 
ATOM   77   C  CA  . GLN A 1 16  ? 13.284  11.865  7.869   1.00 83.65  ? 7   GLN A CA  1 
ATOM   78   C  C   . GLN A 1 16  ? 11.832  11.547  8.189   1.00 79.98  ? 7   GLN A C   1 
ATOM   79   O  O   . GLN A 1 16  ? 11.466  11.415  9.352   1.00 88.07  ? 7   GLN A O   1 
ATOM   80   C  CB  . GLN A 1 16  ? 13.434  13.322  7.421   1.00 88.59  ? 7   GLN A CB  1 
ATOM   81   C  CG  . GLN A 1 16  ? 14.881  13.803  7.449   1.00 94.01  ? 7   GLN A CG  1 
ATOM   82   C  CD  . GLN A 1 16  ? 15.052  15.195  6.865   1.00 101.94 ? 7   GLN A CD  1 
ATOM   83   O  OE1 . GLN A 1 16  ? 14.183  16.058  7.036   1.00 110.02 ? 7   GLN A OE1 1 
ATOM   84   N  NE2 . GLN A 1 16  ? 16.168  15.427  6.168   1.00 97.71  ? 7   GLN A NE2 1 
ATOM   85   N  N   . CYS A 1 17  ? 11.025  11.380  7.149   1.00 77.46  ? 8   CYS A N   1 
ATOM   86   C  CA  . CYS A 1 17  ? 9.565   11.260  7.284   1.00 82.15  ? 8   CYS A CA  1 
ATOM   87   C  C   . CYS A 1 17  ? 9.060   9.865   7.714   1.00 75.56  ? 8   CYS A C   1 
ATOM   88   O  O   . CYS A 1 17  ? 8.045   9.771   8.419   1.00 86.55  ? 8   CYS A O   1 
ATOM   89   C  CB  . CYS A 1 17  ? 8.883   11.682  5.967   1.00 84.85  ? 8   CYS A CB  1 
ATOM   90   S  SG  . CYS A 1 17  ? 7.195   12.315  6.132   0.56 88.11  ? 8   CYS A SG  1 
ATOM   91   N  N   . PHE A 1 18  ? 9.759   8.800   7.307   1.00 68.06  ? 9   PHE A N   1 
ATOM   92   C  CA  . PHE A 1 18  ? 9.285   7.416   7.497   1.00 61.04  ? 9   PHE A CA  1 
ATOM   93   C  C   . PHE A 1 18  ? 10.061  6.664   8.575   1.00 60.36  ? 9   PHE A C   1 
ATOM   94   O  O   . PHE A 1 18  ? 11.263  6.876   8.773   1.00 57.01  ? 9   PHE A O   1 
ATOM   95   C  CB  . PHE A 1 18  ? 9.346   6.634   6.179   1.00 57.87  ? 9   PHE A CB  1 
ATOM   96   C  CG  . PHE A 1 18  ? 8.395   7.140   5.116   1.00 54.42  ? 9   PHE A CG  1 
ATOM   97   C  CD1 . PHE A 1 18  ? 7.033   6.979   5.261   1.00 51.61  ? 9   PHE A CD1 1 
ATOM   98   C  CD2 . PHE A 1 18  ? 8.867   7.767   3.963   1.00 53.99  ? 9   PHE A CD2 1 
ATOM   99   C  CE1 . PHE A 1 18  ? 6.144   7.430   4.296   1.00 50.78  ? 9   PHE A CE1 1 
ATOM   100  C  CE2 . PHE A 1 18  ? 7.986   8.226   2.989   1.00 56.61  ? 9   PHE A CE2 1 
ATOM   101  C  CZ  . PHE A 1 18  ? 6.618   8.048   3.155   1.00 56.12  ? 9   PHE A CZ  1 
ATOM   102  N  N   . ASN A 1 19  ? 9.362   5.771   9.264   1.00 60.39  ? 10  ASN A N   1 
ATOM   103  C  CA  . ASN A 1 19  ? 9.973   5.027   10.356  1.00 65.13  ? 10  ASN A CA  1 
ATOM   104  C  C   . ASN A 1 19  ? 11.017  4.071   9.743   1.00 59.01  ? 10  ASN A C   1 
ATOM   105  O  O   . ASN A 1 19  ? 10.786  3.530   8.676   1.00 62.23  ? 10  ASN A O   1 
ATOM   106  C  CB  . ASN A 1 19  ? 8.900   4.330   11.225  1.00 67.57  ? 10  ASN A CB  1 
ATOM   107  C  CG  . ASN A 1 19  ? 8.830   2.833   11.022  1.00 68.23  ? 10  ASN A CG  1 
ATOM   108  O  OD1 . ASN A 1 19  ? 9.785   2.125   11.317  1.00 78.42  ? 10  ASN A OD1 1 
ATOM   109  N  ND2 . ASN A 1 19  ? 7.677   2.332   10.576  1.00 80.58  ? 10  ASN A ND2 1 
ATOM   110  N  N   . PRO A 1 20  ? 12.170  3.888   10.402  1.00 58.06  ? 11  PRO A N   1 
ATOM   111  C  CA  . PRO A 1 20  ? 13.259  3.008   9.940   1.00 57.96  ? 11  PRO A CA  1 
ATOM   112  C  C   . PRO A 1 20  ? 12.900  1.602   9.448   1.00 53.85  ? 11  PRO A C   1 
ATOM   113  O  O   . PRO A 1 20  ? 13.615  1.076   8.612   1.00 55.77  ? 11  PRO A O   1 
ATOM   114  C  CB  . PRO A 1 20  ? 14.126  2.869   11.186  1.00 59.83  ? 11  PRO A CB  1 
ATOM   115  C  CG  . PRO A 1 20  ? 13.976  4.187   11.858  1.00 58.64  ? 11  PRO A CG  1 
ATOM   116  C  CD  . PRO A 1 20  ? 12.545  4.586   11.647  1.00 57.15  ? 11  PRO A CD  1 
ATOM   117  N  N   . MET A 1 21  ? 11.849  0.997   9.998   1.00 55.36  ? 12  MET A N   1 
ATOM   118  C  CA  . MET A 1 21  ? 11.353  -0.332  9.572   1.00 60.61  ? 12  MET A CA  1 
ATOM   119  C  C   . MET A 1 21  ? 10.781  -0.268  8.152   1.00 60.29  ? 12  MET A C   1 
ATOM   120  O  O   . MET A 1 21  ? 11.112  -1.102  7.314   1.00 57.33  ? 12  MET A O   1 
ATOM   121  C  CB  . MET A 1 21  ? 10.269  -0.861  10.539  1.00 63.18  ? 12  MET A CB  1 
ATOM   122  C  CG  . MET A 1 21  ? 9.833   -2.308  10.301  1.00 64.16  ? 12  MET A CG  1 
ATOM   123  S  SD  . MET A 1 21  ? 8.116   -2.664  10.724  0.43 68.39  ? 12  MET A SD  1 
ATOM   124  N  N   . ILE A 1 22  ? 9.910   0.715   7.905   1.00 62.28  ? 13  ILE A N   1 
ATOM   125  C  CA  . ILE A 1 22  ? 9.367   0.986   6.556   1.00 60.09  ? 13  ILE A CA  1 
ATOM   126  C  C   . ILE A 1 22  ? 10.497  1.264   5.556   1.00 59.12  ? 13  ILE A C   1 
ATOM   127  O  O   . ILE A 1 22  ? 10.491  0.751   4.448   1.00 62.68  ? 13  ILE A O   1 
ATOM   128  C  CB  . ILE A 1 22  ? 8.348   2.158   6.579   1.00 59.20  ? 13  ILE A CB  1 
ATOM   129  C  CG1 . ILE A 1 22  ? 7.042   1.722   7.255   1.00 58.86  ? 13  ILE A CG1 1 
ATOM   130  C  CG2 . ILE A 1 22  ? 8.028   2.648   5.169   1.00 61.37  ? 13  ILE A CG2 1 
ATOM   131  C  CD1 . ILE A 1 22  ? 6.139   2.866   7.671   1.00 59.73  ? 13  ILE A CD1 1 
ATOM   132  N  N   . VAL A 1 23  ? 11.483  2.047   5.980   1.00 61.57  ? 14  VAL A N   1 
ATOM   133  C  CA  . VAL A 1 23  ? 12.597  2.452   5.118   1.00 60.05  ? 14  VAL A CA  1 
ATOM   134  C  C   . VAL A 1 23  ? 13.419  1.242   4.661   1.00 61.82  ? 14  VAL A C   1 
ATOM   135  O  O   . VAL A 1 23  ? 13.771  1.137   3.493   1.00 60.73  ? 14  VAL A O   1 
ATOM   136  C  CB  . VAL A 1 23  ? 13.510  3.454   5.852   1.00 60.33  ? 14  VAL A CB  1 
ATOM   137  C  CG1 . VAL A 1 23  ? 14.771  3.739   5.053   1.00 54.20  ? 14  VAL A CG1 1 
ATOM   138  C  CG2 . VAL A 1 23  ? 12.760  4.761   6.136   1.00 63.96  ? 14  VAL A CG2 1 
ATOM   139  N  N   . GLU A 1 24  ? 13.714  0.342   5.597   1.00 62.45  ? 15  GLU A N   1 
ATOM   140  C  CA  . GLU A 1 24  ? 14.511  -0.861  5.323   1.00 62.61  ? 15  GLU A CA  1 
ATOM   141  C  C   . GLU A 1 24  ? 13.729  -1.867  4.477   1.00 55.37  ? 15  GLU A C   1 
ATOM   142  O  O   . GLU A 1 24  ? 14.271  -2.425  3.533   1.00 54.10  ? 15  GLU A O   1 
ATOM   143  C  CB  . GLU A 1 24  ? 14.987  -1.511  6.640   1.00 69.37  ? 15  GLU A CB  1 
ATOM   144  C  CG  . GLU A 1 24  ? 16.006  -2.657  6.501   1.00 71.87  ? 15  GLU A CG  1 
ATOM   145  C  CD  . GLU A 1 24  ? 17.420  -2.194  6.158   1.00 76.92  ? 15  GLU A CD  1 
ATOM   146  O  OE1 . GLU A 1 24  ? 17.880  -1.192  6.761   1.00 79.09  ? 15  GLU A OE1 1 
ATOM   147  O  OE2 . GLU A 1 24  ? 18.079  -2.842  5.298   1.00 79.25  ? 15  GLU A OE2 1 
ATOM   148  N  N   . LEU A 1 25  ? 12.463  -2.093  4.814   1.00 49.96  ? 16  LEU A N   1 
ATOM   149  C  CA  . LEU A 1 25  ? 11.567  -2.902  3.969   1.00 52.26  ? 16  LEU A CA  1 
ATOM   150  C  C   . LEU A 1 25  ? 11.513  -2.428  2.505   1.00 54.78  ? 16  LEU A C   1 
ATOM   151  O  O   . LEU A 1 25  ? 11.446  -3.246  1.588   1.00 54.02  ? 16  LEU A O   1 
ATOM   152  C  CB  . LEU A 1 25  ? 10.141  -2.939  4.550   1.00 50.93  ? 16  LEU A CB  1 
ATOM   153  C  CG  . LEU A 1 25  ? 9.863   -3.921  5.691   1.00 55.27  ? 16  LEU A CG  1 
ATOM   154  C  CD1 . LEU A 1 25  ? 8.446   -3.766  6.204   1.00 54.23  ? 16  LEU A CD1 1 
ATOM   155  C  CD2 . LEU A 1 25  ? 10.102  -5.368  5.259   1.00 54.95  ? 16  LEU A CD2 1 
ATOM   156  N  N   . ALA A 1 26  ? 11.516  -1.111  2.304   1.00 58.75  ? 17  ALA A N   1 
ATOM   157  C  CA  . ALA A 1 26  ? 11.456  -0.516  0.967   1.00 59.66  ? 17  ALA A CA  1 
ATOM   158  C  C   . ALA A 1 26  ? 12.742  -0.769  0.206   1.00 52.24  ? 17  ALA A C   1 
ATOM   159  O  O   . ALA A 1 26  ? 12.701  -1.229  -0.923  1.00 53.89  ? 17  ALA A O   1 
ATOM   160  C  CB  . ALA A 1 26  ? 11.189  0.984   1.057   1.00 58.75  ? 17  ALA A CB  1 
ATOM   161  N  N   . GLU A 1 27  ? 13.869  -0.457  0.839   1.00 55.63  ? 18  GLU A N   1 
ATOM   162  C  CA  . GLU A 1 27  ? 15.221  -0.714  0.292   1.00 59.33  ? 18  GLU A CA  1 
ATOM   163  C  C   . GLU A 1 27  ? 15.375  -2.166  -0.165  1.00 59.10  ? 18  GLU A C   1 
ATOM   164  O  O   . GLU A 1 27  ? 15.845  -2.426  -1.273  1.00 61.79  ? 18  GLU A O   1 
ATOM   165  C  CB  . GLU A 1 27  ? 16.303  -0.407  1.346   1.00 66.43  ? 18  GLU A CB  1 
ATOM   166  C  CG  . GLU A 1 27  ? 16.578  1.078   1.533   1.00 72.25  ? 18  GLU A CG  1 
ATOM   167  C  CD  . GLU A 1 27  ? 17.614  1.390   2.603   1.00 72.31  ? 18  GLU A CD  1 
ATOM   168  O  OE1 . GLU A 1 27  ? 17.332  1.193   3.804   1.00 83.07  ? 18  GLU A OE1 1 
ATOM   169  O  OE2 . GLU A 1 27  ? 18.698  1.893   2.251   1.00 78.21  ? 18  GLU A OE2 1 
ATOM   170  N  N   . LYS A 1 28  ? 14.971  -3.090  0.707   1.00 53.97  ? 19  LYS A N   1 
ATOM   171  C  CA  . LYS A 1 28  ? 14.916  -4.521  0.409   1.00 59.07  ? 19  LYS A CA  1 
ATOM   172  C  C   . LYS A 1 28  ? 14.102  -4.767  -0.850  1.00 55.98  ? 19  LYS A C   1 
ATOM   173  O  O   . LYS A 1 28  ? 14.647  -5.247  -1.852  1.00 55.02  ? 19  LYS A O   1 
ATOM   174  C  CB  . LYS A 1 28  ? 14.323  -5.302  1.605   1.00 66.50  ? 19  LYS A CB  1 
ATOM   175  C  CG  . LYS A 1 28  ? 14.539  -6.810  1.573   1.00 74.57  ? 19  LYS A CG  1 
ATOM   176  C  CD  . LYS A 1 28  ? 13.937  -7.518  2.791   1.00 77.13  ? 19  LYS A CD  1 
ATOM   177  C  CE  . LYS A 1 28  ? 14.070  -9.033  2.701   1.00 80.88  ? 19  LYS A CE  1 
ATOM   178  N  NZ  . LYS A 1 28  ? 15.487  -9.505  2.733   1.00 86.58  ? 19  LYS A NZ  1 
ATOM   179  N  N   . ALA A 1 29  ? 12.824  -4.366  -0.817  1.00 53.15  ? 20  ALA A N   1 
ATOM   180  C  CA  . ALA A 1 29  ? 11.883  -4.591  -1.930  1.00 53.02  ? 20  ALA A CA  1 
ATOM   181  C  C   . ALA A 1 29  ? 12.396  -4.089  -3.270  1.00 55.54  ? 20  ALA A C   1 
ATOM   182  O  O   . ALA A 1 29  ? 12.145  -4.722  -4.304  1.00 66.73  ? 20  ALA A O   1 
ATOM   183  C  CB  . ALA A 1 29  ? 10.532  -3.956  -1.627  1.00 55.84  ? 20  ALA A CB  1 
ATOM   184  N  N   . MET A 1 30  ? 13.108  -2.958  -3.250  1.00 55.72  ? 21  MET A N   1 
ATOM   185  C  CA  . MET A 1 30  ? 13.691  -2.358  -4.460  1.00 52.31  ? 21  MET A CA  1 
ATOM   186  C  C   . MET A 1 30  ? 14.924  -3.103  -4.949  1.00 54.52  ? 21  MET A C   1 
ATOM   187  O  O   . MET A 1 30  ? 15.051  -3.384  -6.127  1.00 57.53  ? 21  MET A O   1 
ATOM   188  C  CB  . MET A 1 30  ? 14.085  -0.905  -4.204  1.00 54.15  ? 21  MET A CB  1 
ATOM   189  C  CG  . MET A 1 30  ? 12.922  0.051   -4.021  1.00 54.55  ? 21  MET A CG  1 
ATOM   190  S  SD  . MET A 1 30  ? 13.498  1.728   -3.726  0.64 54.63  ? 21  MET A SD  1 
ATOM   191  C  CE  . MET A 1 30  ? 14.054  2.152   -5.365  1.00 53.01  ? 21  MET A CE  1 
ATOM   192  N  N   . LYS A 1 31  ? 15.856  -3.385  -4.042  1.00 59.30  ? 22  LYS A N   1 
ATOM   193  C  CA  . LYS A 1 31  ? 17.081  -4.116  -4.396  1.00 59.30  ? 22  LYS A CA  1 
ATOM   194  C  C   . LYS A 1 31  ? 16.787  -5.519  -4.973  1.00 60.46  ? 22  LYS A C   1 
ATOM   195  O  O   . LYS A 1 31  ? 17.542  -6.011  -5.818  1.00 58.17  ? 22  LYS A O   1 
ATOM   196  C  CB  . LYS A 1 31  ? 18.053  -4.179  -3.203  1.00 61.81  ? 22  LYS A CB  1 
ATOM   197  C  CG  . LYS A 1 31  ? 19.013  -2.987  -3.118  1.00 63.93  ? 22  LYS A CG  1 
ATOM   198  C  CD  . LYS A 1 31  ? 19.225  -2.446  -1.699  1.00 67.15  ? 22  LYS A CD  1 
ATOM   199  C  CE  . LYS A 1 31  ? 20.491  -2.964  -1.029  1.00 72.81  ? 22  LYS A CE  1 
ATOM   200  N  NZ  . LYS A 1 31  ? 21.071  -1.957  -0.100  1.00 76.70  ? 22  LYS A NZ  1 
ATOM   201  N  N   . GLU A 1 32  ? 15.664  -6.116  -4.575  1.00 59.12  ? 23  GLU A N   1 
ATOM   202  C  CA  . GLU A 1 32  ? 15.172  -7.377  -5.161  1.00 63.83  ? 23  GLU A CA  1 
ATOM   203  C  C   . GLU A 1 32  ? 14.796  -7.315  -6.650  1.00 60.66  ? 23  GLU A C   1 
ATOM   204  O  O   . GLU A 1 32  ? 14.710  -8.351  -7.297  1.00 59.74  ? 23  GLU A O   1 
ATOM   205  C  CB  . GLU A 1 32  ? 13.976  -7.902  -4.362  1.00 65.99  ? 23  GLU A CB  1 
ATOM   206  C  CG  . GLU A 1 32  ? 14.376  -8.346  -2.964  1.00 73.47  ? 23  GLU A CG  1 
ATOM   207  C  CD  . GLU A 1 32  ? 13.260  -8.989  -2.163  1.00 79.97  ? 23  GLU A CD  1 
ATOM   208  O  OE1 . GLU A 1 32  ? 12.068  -8.794  -2.508  1.00 87.95  ? 23  GLU A OE1 1 
ATOM   209  O  OE2 . GLU A 1 32  ? 13.589  -9.699  -1.171  1.00 79.17  ? 23  GLU A OE2 1 
ATOM   210  N  N   . TYR A 1 33  ? 14.539  -6.120  -7.170  1.00 57.90  ? 24  TYR A N   1 
ATOM   211  C  CA  . TYR A 1 33  ? 14.385  -5.890  -8.611  1.00 61.92  ? 24  TYR A CA  1 
ATOM   212  C  C   . TYR A 1 33  ? 15.593  -5.183  -9.230  1.00 57.39  ? 24  TYR A C   1 
ATOM   213  O  O   . TYR A 1 33  ? 15.590  -4.870  -10.419 1.00 60.90  ? 24  TYR A O   1 
ATOM   214  C  CB  . TYR A 1 33  ? 13.113  -5.083  -8.880  1.00 66.05  ? 24  TYR A CB  1 
ATOM   215  C  CG  . TYR A 1 33  ? 11.833  -5.867  -8.674  1.00 66.51  ? 24  TYR A CG  1 
ATOM   216  C  CD1 . TYR A 1 33  ? 11.231  -5.942  -7.417  1.00 69.98  ? 24  TYR A CD1 1 
ATOM   217  C  CD2 . TYR A 1 33  ? 11.225  -6.530  -9.736  1.00 69.44  ? 24  TYR A CD2 1 
ATOM   218  C  CE1 . TYR A 1 33  ? 10.053  -6.654  -7.220  1.00 72.87  ? 24  TYR A CE1 1 
ATOM   219  C  CE2 . TYR A 1 33  ? 10.049  -7.248  -9.555  1.00 73.85  ? 24  TYR A CE2 1 
ATOM   220  C  CZ  . TYR A 1 33  ? 9.466   -7.306  -8.299  1.00 77.75  ? 24  TYR A CZ  1 
ATOM   221  O  OH  . TYR A 1 33  ? 8.306   -8.016  -8.142  1.00 85.26  ? 24  TYR A OH  1 
ATOM   222  N  N   . GLY A 1 34  ? 16.628  -4.949  -8.422  1.00 61.42  ? 25  GLY A N   1 
ATOM   223  C  CA  . GLY A 1 34  ? 17.881  -4.336  -8.873  1.00 64.58  ? 25  GLY A CA  1 
ATOM   224  C  C   . GLY A 1 34  ? 17.907  -2.817  -8.931  1.00 63.00  ? 25  GLY A C   1 
ATOM   225  O  O   . GLY A 1 34  ? 18.898  -2.244  -9.369  1.00 63.42  ? 25  GLY A O   1 
ATOM   226  N  N   . GLU A 1 35  ? 16.835  -2.174  -8.465  1.00 65.66  ? 26  GLU A N   1 
ATOM   227  C  CA  . GLU A 1 35  ? 16.726  -0.719  -8.451  1.00 69.46  ? 26  GLU A CA  1 
ATOM   228  C  C   . GLU A 1 35  ? 17.481  -0.205  -7.226  1.00 70.10  ? 26  GLU A C   1 
ATOM   229  O  O   . GLU A 1 35  ? 17.363  -0.778  -6.152  1.00 73.54  ? 26  GLU A O   1 
ATOM   230  C  CB  . GLU A 1 35  ? 15.245  -0.306  -8.416  1.00 70.92  ? 26  GLU A CB  1 
ATOM   231  C  CG  . GLU A 1 35  ? 14.452  -0.715  -9.662  1.00 70.84  ? 26  GLU A CG  1 
ATOM   232  C  CD  . GLU A 1 35  ? 12.949  -0.850  -9.434  1.00 76.66  ? 26  GLU A CD  1 
ATOM   233  O  OE1 . GLU A 1 35  ? 12.181  -0.706  -10.417 1.00 74.24  ? 26  GLU A OE1 1 
ATOM   234  O  OE2 . GLU A 1 35  ? 12.517  -1.095  -8.284  1.00 71.60  ? 26  GLU A OE2 1 
ATOM   235  N  N   . ASP A 1 36  ? 18.266  0.858   -7.405  1.00 76.95  ? 27  ASP A N   1 
ATOM   236  C  CA  . ASP A 1 36  ? 19.077  1.455   -6.329  1.00 74.57  ? 27  ASP A CA  1 
ATOM   237  C  C   . ASP A 1 36  ? 18.243  2.590   -5.686  1.00 75.64  ? 27  ASP A C   1 
ATOM   238  O  O   . ASP A 1 36  ? 17.882  3.549   -6.373  1.00 70.79  ? 27  ASP A O   1 
ATOM   239  C  CB  . ASP A 1 36  ? 20.402  1.981   -6.928  1.00 75.55  ? 27  ASP A CB  1 
ATOM   240  C  CG  . ASP A 1 36  ? 21.433  2.422   -5.876  1.00 78.08  ? 27  ASP A CG  1 
ATOM   241  O  OD1 . ASP A 1 36  ? 21.291  2.119   -4.674  1.00 76.43  ? 27  ASP A OD1 1 
ATOM   242  O  OD2 . ASP A 1 36  ? 22.417  3.087   -6.273  1.00 83.99  ? 27  ASP A OD2 1 
ATOM   243  N  N   . PRO A 1 37  ? 17.907  2.486   -4.378  1.00 75.78  ? 28  PRO A N   1 
ATOM   244  C  CA  . PRO A 1 37  ? 17.143  3.553   -3.691  1.00 77.82  ? 28  PRO A CA  1 
ATOM   245  C  C   . PRO A 1 37  ? 17.784  4.956   -3.705  1.00 74.16  ? 28  PRO A C   1 
ATOM   246  O  O   . PRO A 1 37  ? 17.063  5.944   -3.769  1.00 68.76  ? 28  PRO A O   1 
ATOM   247  C  CB  . PRO A 1 37  ? 17.040  3.047   -2.250  1.00 74.53  ? 28  PRO A CB  1 
ATOM   248  C  CG  . PRO A 1 37  ? 17.252  1.585   -2.337  1.00 71.27  ? 28  PRO A CG  1 
ATOM   249  C  CD  . PRO A 1 37  ? 18.160  1.340   -3.487  1.00 71.63  ? 28  PRO A CD  1 
ATOM   250  N  N   . LYS A 1 38  ? 19.118  5.018   -3.644  1.00 78.29  ? 29  LYS A N   1 
ATOM   251  C  CA  . LYS A 1 38  ? 19.876  6.272   -3.796  1.00 74.83  ? 29  LYS A CA  1 
ATOM   252  C  C   . LYS A 1 38  ? 19.697  6.915   -5.181  1.00 79.07  ? 29  LYS A C   1 
ATOM   253  O  O   . LYS A 1 38  ? 19.991  8.100   -5.339  1.00 84.97  ? 29  LYS A O   1 
ATOM   254  C  CB  . LYS A 1 38  ? 21.378  6.034   -3.559  1.00 75.81  ? 29  LYS A CB  1 
ATOM   255  C  CG  . LYS A 1 38  ? 21.762  5.630   -2.142  1.00 77.11  ? 29  LYS A CG  1 
ATOM   256  C  CD  . LYS A 1 38  ? 23.223  5.185   -2.061  1.00 81.06  ? 29  LYS A CD  1 
ATOM   257  N  N   . ILE A 1 39  ? 19.252  6.127   -6.170  1.00 82.41  ? 30  ILE A N   1 
ATOM   258  C  CA  . ILE A 1 39  ? 19.043  6.558   -7.566  1.00 84.59  ? 30  ILE A CA  1 
ATOM   259  C  C   . ILE A 1 39  ? 17.546  6.746   -7.920  1.00 83.56  ? 30  ILE A C   1 
ATOM   260  O  O   . ILE A 1 39  ? 17.158  7.807   -8.424  1.00 80.82  ? 30  ILE A O   1 
ATOM   261  C  CB  . ILE A 1 39  ? 19.700  5.540   -8.548  1.00 87.03  ? 30  ILE A CB  1 
ATOM   262  C  CG1 . ILE A 1 39  ? 21.137  5.211   -8.121  1.00 85.08  ? 30  ILE A CG1 1 
ATOM   263  C  CG2 . ILE A 1 39  ? 19.731  6.067   -9.974  1.00 85.17  ? 30  ILE A CG2 1 
ATOM   264  N  N   . GLU A 1 40  ? 16.720  5.724   -7.666  1.00 82.60  ? 31  GLU A N   1 
ATOM   265  C  CA  . GLU A 1 40  ? 15.260  5.761   -7.933  1.00 80.50  ? 31  GLU A CA  1 
ATOM   266  C  C   . GLU A 1 40  ? 14.498  6.248   -6.685  1.00 76.82  ? 31  GLU A C   1 
ATOM   267  O  O   . GLU A 1 40  ? 13.637  5.550   -6.126  1.00 70.67  ? 31  GLU A O   1 
ATOM   268  C  CB  . GLU A 1 40  ? 14.762  4.374   -8.353  1.00 83.96  ? 31  GLU A CB  1 
ATOM   269  C  CG  . GLU A 1 40  ? 15.403  3.797   -9.616  1.00 86.04  ? 31  GLU A CG  1 
ATOM   270  C  CD  . GLU A 1 40  ? 14.420  3.665   -10.771 1.00 85.20  ? 31  GLU A CD  1 
ATOM   271  O  OE2 . GLU A 1 40  ? 14.441  2.611   -11.448 1.00 91.81  ? 31  GLU A OE2 1 
ATOM   272  N  N   . THR A 1 41  ? 14.829  7.468   -6.277  1.00 69.69  ? 32  THR A N   1 
ATOM   273  C  CA  . THR A 1 41  ? 14.346  8.070   -5.037  1.00 68.73  ? 32  THR A CA  1 
ATOM   274  C  C   . THR A 1 41  ? 12.835  8.313   -5.009  1.00 68.78  ? 32  THR A C   1 
ATOM   275  O  O   . THR A 1 41  ? 12.254  8.362   -3.938  1.00 61.90  ? 32  THR A O   1 
ATOM   276  C  CB  . THR A 1 41  ? 15.060  9.416   -4.743  1.00 66.21  ? 32  THR A CB  1 
ATOM   277  O  OG1 . THR A 1 41  ? 15.093  10.220  -5.925  1.00 63.23  ? 32  THR A OG1 1 
ATOM   278  C  CG2 . THR A 1 41  ? 16.483  9.190   -4.256  1.00 69.32  ? 32  THR A CG2 1 
ATOM   279  N  N   . ASN A 1 42  ? 12.213  8.490   -6.174  1.00 68.11  ? 33  ASN A N   1 
ATOM   280  C  CA  . ASN A 1 42  ? 10.757  8.670   -6.239  1.00 70.18  ? 33  ASN A CA  1 
ATOM   281  C  C   . ASN A 1 42  ? 10.008  7.335   -6.056  1.00 66.88  ? 33  ASN A C   1 
ATOM   282  O  O   . ASN A 1 42  ? 8.913   7.312   -5.491  1.00 59.28  ? 33  ASN A O   1 
ATOM   283  C  CB  . ASN A 1 42  ? 10.327  9.394   -7.543  1.00 69.28  ? 33  ASN A CB  1 
ATOM   284  C  CG  . ASN A 1 42  ? 10.461  10.930  -7.455  1.00 71.34  ? 33  ASN A CG  1 
ATOM   285  O  OD1 . ASN A 1 42  ? 10.460  11.516  -6.367  1.00 67.94  ? 33  ASN A OD1 1 
ATOM   286  N  ND2 . ASN A 1 42  ? 10.559  11.584  -8.615  1.00 66.71  ? 33  ASN A ND2 1 
ATOM   287  N  N   . LYS A 1 43  ? 10.599  6.235   -6.523  1.00 65.05  ? 34  LYS A N   1 
ATOM   288  C  CA  . LYS A 1 43  ? 10.065  4.885   -6.254  1.00 64.48  ? 34  LYS A CA  1 
ATOM   289  C  C   . LYS A 1 43  ? 10.222  4.533   -4.765  1.00 58.04  ? 34  LYS A C   1 
ATOM   290  O  O   . LYS A 1 43  ? 9.336   3.933   -4.163  1.00 58.39  ? 34  LYS A O   1 
ATOM   291  C  CB  . LYS A 1 43  ? 10.772  3.846   -7.137  1.00 68.53  ? 34  LYS A CB  1 
ATOM   292  C  CG  . LYS A 1 43  ? 9.982   2.568   -7.408  1.00 75.76  ? 34  LYS A CG  1 
ATOM   293  C  CD  . LYS A 1 43  ? 10.571  1.703   -8.537  1.00 81.19  ? 34  LYS A CD  1 
ATOM   294  C  CE  . LYS A 1 43  ? 10.876  2.487   -9.823  1.00 89.59  ? 34  LYS A CE  1 
ATOM   295  N  NZ  . LYS A 1 43  ? 11.055  1.678   -11.069 1.00 89.18  ? 34  LYS A NZ  1 
ATOM   296  N  N   . PHE A 1 44  ? 11.358  4.917   -4.197  1.00 59.25  ? 35  PHE A N   1 
ATOM   297  C  CA  . PHE A 1 44  ? 11.673  4.757   -2.763  1.00 63.98  ? 35  PHE A CA  1 
ATOM   298  C  C   . PHE A 1 44  ? 10.542  5.314   -1.896  1.00 65.15  ? 35  PHE A C   1 
ATOM   299  O  O   . PHE A 1 44  ? 9.955   4.590   -1.070  1.00 63.66  ? 35  PHE A O   1 
ATOM   300  C  CB  . PHE A 1 44  ? 13.017  5.470   -2.477  1.00 64.78  ? 35  PHE A CB  1 
ATOM   301  C  CG  . PHE A 1 44  ? 13.683  5.144   -1.149  1.00 63.35  ? 35  PHE A CG  1 
ATOM   302  C  CD1 . PHE A 1 44  ? 13.486  3.947   -0.468  1.00 60.57  ? 35  PHE A CD1 1 
ATOM   303  C  CD2 . PHE A 1 44  ? 14.612  6.047   -0.629  1.00 60.37  ? 35  PHE A CD2 1 
ATOM   304  C  CE1 . PHE A 1 44  ? 14.151  3.695   0.731   1.00 61.97  ? 35  PHE A CE1 1 
ATOM   305  C  CE2 . PHE A 1 44  ? 15.278  5.796   0.556   1.00 58.42  ? 35  PHE A CE2 1 
ATOM   306  C  CZ  . PHE A 1 44  ? 15.052  4.619   1.239   1.00 60.14  ? 35  PHE A CZ  1 
ATOM   307  N  N   . ALA A 1 45  ? 10.215  6.583   -2.125  1.00 61.28  ? 36  ALA A N   1 
ATOM   308  C  CA  . ALA A 1 45  ? 9.160   7.260   -1.378  1.00 62.09  ? 36  ALA A CA  1 
ATOM   309  C  C   . ALA A 1 45  ? 7.795   6.615   -1.613  1.00 60.05  ? 36  ALA A C   1 
ATOM   310  O  O   . ALA A 1 45  ? 6.982   6.496   -0.682  1.00 67.20  ? 36  ALA A O   1 
ATOM   311  C  CB  . ALA A 1 45  ? 9.117   8.731   -1.748  1.00 63.35  ? 36  ALA A CB  1 
ATOM   312  N  N   . ALA A 1 46  ? 7.550   6.207   -2.855  1.00 53.09  ? 37  ALA A N   1 
ATOM   313  C  CA  . ALA A 1 46  ? 6.293   5.559   -3.248  1.00 53.39  ? 37  ALA A CA  1 
ATOM   314  C  C   . ALA A 1 46  ? 6.044   4.227   -2.527  1.00 50.39  ? 37  ALA A C   1 
ATOM   315  O  O   . ALA A 1 46  ? 4.910   3.914   -2.151  1.00 59.10  ? 37  ALA A O   1 
ATOM   316  C  CB  . ALA A 1 46  ? 6.278   5.348   -4.756  1.00 55.68  ? 37  ALA A CB  1 
ATOM   317  N  N   . ILE A 1 47  ? 7.111   3.450   -2.356  1.00 47.62  ? 38  ILE A N   1 
ATOM   318  C  CA  . ILE A 1 47  ? 7.070   2.149   -1.667  1.00 49.79  ? 38  ILE A CA  1 
ATOM   319  C  C   . ILE A 1 47  ? 6.857   2.343   -0.161  1.00 46.98  ? 38  ILE A C   1 
ATOM   320  O  O   . ILE A 1 47  ? 5.976   1.721   0.428   1.00 53.14  ? 38  ILE A O   1 
ATOM   321  C  CB  . ILE A 1 47  ? 8.356   1.330   -1.989  1.00 50.06  ? 38  ILE A CB  1 
ATOM   322  C  CG1 . ILE A 1 47  ? 8.318   0.861   -3.458  1.00 50.63  ? 38  ILE A CG1 1 
ATOM   323  C  CG2 . ILE A 1 47  ? 8.524   0.125   -1.086  1.00 51.51  ? 38  ILE A CG2 1 
ATOM   324  C  CD1 . ILE A 1 47  ? 9.663   0.520   -4.049  1.00 50.54  ? 38  ILE A CD1 1 
ATOM   325  N  N   . CYS A 1 48  ? 7.648   3.227   0.430   1.00 44.68  ? 39  CYS A N   1 
ATOM   326  C  CA  . CYS A 1 48  ? 7.506   3.613   1.820   1.00 48.01  ? 39  CYS A CA  1 
ATOM   327  C  C   . CYS A 1 48  ? 6.073   3.969   2.195   1.00 47.70  ? 39  CYS A C   1 
ATOM   328  O  O   . CYS A 1 48  ? 5.566   3.487   3.204   1.00 46.17  ? 39  CYS A O   1 
ATOM   329  C  CB  . CYS A 1 48  ? 8.427   4.789   2.132   1.00 47.03  ? 39  CYS A CB  1 
ATOM   330  S  SG  . CYS A 1 48  ? 10.154  4.314   2.162   0.83 48.92  ? 39  CYS A SG  1 
ATOM   331  N  N   . THR A 1 49  ? 5.439   4.785   1.351   1.00 49.82  ? 40  THR A N   1 
ATOM   332  C  CA  . THR A 1 49  ? 4.076   5.261   1.558   1.00 49.67  ? 40  THR A CA  1 
ATOM   333  C  C   . THR A 1 49  ? 3.083   4.115   1.470   1.00 49.63  ? 40  THR A C   1 
ATOM   334  O  O   . THR A 1 49  ? 2.225   3.982   2.344   1.00 50.30  ? 40  THR A O   1 
ATOM   335  C  CB  . THR A 1 49  ? 3.692   6.364   0.528   1.00 52.38  ? 40  THR A CB  1 
ATOM   336  O  OG1 . THR A 1 49  ? 4.666   7.401   0.548   1.00 59.64  ? 40  THR A OG1 1 
ATOM   337  C  CG2 . THR A 1 49  ? 2.344   7.003   0.834   1.00 54.58  ? 40  THR A CG2 1 
ATOM   338  N  N   . HIS A 1 50  ? 3.204   3.299   0.412   1.00 56.79  ? 41  HIS A N   1 
ATOM   339  C  CA  . HIS A 1 50  ? 2.369   2.101   0.235   1.00 53.26  ? 41  HIS A CA  1 
ATOM   340  C  C   . HIS A 1 50  ? 2.395   1.182   1.465   1.00 53.10  ? 41  HIS A C   1 
ATOM   341  O  O   . HIS A 1 50  ? 1.352   0.704   1.901   1.00 58.16  ? 41  HIS A O   1 
ATOM   342  C  CB  . HIS A 1 50  ? 2.810   1.294   -0.980  1.00 59.20  ? 41  HIS A CB  1 
ATOM   343  C  CG  . HIS A 1 50  ? 2.095   -0.003  -1.086  1.00 56.78  ? 41  HIS A CG  1 
ATOM   344  N  ND1 . HIS A 1 50  ? 2.686   -1.207  -0.787  1.00 61.56  ? 41  HIS A ND1 1 
ATOM   345  C  CD2 . HIS A 1 50  ? 0.794   -0.265  -1.327  1.00 57.03  ? 41  HIS A CD2 1 
ATOM   346  C  CE1 . HIS A 1 50  ? 1.782   -2.163  -0.885  1.00 58.94  ? 41  HIS A CE1 1 
ATOM   347  N  NE2 . HIS A 1 50  ? 0.628   -1.615  -1.211  1.00 56.40  ? 41  HIS A NE2 1 
ATOM   348  N  N   . LEU A 1 51  ? 3.596   0.940   1.996   1.00 57.30  ? 42  LEU A N   1 
ATOM   349  C  CA  . LEU A 1 51  ? 3.807   0.098   3.190   1.00 57.19  ? 42  LEU A CA  1 
ATOM   350  C  C   . LEU A 1 51  ? 3.163   0.692   4.428   1.00 55.03  ? 42  LEU A C   1 
ATOM   351  O  O   . LEU A 1 51  ? 2.429   0.013   5.152   1.00 54.97  ? 42  LEU A O   1 
ATOM   352  C  CB  . LEU A 1 51  ? 5.304   -0.105  3.449   1.00 56.96  ? 42  LEU A CB  1 
ATOM   353  C  CG  . LEU A 1 51  ? 6.009   -1.064  2.488   1.00 58.87  ? 42  LEU A CG  1 
ATOM   354  C  CD1 . LEU A 1 51  ? 7.513   -0.919  2.583   1.00 59.15  ? 42  LEU A CD1 1 
ATOM   355  C  CD2 . LEU A 1 51  ? 5.621   -2.498  2.790   1.00 58.26  ? 42  LEU A CD2 1 
ATOM   356  N  N   . GLU A 1 52  ? 3.423   1.974   4.654   1.00 52.87  ? 43  GLU A N   1 
ATOM   357  C  CA  . GLU A 1 52  ? 2.782   2.698   5.752   1.00 52.63  ? 43  GLU A CA  1 
ATOM   358  C  C   . GLU A 1 52  ? 1.260   2.600   5.751   1.00 49.39  ? 43  GLU A C   1 
ATOM   359  O  O   . GLU A 1 52  ? 0.666   2.294   6.778   1.00 45.18  ? 43  GLU A O   1 
ATOM   360  C  CB  . GLU A 1 52  ? 3.169   4.161   5.720   1.00 56.29  ? 43  GLU A CB  1 
ATOM   361  C  CG  . GLU A 1 52  ? 2.974   4.849   7.056   1.00 55.73  ? 43  GLU A CG  1 
ATOM   362  C  CD  . GLU A 1 52  ? 3.767   6.124   7.117   1.00 58.95  ? 43  GLU A CD  1 
ATOM   363  O  OE1 . GLU A 1 52  ? 4.853   6.122   7.729   1.00 71.96  ? 43  GLU A OE1 1 
ATOM   364  O  OE2 . GLU A 1 52  ? 3.318   7.116   6.512   1.00 66.09  ? 43  GLU A OE2 1 
ATOM   365  N  N   . VAL A 1 53  ? 0.644   2.844   4.590   1.00 47.12  ? 44  VAL A N   1 
ATOM   366  C  CA  . VAL A 1 53  ? -0.802  2.750   4.461   1.00 48.55  ? 44  VAL A CA  1 
ATOM   367  C  C   . VAL A 1 53  ? -1.254  1.336   4.866   1.00 48.90  ? 44  VAL A C   1 
ATOM   368  O  O   . VAL A 1 53  ? -2.157  1.203   5.694   1.00 47.99  ? 44  VAL A O   1 
ATOM   369  C  CB  . VAL A 1 53  ? -1.304  3.145   3.040   1.00 48.44  ? 44  VAL A CB  1 
ATOM   370  C  CG1 . VAL A 1 53  ? -2.783  2.844   2.870   1.00 47.28  ? 44  VAL A CG1 1 
ATOM   371  C  CG2 . VAL A 1 53  ? -1.072  4.626   2.789   1.00 52.05  ? 44  VAL A CG2 1 
ATOM   372  N  N   . CYS A 1 54  ? -0.587  0.311   4.318   1.00 47.77  ? 45  CYS A N   1 
ATOM   373  C  CA  . CYS A 1 54  ? -0.847  -1.090  4.673   1.00 47.38  ? 45  CYS A CA  1 
ATOM   374  C  C   . CYS A 1 54  ? -0.830  -1.263  6.192   1.00 47.70  ? 45  CYS A C   1 
ATOM   375  O  O   . CYS A 1 54  ? -1.808  -1.735  6.764   1.00 48.67  ? 45  CYS A O   1 
ATOM   376  C  CB  . CYS A 1 54  ? 0.145   -2.045  3.990   1.00 45.70  ? 45  CYS A CB  1 
ATOM   377  S  SG  . CYS A 1 54  ? -0.205  -2.388  2.251   0.76 43.30  ? 45  CYS A SG  1 
ATOM   378  N  N   . PHE A 1 55  ? 0.249   -0.814  6.829   1.00 45.85  ? 46  PHE A N   1 
ATOM   379  C  CA  . PHE A 1 55  ? 0.394   -0.914  8.288   1.00 51.75  ? 46  PHE A CA  1 
ATOM   380  C  C   . PHE A 1 55  ? -0.636  -0.089  9.042   1.00 54.05  ? 46  PHE A C   1 
ATOM   381  O  O   . PHE A 1 55  ? -1.121  -0.513  10.089  1.00 59.46  ? 46  PHE A O   1 
ATOM   382  C  CB  . PHE A 1 55  ? 1.823   -0.560  8.758   1.00 49.74  ? 46  PHE A CB  1 
ATOM   383  C  CG  . PHE A 1 55  ? 2.919   -1.432  8.142   1.00 60.89  ? 46  PHE A CG  1 
ATOM   384  C  CD1 . PHE A 1 55  ? 2.636   -2.685  7.557   1.00 62.48  ? 46  PHE A CD1 1 
ATOM   385  C  CD2 . PHE A 1 55  ? 4.246   -1.007  8.156   1.00 63.72  ? 46  PHE A CD2 1 
ATOM   386  C  CE1 . PHE A 1 55  ? 3.649   -3.462  7.009   1.00 68.79  ? 46  PHE A CE1 1 
ATOM   387  C  CE2 . PHE A 1 55  ? 5.261   -1.791  7.606   1.00 67.56  ? 46  PHE A CE2 1 
ATOM   388  C  CZ  . PHE A 1 55  ? 4.962   -3.015  7.026   1.00 63.54  ? 46  PHE A CZ  1 
ATOM   389  N  N   . MET A 1 56  ? -0.975  1.081   8.516   1.00 57.83  ? 47  MET A N   1 
ATOM   390  C  CA  . MET A 1 56  ? -2.020  1.919   9.120   1.00 57.12  ? 47  MET A CA  1 
ATOM   391  C  C   . MET A 1 56  ? -3.399  1.286   8.982   1.00 54.10  ? 47  MET A C   1 
ATOM   392  O  O   . MET A 1 56  ? -4.183  1.291   9.938   1.00 53.32  ? 47  MET A O   1 
ATOM   393  C  CB  . MET A 1 56  ? -2.040  3.327   8.509   1.00 58.61  ? 47  MET A CB  1 
ATOM   394  C  CG  . MET A 1 56  ? -0.938  4.227   9.010   1.00 60.82  ? 47  MET A CG  1 
ATOM   395  S  SD  . MET A 1 56  ? -1.024  5.864   8.286   0.83 64.19  ? 47  MET A SD  1 
ATOM   396  C  CE  . MET A 1 56  ? -2.290  6.590   9.317   1.00 66.22  ? 47  MET A CE  1 
ATOM   397  N  N   . TYR A 1 57  ? -3.681  0.774   7.783   0.90 57.99  ? 48  TYR A N   1 
ATOM   398  C  CA  . TYR A 1 57  ? -4.937  0.081   7.448   0.90 59.21  ? 48  TYR A CA  1 
ATOM   399  C  C   . TYR A 1 57  ? -5.155  -1.131  8.368   0.90 64.79  ? 48  TYR A C   1 
ATOM   400  O  O   . TYR A 1 57  ? -6.270  -1.366  8.830   0.90 69.93  ? 48  TYR A O   1 
ATOM   401  C  CB  . TYR A 1 57  ? -4.907  -0.360  5.973   0.90 59.44  ? 48  TYR A CB  1 
ATOM   402  C  CG  . TYR A 1 57  ? -6.245  -0.648  5.286   0.90 60.20  ? 48  TYR A CG  1 
ATOM   403  C  CD1 . TYR A 1 57  ? -7.039  -1.741  5.653   0.90 55.63  ? 48  TYR A CD1 1 
ATOM   404  C  CD2 . TYR A 1 57  ? -6.677  0.139   4.210   0.90 57.81  ? 48  TYR A CD2 1 
ATOM   405  C  CE1 . TYR A 1 57  ? -8.233  -2.017  5.000   0.90 55.55  ? 48  TYR A CE1 1 
ATOM   406  C  CE2 . TYR A 1 57  ? -7.864  -0.127  3.555   0.90 57.85  ? 48  TYR A CE2 1 
ATOM   407  C  CZ  . TYR A 1 57  ? -8.641  -1.191  3.946   0.90 58.80  ? 48  TYR A CZ  1 
ATOM   408  O  OH  . TYR A 1 57  ? -9.811  -1.408  3.263   0.90 57.73  ? 48  TYR A OH  1 
ATOM   409  N  N   . SER A 1 58  ? -4.088  -1.873  8.659   1.00 67.42  ? 49  SER A N   1 
ATOM   410  C  CA  . SER A 1 58  ? -4.180  -3.079  9.491   1.00 70.13  ? 49  SER A CA  1 
ATOM   411  C  C   . SER A 1 58  ? -4.509  -2.767  10.968  1.00 71.38  ? 49  SER A C   1 
ATOM   412  O  O   . SER A 1 58  ? -5.125  -3.582  11.649  1.00 77.97  ? 49  SER A O   1 
ATOM   413  C  CB  . SER A 1 58  ? -2.889  -3.915  9.371   1.00 71.22  ? 49  SER A CB  1 
ATOM   414  O  OG  . SER A 1 58  ? -1.725  -3.139  9.615   1.00 68.93  ? 49  SER A OG  1 
ATOM   415  N  N   . ASP A 1 59  ? -4.106  -1.590  11.446  1.00 75.18  ? 50  ASP A N   1 
ATOM   416  C  CA  . ASP A 1 59  ? -4.523  -1.095  12.766  1.00 76.44  ? 50  ASP A CA  1 
ATOM   417  C  C   . ASP A 1 59  ? -5.922  -0.472  12.738  1.00 74.62  ? 50  ASP A C   1 
ATOM   418  O  O   . ASP A 1 59  ? -6.531  -0.337  13.776  1.00 73.34  ? 50  ASP A O   1 
ATOM   419  C  CB  . ASP A 1 59  ? -3.505  -0.093  13.334  1.00 75.20  ? 50  ASP A CB  1 
ATOM   420  C  CG  . ASP A 1 59  ? -2.282  -0.780  13.937  1.00 77.52  ? 50  ASP A CG  1 
ATOM   421  O  OD2 . ASP A 1 59  ? -1.431  -0.089  14.545  1.00 73.47  ? 50  ASP A OD2 1 
ATOM   422  N  N   . GLY A 1 60  ? -6.416  -0.099  11.558  1.00 88.60  ? 51  GLY A N   1 
ATOM   423  C  CA  . GLY A 1 60  ? -7.763  0.473   11.365  1.00 92.50  ? 51  GLY A CA  1 
ATOM   424  C  C   . GLY A 1 60  ? -8.878  0.093   12.331  1.00 95.16  ? 51  GLY A C   1 
ATOM   425  O  O   . GLY A 1 60  ? -9.357  0.947   13.080  1.00 104.78 ? 51  GLY A O   1 
ATOM   426  N  N   . GLY A 1 61  ? -9.281  -1.182  12.323  1.00 100.70 ? 52  GLY A N   1 
ATOM   427  C  CA  . GLY A 1 61  ? -10.501 -1.639  13.030  1.00 102.19 ? 52  GLY A CA  1 
ATOM   428  C  C   . GLY A 1 61  ? -10.299 -2.472  14.294  1.00 100.96 ? 52  GLY A C   1 
ATOM   429  O  O   . GLY A 1 61  ? -9.563  -2.080  15.207  1.00 90.65  ? 52  GLY A O   1 
ATOM   430  N  N   . SER A 1 62  ? -10.979 -3.621  14.346  1.00 104.82 ? 53  SER A N   1 
ATOM   431  C  CA  . SER A 1 62  ? -10.887 -4.559  15.478  1.00 104.95 ? 53  SER A CA  1 
ATOM   432  C  C   . SER A 1 62  ? -9.459  -5.100  15.659  1.00 102.59 ? 53  SER A C   1 
ATOM   433  O  O   . SER A 1 62  ? -8.649  -5.084  14.729  1.00 104.80 ? 53  SER A O   1 
ATOM   434  C  CB  . SER A 1 62  ? -11.865 -5.743  15.298  1.00 108.93 ? 53  SER A CB  1 
ATOM   435  O  OG  . SER A 1 62  ? -13.033 -5.392  14.561  1.00 108.33 ? 53  SER A OG  1 
ATOM   436  N  N   . LYS A 1 63  ? -9.167  -5.588  16.860  1.00 102.19 ? 73  LYS A N   1 
ATOM   437  C  CA  . LYS A 1 63  ? -7.835  -6.105  17.188  1.00 99.87  ? 73  LYS A CA  1 
ATOM   438  C  C   . LYS A 1 63  ? -7.559  -7.444  16.496  1.00 94.30  ? 73  LYS A C   1 
ATOM   439  O  O   . LYS A 1 63  ? -8.188  -8.449  16.820  1.00 90.16  ? 73  LYS A O   1 
ATOM   440  C  CB  . LYS A 1 63  ? -7.698  -6.255  18.702  1.00 101.74 ? 73  LYS A CB  1 
ATOM   441  C  CG  . LYS A 1 63  ? -6.304  -6.648  19.177  1.00 100.85 ? 73  LYS A CG  1 
ATOM   442  C  CD  . LYS A 1 63  ? -5.994  -6.042  20.539  1.00 102.47 ? 73  LYS A CD  1 
ATOM   443  C  CE  . LYS A 1 63  ? -5.005  -6.881  21.327  1.00 102.97 ? 73  LYS A CE  1 
ATOM   444  N  NZ  . LYS A 1 63  ? -5.715  -7.995  22.015  1.00 103.54 ? 73  LYS A NZ  1 
ATOM   445  N  N   . HIS A 1 64  ? -6.614  -7.439  15.552  1.00 90.52  ? 74  HIS A N   1 
ATOM   446  C  CA  . HIS A 1 64  ? -6.331  -8.598  14.699  1.00 86.16  ? 74  HIS A CA  1 
ATOM   447  C  C   . HIS A 1 64  ? -7.519  -8.918  13.772  1.00 80.90  ? 74  HIS A C   1 
ATOM   448  O  O   . HIS A 1 64  ? -7.799  -10.094 13.494  1.00 76.02  ? 74  HIS A O   1 
ATOM   449  C  CB  . HIS A 1 64  ? -5.930  -9.824  15.556  1.00 93.31  ? 74  HIS A CB  1 
ATOM   450  C  CG  . HIS A 1 64  ? -4.884  -10.694 14.933  1.00 101.03 ? 74  HIS A CG  1 
ATOM   451  N  ND1 . HIS A 1 64  ? -3.700  -10.187 14.444  1.00 105.48 ? 74  HIS A ND1 1 
ATOM   452  C  CD2 . HIS A 1 64  ? -4.825  -12.036 14.747  1.00 104.27 ? 74  HIS A CD2 1 
ATOM   453  C  CE1 . HIS A 1 64  ? -2.964  -11.174 13.969  1.00 109.17 ? 74  HIS A CE1 1 
ATOM   454  N  NE2 . HIS A 1 64  ? -3.622  -12.308 14.142  1.00 108.56 ? 74  HIS A NE2 1 
ATOM   455  N  N   . ARG A 1 65  ? -8.216  -7.875  13.298  1.00 74.88  ? 75  ARG A N   1 
ATOM   456  C  CA  . ARG A 1 65  ? -9.163  -8.040  12.183  1.00 74.88  ? 75  ARG A CA  1 
ATOM   457  C  C   . ARG A 1 65  ? -8.391  -8.442  10.917  1.00 71.65  ? 75  ARG A C   1 
ATOM   458  O  O   . ARG A 1 65  ? -8.899  -9.208  10.093  1.00 78.72  ? 75  ARG A O   1 
ATOM   459  C  CB  . ARG A 1 65  ? -10.013 -6.773  11.920  1.00 76.29  ? 75  ARG A CB  1 
ATOM   460  C  CG  . ARG A 1 65  ? -10.849 -6.882  10.644  1.00 81.07  ? 75  ARG A CG  1 
ATOM   461  C  CD  . ARG A 1 65  ? -11.930 -5.838  10.451  1.00 85.50  ? 75  ARG A CD  1 
ATOM   462  N  NE  . ARG A 1 65  ? -12.587 -6.054  9.153   1.00 90.44  ? 75  ARG A NE  1 
ATOM   463  C  CZ  . ARG A 1 65  ? -13.498 -5.254  8.599   1.00 89.31  ? 75  ARG A CZ  1 
ATOM   464  N  NH1 . ARG A 1 65  ? -13.895 -4.147  9.218   1.00 93.31  ? 75  ARG A NH1 1 
ATOM   465  N  NH2 . ARG A 1 65  ? -14.021 -5.560  7.411   1.00 95.15  ? 75  ARG A NH2 1 
ATOM   466  N  N   . PHE A 1 66  ? -7.165  -7.928  10.787  1.00 65.81  ? 76  PHE A N   1 
ATOM   467  C  CA  . PHE A 1 66  ? -6.375  -8.059  9.575   1.00 68.37  ? 76  PHE A CA  1 
ATOM   468  C  C   . PHE A 1 66  ? -5.069  -8.797  9.821   1.00 69.33  ? 76  PHE A C   1 
ATOM   469  O  O   . PHE A 1 66  ? -4.389  -8.574  10.827  1.00 67.27  ? 76  PHE A O   1 
ATOM   470  C  CB  . PHE A 1 66  ? -6.076  -6.677  8.997   1.00 65.61  ? 76  PHE A CB  1 
ATOM   471  C  CG  . PHE A 1 66  ? -7.302  -5.927  8.587   1.00 72.63  ? 76  PHE A CG  1 
ATOM   472  C  CD1 . PHE A 1 66  ? -8.003  -6.296  7.439   1.00 78.27  ? 76  PHE A CD1 1 
ATOM   473  C  CD2 . PHE A 1 66  ? -7.782  -4.865  9.359   1.00 71.14  ? 76  PHE A CD2 1 
ATOM   474  C  CE1 . PHE A 1 66  ? -9.143  -5.603  7.055   1.00 77.89  ? 76  PHE A CE1 1 
ATOM   475  C  CE2 . PHE A 1 66  ? -8.919  -4.180  8.978   1.00 75.20  ? 76  PHE A CE2 1 
ATOM   476  C  CZ  . PHE A 1 66  ? -9.602  -4.549  7.826   1.00 76.00  ? 76  PHE A CZ  1 
ATOM   477  N  N   . GLU A 1 67  ? -4.751  -9.693  8.893   1.00 70.79  ? 77  GLU A N   1 
ATOM   478  C  CA  . GLU A 1 67  ? -3.437  -10.310 8.803   1.00 67.37  ? 77  GLU A CA  1 
ATOM   479  C  C   . GLU A 1 67  ? -2.673  -9.523  7.739   1.00 64.24  ? 77  GLU A C   1 
ATOM   480  O  O   . GLU A 1 67  ? -3.198  -9.333  6.636   1.00 54.08  ? 77  GLU A O   1 
ATOM   481  C  CB  . GLU A 1 67  ? -3.571  -11.788 8.394   1.00 65.24  ? 77  GLU A CB  1 
ATOM   482  C  CG  . GLU A 1 67  ? -2.424  -12.676 8.854   1.00 66.78  ? 77  GLU A CG  1 
ATOM   483  C  CD  . GLU A 1 67  ? -2.235  -12.601 10.354  1.00 67.19  ? 77  GLU A CD  1 
ATOM   484  O  OE1 . GLU A 1 67  ? -3.123  -13.095 11.068  1.00 61.29  ? 77  GLU A OE1 1 
ATOM   485  O  OE2 . GLU A 1 67  ? -1.237  -12.000 10.812  1.00 68.41  ? 77  GLU A OE2 1 
ATOM   486  N  N   . ILE A 1 68  ? -1.465  -9.059  8.082   1.00 58.80  ? 78  ILE A N   1 
ATOM   487  C  CA  . ILE A 1 68  ? -0.575  -8.390  7.136   1.00 55.66  ? 78  ILE A CA  1 
ATOM   488  C  C   . ILE A 1 68  ? 0.104   -9.440  6.268   1.00 56.11  ? 78  ILE A C   1 
ATOM   489  O  O   . ILE A 1 68  ? 0.549   -10.464 6.776   1.00 59.05  ? 78  ILE A O   1 
ATOM   490  C  CB  . ILE A 1 68  ? 0.504   -7.533  7.836   1.00 57.47  ? 78  ILE A CB  1 
ATOM   491  C  CG1 . ILE A 1 68  ? -0.158  -6.432  8.682   1.00 52.69  ? 78  ILE A CG1 1 
ATOM   492  C  CG2 . ILE A 1 68  ? 1.430   -6.901  6.804   1.00 58.63  ? 78  ILE A CG2 1 
ATOM   493  C  CD1 . ILE A 1 68  ? 0.802   -5.599  9.517   1.00 49.09  ? 78  ILE A CD1 1 
ATOM   494  N  N   . ILE A 1 69  ? 0.138   -9.186  4.962   1.00 52.59  ? 79  ILE A N   1 
ATOM   495  C  CA  . ILE A 1 69  ? 0.857   -10.003 3.990   1.00 51.77  ? 79  ILE A CA  1 
ATOM   496  C  C   . ILE A 1 69  ? 2.005   -9.192  3.357   1.00 53.48  ? 79  ILE A C   1 
ATOM   497  O  O   . ILE A 1 69  ? 3.101   -9.720  3.142   1.00 54.67  ? 79  ILE A O   1 
ATOM   498  C  CB  . ILE A 1 69  ? -0.121  -10.568 2.935   1.00 54.05  ? 79  ILE A CB  1 
ATOM   499  C  CG1 . ILE A 1 69  ? -1.233  -11.376 3.624   1.00 55.77  ? 79  ILE A CG1 1 
ATOM   500  C  CG2 . ILE A 1 69  ? 0.601   -11.441 1.917   1.00 53.18  ? 79  ILE A CG2 1 
ATOM   501  C  CD1 . ILE A 1 69  ? -2.428  -11.687 2.751   1.00 54.39  ? 79  ILE A CD1 1 
ATOM   502  N  N   . GLU A 1 70  ? 1.756   -7.921  3.049   1.00 51.87  ? 80  GLU A N   1 
ATOM   503  C  CA  . GLU A 1 70  ? 2.789   -7.022  2.520   1.00 53.36  ? 80  GLU A CA  1 
ATOM   504  C  C   . GLU A 1 70  ? 3.903   -6.855  3.548   1.00 51.77  ? 80  GLU A C   1 
ATOM   505  O  O   . GLU A 1 70  ? 3.658   -6.934  4.743   1.00 54.08  ? 80  GLU A O   1 
ATOM   506  C  CB  . GLU A 1 70  ? 2.173   -5.643  2.181   1.00 53.17  ? 80  GLU A CB  1 
ATOM   507  C  CG  . GLU A 1 70  ? 3.101   -4.640  1.501   1.00 49.99  ? 80  GLU A CG  1 
ATOM   508  C  CD  . GLU A 1 70  ? 3.584   -5.081  0.115   1.00 54.68  ? 80  GLU A CD  1 
ATOM   509  O  OE1 . GLU A 1 70  ? 4.763   -5.434  -0.011  1.00 56.22  ? 80  GLU A OE1 1 
ATOM   510  O  OE2 . GLU A 1 70  ? 2.800   -5.080  -0.871  1.00 51.85  ? 80  GLU A OE2 1 
ATOM   511  N  N   . GLY A 1 71  ? 5.124   -6.639  3.072   1.00 54.33  ? 81  GLY A N   1 
ATOM   512  C  CA  . GLY A 1 71  ? 6.284   -6.431  3.940   1.00 56.13  ? 81  GLY A CA  1 
ATOM   513  C  C   . GLY A 1 71  ? 6.998   -7.710  4.347   1.00 52.43  ? 81  GLY A C   1 
ATOM   514  O  O   . GLY A 1 71  ? 8.185   -7.684  4.672   1.00 62.74  ? 81  GLY A O   1 
ATOM   515  N  N   . ARG A 1 72  ? 6.291   -8.829  4.319   1.00 50.99  ? 82  ARG A N   1 
ATOM   516  C  CA  . ARG A 1 72  ? 6.880   -10.143 4.610   1.00 54.61  ? 82  ARG A CA  1 
ATOM   517  C  C   . ARG A 1 72  ? 7.692   -10.678 3.423   1.00 57.98  ? 82  ARG A C   1 
ATOM   518  O  O   . ARG A 1 72  ? 7.421   -10.298 2.278   1.00 69.25  ? 82  ARG A O   1 
ATOM   519  C  CB  . ARG A 1 72  ? 5.765   -11.118 4.955   1.00 49.63  ? 82  ARG A CB  1 
ATOM   520  C  CG  . ARG A 1 72  ? 4.988   -10.747 6.206   1.00 51.78  ? 82  ARG A CG  1 
ATOM   521  C  CD  . ARG A 1 72  ? 3.886   -11.760 6.442   1.00 54.27  ? 82  ARG A CD  1 
ATOM   522  N  NE  . ARG A 1 72  ? 2.930   -11.379 7.487   1.00 59.00  ? 82  ARG A NE  1 
ATOM   523  C  CZ  . ARG A 1 72  ? 3.136   -11.482 8.799   1.00 61.05  ? 82  ARG A CZ  1 
ATOM   524  N  NH1 . ARG A 1 72  ? 4.294   -11.932 9.287   1.00 63.67  ? 82  ARG A NH1 1 
ATOM   525  N  NH2 . ARG A 1 72  ? 2.161   -11.119 9.634   1.00 64.97  ? 82  ARG A NH2 1 
ATOM   526  N  N   . ASP A 1 73  ? 8.671   -11.559 3.688   1.00 60.58  ? 83  ASP A N   1 
ATOM   527  C  CA  . ASP A 1 73  ? 9.383   -12.274 2.605   1.00 62.21  ? 83  ASP A CA  1 
ATOM   528  C  C   . ASP A 1 73  ? 8.416   -13.234 1.935   1.00 56.02  ? 83  ASP A C   1 
ATOM   529  O  O   . ASP A 1 73  ? 7.349   -13.519 2.476   1.00 55.49  ? 83  ASP A O   1 
ATOM   530  C  CB  . ASP A 1 73  ? 10.715  -12.957 3.048   1.00 69.63  ? 83  ASP A CB  1 
ATOM   531  C  CG  . ASP A 1 73  ? 10.529  -14.144 4.005   1.00 76.17  ? 83  ASP A CG  1 
ATOM   532  O  OD1 . ASP A 1 73  ? 9.597   -14.958 3.842   1.00 79.11  ? 83  ASP A OD1 1 
ATOM   533  O  OD2 . ASP A 1 73  ? 11.369  -14.284 4.922   1.00 87.63  ? 83  ASP A OD2 1 
ATOM   534  N  N   . ARG A 1 74  ? 8.783   -13.706 0.753   1.00 56.64  ? 84  ARG A N   1 
ATOM   535  C  CA  . ARG A 1 74  ? 7.830   -14.386 -0.117  1.00 58.11  ? 84  ARG A CA  1 
ATOM   536  C  C   . ARG A 1 74  ? 7.341   -15.714 0.454   1.00 59.85  ? 84  ARG A C   1 
ATOM   537  O  O   . ARG A 1 74  ? 6.153   -16.023 0.340   1.00 60.90  ? 84  ARG A O   1 
ATOM   538  C  CB  . ARG A 1 74  ? 8.410   -14.521 -1.525  1.00 58.49  ? 84  ARG A CB  1 
ATOM   539  C  CG  . ARG A 1 74  ? 8.510   -13.166 -2.217  1.00 55.39  ? 84  ARG A CG  1 
ATOM   540  C  CD  . ARG A 1 74  ? 9.057   -13.245 -3.631  1.00 58.40  ? 84  ARG A CD  1 
ATOM   541  N  NE  . ARG A 1 74  ? 9.305   -11.918 -4.216  1.00 57.07  ? 84  ARG A NE  1 
ATOM   542  C  CZ  . ARG A 1 74  ? 10.328  -11.126 -3.886  1.00 66.47  ? 84  ARG A CZ  1 
ATOM   543  N  NH1 . ARG A 1 74  ? 11.200  -11.493 -2.923  1.00 69.04  ? 84  ARG A NH1 1 
ATOM   544  N  NH2 . ARG A 1 74  ? 10.487  -9.947  -4.499  1.00 60.86  ? 84  ARG A NH2 1 
ATOM   545  N  N   . ILE A 1 75  ? 8.235   -16.453 1.126   1.00 57.59  ? 85  ILE A N   1 
ATOM   546  C  CA  . ILE A 1 75  ? 7.907   -17.762 1.714   1.00 55.03  ? 85  ILE A CA  1 
ATOM   547  C  C   . ILE A 1 75  ? 6.859   -17.639 2.854   1.00 54.31  ? 85  ILE A C   1 
ATOM   548  O  O   . ILE A 1 75  ? 5.855   -18.387 2.888   1.00 51.85  ? 85  ILE A O   1 
ATOM   549  C  CB  . ILE A 1 75  ? 9.178   -18.488 2.237   1.00 57.74  ? 85  ILE A CB  1 
ATOM   550  C  CG1 . ILE A 1 75  ? 10.152  -18.816 1.096   1.00 60.34  ? 85  ILE A CG1 1 
ATOM   551  C  CG2 . ILE A 1 75  ? 8.818   -19.773 2.976   1.00 58.81  ? 85  ILE A CG2 1 
ATOM   552  C  CD1 . ILE A 1 75  ? 11.572  -19.058 1.563   1.00 61.07  ? 85  ILE A CD1 1 
ATOM   553  N  N   . MET A 1 76  ? 7.109   -16.715 3.783   1.00 54.55  ? 86  MET A N   1 
ATOM   554  C  CA  . MET A 1 76  ? 6.194   -16.450 4.911   1.00 53.73  ? 86  MET A CA  1 
ATOM   555  C  C   . MET A 1 76  ? 4.886   -15.894 4.400   1.00 57.64  ? 86  MET A C   1 
ATOM   556  O  O   . MET A 1 76  ? 3.823   -16.334 4.825   1.00 61.14  ? 86  MET A O   1 
ATOM   557  C  CB  . MET A 1 76  ? 6.807   -15.472 5.899   1.00 57.12  ? 86  MET A CB  1 
ATOM   558  C  CG  . MET A 1 76  ? 7.971   -16.030 6.711   1.00 58.96  ? 86  MET A CG  1 
ATOM   559  S  SD  . MET A 1 76  ? 7.581   -17.585 7.550   0.61 61.54  ? 86  MET A SD  1 
ATOM   560  C  CE  . MET A 1 76  ? 5.992   -17.204 8.285   1.00 56.97  ? 86  MET A CE  1 
ATOM   561  N  N   . ALA A 1 77  ? 4.992   -14.960 3.450   1.00 61.93  ? 87  ALA A N   1 
ATOM   562  C  CA  . ALA A 1 77  ? 3.847   -14.345 2.776   1.00 59.59  ? 87  ALA A CA  1 
ATOM   563  C  C   . ALA A 1 77  ? 2.913   -15.390 2.210   1.00 57.12  ? 87  ALA A C   1 
ATOM   564  O  O   . ALA A 1 77  ? 1.708   -15.374 2.472   1.00 56.91  ? 87  ALA A O   1 
ATOM   565  C  CB  . ALA A 1 77  ? 4.318   -13.421 1.668   1.00 62.28  ? 87  ALA A CB  1 
ATOM   566  N  N   . TRP A 1 78  ? 3.491   -16.303 1.442   1.00 58.32  ? 88  TRP A N   1 
ATOM   567  C  CA  . TRP A 1 78  ? 2.751   -17.426 0.866   1.00 54.42  ? 88  TRP A CA  1 
ATOM   568  C  C   . TRP A 1 78  ? 2.289   -18.448 1.901   1.00 55.55  ? 88  TRP A C   1 
ATOM   569  O  O   . TRP A 1 78  ? 1.219   -19.047 1.748   1.00 64.16  ? 88  TRP A O   1 
ATOM   570  C  CB  . TRP A 1 78  ? 3.567   -18.083 -0.265  1.00 52.50  ? 88  TRP A CB  1 
ATOM   571  C  CG  . TRP A 1 78  ? 3.389   -17.360 -1.585  1.00 52.37  ? 88  TRP A CG  1 
ATOM   572  C  CD1 . TRP A 1 78  ? 4.345   -16.698 -2.307  1.00 54.69  ? 88  TRP A CD1 1 
ATOM   573  C  CD2 . TRP A 1 78  ? 2.163   -17.211 -2.313  1.00 51.04  ? 88  TRP A CD2 1 
ATOM   574  N  NE1 . TRP A 1 78  ? 3.793   -16.166 -3.445  1.00 54.19  ? 88  TRP A NE1 1 
ATOM   575  C  CE2 . TRP A 1 78  ? 2.454   -16.465 -3.473  1.00 52.61  ? 88  TRP A CE2 1 
ATOM   576  C  CE3 . TRP A 1 78  ? 0.845   -17.658 -2.104  1.00 52.68  ? 88  TRP A CE3 1 
ATOM   577  C  CZ2 . TRP A 1 78  ? 1.476   -16.146 -4.422  1.00 52.82  ? 88  TRP A CZ2 1 
ATOM   578  C  CZ3 . TRP A 1 78  ? -0.132  -17.336 -3.049  1.00 49.51  ? 88  TRP A CZ3 1 
ATOM   579  C  CH2 . TRP A 1 78  ? 0.194   -16.585 -4.187  1.00 51.77  ? 88  TRP A CH2 1 
ATOM   580  N  N   . THR A 1 79  ? 3.079   -18.651 2.955   1.00 61.90  ? 89  THR A N   1 
ATOM   581  C  CA  . THR A 1 79  ? 2.654   -19.503 4.074   1.00 65.07  ? 89  THR A CA  1 
ATOM   582  C  C   . THR A 1 79  ? 1.340   -18.989 4.677   1.00 64.19  ? 89  THR A C   1 
ATOM   583  O  O   . THR A 1 79  ? 0.407   -19.771 4.909   1.00 64.63  ? 89  THR A O   1 
ATOM   584  C  CB  . THR A 1 79  ? 3.740   -19.614 5.176   1.00 63.74  ? 89  THR A CB  1 
ATOM   585  O  OG1 . THR A 1 79  ? 4.920   -20.219 4.626   1.00 62.10  ? 89  THR A OG1 1 
ATOM   586  C  CG2 . THR A 1 79  ? 3.259   -20.473 6.332   1.00 61.61  ? 89  THR A CG2 1 
ATOM   587  N  N   . VAL A 1 80  ? 1.280   -17.678 4.912   1.00 64.28  ? 90  VAL A N   1 
ATOM   588  C  CA  . VAL A 1 80  ? 0.080   -17.023 5.456   1.00 63.21  ? 90  VAL A CA  1 
ATOM   589  C  C   . VAL A 1 80  ? -1.110  -17.193 4.503   1.00 60.37  ? 90  VAL A C   1 
ATOM   590  O  O   . VAL A 1 80  ? -2.193  -17.602 4.926   1.00 57.70  ? 90  VAL A O   1 
ATOM   591  C  CB  . VAL A 1 80  ? 0.350   -15.534 5.771   1.00 66.24  ? 90  VAL A CB  1 
ATOM   592  C  CG1 . VAL A 1 80  ? -0.929  -14.783 6.134   1.00 69.01  ? 90  VAL A CG1 1 
ATOM   593  C  CG2 . VAL A 1 80  ? 1.367   -15.402 6.906   1.00 62.57  ? 90  VAL A CG2 1 
ATOM   594  N  N   . VAL A 1 81  ? -0.889  -16.934 3.218   1.00 63.35  ? 91  VAL A N   1 
ATOM   595  C  CA  . VAL A 1 81  ? -1.936  -17.097 2.204   1.00 70.21  ? 91  VAL A CA  1 
ATOM   596  C  C   . VAL A 1 81  ? -2.436  -18.543 2.194   1.00 80.24  ? 91  VAL A C   1 
ATOM   597  O  O   . VAL A 1 81  ? -3.596  -18.779 2.533   1.00 89.71  ? 91  VAL A O   1 
ATOM   598  C  CB  . VAL A 1 81  ? -1.455  -16.676 0.795   1.00 70.43  ? 91  VAL A CB  1 
ATOM   599  C  CG1 . VAL A 1 81  ? -2.469  -17.058 -0.282  1.00 72.27  ? 91  VAL A CG1 1 
ATOM   600  C  CG2 . VAL A 1 81  ? -1.204  -15.177 0.748   1.00 69.38  ? 91  VAL A CG2 1 
ATOM   601  N  N   . ASN A 1 82  ? -1.558  -19.493 1.833   1.00 84.59  ? 92  ASN A N   1 
ATOM   602  C  CA  . ASN A 1 82  ? -1.899  -20.939 1.762   1.00 86.77  ? 92  ASN A CA  1 
ATOM   603  C  C   . ASN A 1 82  ? -2.617  -21.448 3.014   1.00 84.06  ? 92  ASN A C   1 
ATOM   604  O  O   . ASN A 1 82  ? -3.552  -22.240 2.913   1.00 88.81  ? 92  ASN A O   1 
ATOM   605  C  CB  . ASN A 1 82  ? -0.646  -21.810 1.547   1.00 88.33  ? 92  ASN A CB  1 
ATOM   606  C  CG  . ASN A 1 82  ? -0.138  -21.802 0.105   1.00 90.65  ? 92  ASN A CG  1 
ATOM   607  O  OD1 . ASN A 1 82  ? -0.833  -21.383 -0.834  1.00 78.57  ? 92  ASN A OD1 1 
ATOM   608  N  ND2 . ASN A 1 82  ? 1.096   -22.281 -0.074  1.00 90.45  ? 92  ASN A ND2 1 
ATOM   609  N  N   . SER A 1 83  ? -2.165  -20.991 4.180   1.00 79.55  ? 93  SER A N   1 
ATOM   610  C  CA  . SER A 1 83  ? -2.792  -21.322 5.467   1.00 82.19  ? 93  SER A CA  1 
ATOM   611  C  C   . SER A 1 83  ? -4.252  -20.856 5.580   1.00 85.43  ? 93  SER A C   1 
ATOM   612  O  O   . SER A 1 83  ? -5.120  -21.609 6.045   1.00 90.01  ? 93  SER A O   1 
ATOM   613  C  CB  . SER A 1 83  ? -1.989  -20.716 6.616   1.00 77.76  ? 93  SER A CB  1 
ATOM   614  O  OG  . SER A 1 83  ? -2.709  -20.782 7.827   1.00 80.15  ? 93  SER A OG  1 
ATOM   615  N  N   . ILE A 1 84  ? -4.499  -19.614 5.164   1.00 82.87  ? 94  ILE A N   1 
ATOM   616  C  CA  . ILE A 1 84  ? -5.827  -18.995 5.243   1.00 84.48  ? 94  ILE A CA  1 
ATOM   617  C  C   . ILE A 1 84  ? -6.830  -19.626 4.258   1.00 82.34  ? 94  ILE A C   1 
ATOM   618  O  O   . ILE A 1 84  ? -8.004  -19.781 4.605   1.00 81.07  ? 94  ILE A O   1 
ATOM   619  C  CB  . ILE A 1 84  ? -5.745  -17.448 5.063   1.00 83.03  ? 94  ILE A CB  1 
ATOM   620  C  CG1 . ILE A 1 84  ? -5.039  -16.819 6.273   1.00 84.22  ? 94  ILE A CG1 1 
ATOM   621  C  CG2 . ILE A 1 84  ? -7.134  -16.823 4.929   1.00 86.52  ? 94  ILE A CG2 1 
ATOM   622  C  CD1 . ILE A 1 84  ? -4.619  -15.374 6.080   1.00 84.39  ? 94  ILE A CD1 1 
ATOM   623  N  N   . CYS A 1 85  ? -6.367  -19.964 3.048   1.00 83.85  ? 95  CYS A N   1 
ATOM   624  C  CA  . CYS A 1 85  ? -7.179  -20.667 2.028   1.00 91.57  ? 95  CYS A CA  1 
ATOM   625  C  C   . CYS A 1 85  ? -7.487  -22.127 2.391   1.00 100.47 ? 95  CYS A C   1 
ATOM   626  O  O   . CYS A 1 85  ? -8.515  -22.671 1.970   1.00 102.07 ? 95  CYS A O   1 
ATOM   627  C  CB  . CYS A 1 85  ? -6.478  -20.660 0.657   1.00 89.75  ? 95  CYS A CB  1 
ATOM   628  S  SG  . CYS A 1 85  ? -5.774  -19.082 0.144   0.72 84.50  ? 95  CYS A SG  1 
ATOM   629  N  N   . ASN A 1 86  ? -6.572  -22.758 3.133   1.00 112.27 ? 96  ASN A N   1 
ATOM   630  C  CA  . ASN A 1 86  ? -6.758  -24.123 3.642   1.00 116.01 ? 96  ASN A CA  1 
ATOM   631  C  C   . ASN A 1 86  ? -7.854  -24.184 4.717   1.00 117.60 ? 96  ASN A C   1 
ATOM   632  O  O   . ASN A 1 86  ? -8.680  -25.105 4.713   1.00 129.84 ? 96  ASN A O   1 
ATOM   633  C  CB  . ASN A 1 86  ? -5.440  -24.673 4.211   1.00 110.89 ? 96  ASN A CB  1 
ATOM   634  N  N   . THR A 1 87  ? -7.863  -23.194 5.617   1.00 107.56 ? 97  THR A N   1 
ATOM   635  C  CA  . THR A 1 87  ? -8.790  -23.152 6.756   1.00 100.34 ? 97  THR A CA  1 
ATOM   636  C  C   . THR A 1 87  ? -10.155 -22.488 6.453   1.00 98.03  ? 97  THR A C   1 
ATOM   637  O  O   . THR A 1 87  ? -11.113 -22.698 7.203   1.00 100.64 ? 97  THR A O   1 
ATOM   638  C  CB  . THR A 1 87  ? -8.128  -22.460 7.969   1.00 94.69  ? 97  THR A CB  1 
ATOM   639  O  OG1 . THR A 1 87  ? -7.669  -21.166 7.589   1.00 100.99 ? 97  THR A OG1 1 
ATOM   640  C  CG2 . THR A 1 87  ? -6.933  -23.265 8.467   1.00 96.11  ? 97  THR A CG2 1 
ATOM   641  N  N   . THR A 1 88  ? -10.242 -21.687 5.387   1.00 91.80  ? 98  THR A N   1 
ATOM   642  C  CA  . THR A 1 88  ? -11.525 -21.132 4.918   1.00 92.89  ? 98  THR A CA  1 
ATOM   643  C  C   . THR A 1 88  ? -12.018 -21.861 3.663   1.00 98.20  ? 98  THR A C   1 
ATOM   644  O  O   . THR A 1 88  ? -13.120 -22.410 3.655   1.00 111.74 ? 98  THR A O   1 
ATOM   645  C  CB  . THR A 1 88  ? -11.456 -19.604 4.634   1.00 88.31  ? 98  THR A CB  1 
ATOM   646  O  OG1 . THR A 1 88  ? -10.590 -19.327 3.524   1.00 87.79  ? 98  THR A OG1 1 
ATOM   647  C  CG2 . THR A 1 88  ? -10.983 -18.834 5.856   1.00 84.01  ? 98  THR A CG2 1 
ATOM   648  N  N   . GLY A 1 89  ? -11.184 -21.882 2.626   1.00 98.75  ? 99  GLY A N   1 
ATOM   649  C  CA  . GLY A 1 89  ? -11.571 -22.349 1.293   1.00 99.34  ? 99  GLY A CA  1 
ATOM   650  C  C   . GLY A 1 89  ? -11.811 -21.214 0.303   1.00 102.13 ? 99  GLY A C   1 
ATOM   651  O  O   . GLY A 1 89  ? -12.382 -21.454 -0.768  1.00 107.97 ? 99  GLY A O   1 
ATOM   652  N  N   . VAL A 1 90  ? -11.389 -19.986 0.656   1.00 103.05 ? 100 VAL A N   1 
ATOM   653  C  CA  . VAL A 1 90  ? -11.416 -18.830 -0.267  1.00 95.21  ? 100 VAL A CA  1 
ATOM   654  C  C   . VAL A 1 90  ? -10.317 -19.021 -1.314  1.00 93.79  ? 100 VAL A C   1 
ATOM   655  O  O   . VAL A 1 90  ? -9.169  -19.321 -0.959  1.00 90.87  ? 100 VAL A O   1 
ATOM   656  C  CB  . VAL A 1 90  ? -11.275 -17.463 0.466   1.00 91.82  ? 100 VAL A CB  1 
ATOM   657  C  CG2 . VAL A 1 90  ? -9.893  -17.251 1.076   0.65 88.58  ? 100 VAL A CG2 1 
ATOM   658  N  N   . GLU A 1 91  ? -10.677 -18.871 -2.590  1.00 88.61  ? 101 GLU A N   1 
ATOM   659  C  CA  . GLU A 1 91  ? -9.791  -19.233 -3.705  1.00 94.41  ? 101 GLU A CA  1 
ATOM   660  C  C   . GLU A 1 91  ? -8.395  -18.628 -3.495  1.00 93.13  ? 101 GLU A C   1 
ATOM   661  O  O   . GLU A 1 91  ? -8.266  -17.409 -3.344  1.00 94.73  ? 101 GLU A O   1 
ATOM   662  C  CB  . GLU A 1 91  ? -10.392 -18.764 -5.044  1.00 99.88  ? 101 GLU A CB  1 
ATOM   663  C  CG  . GLU A 1 91  ? -9.775  -19.389 -6.296  1.00 101.38 ? 101 GLU A CG  1 
ATOM   664  C  CD  . GLU A 1 91  ? -10.293 -18.774 -7.591  1.00 104.97 ? 101 GLU A CD  1 
ATOM   665  O  OE1 . GLU A 1 91  ? -11.159 -17.868 -7.546  1.00 105.79 ? 101 GLU A OE1 1 
ATOM   666  N  N   . LYS A 1 92  ? -7.371  -19.484 -3.427  1.00 86.50  ? 102 LYS A N   1 
ATOM   667  C  CA  . LYS A 1 92  ? -5.984  -19.028 -3.322  1.00 83.55  ? 102 LYS A CA  1 
ATOM   668  C  C   . LYS A 1 92  ? -5.662  -18.104 -4.509  1.00 83.60  ? 102 LYS A C   1 
ATOM   669  O  O   . LYS A 1 92  ? -5.897  -18.489 -5.659  1.00 70.94  ? 102 LYS A O   1 
ATOM   670  C  CB  . LYS A 1 92  ? -5.009  -20.212 -3.293  1.00 84.74  ? 102 LYS A CB  1 
ATOM   671  C  CG  . LYS A 1 92  ? -3.562  -19.840 -2.984  1.00 86.07  ? 102 LYS A CG  1 
ATOM   672  N  N   . PRO A 1 93  ? -5.159  -16.876 -4.232  1.00 81.11  ? 103 PRO A N   1 
ATOM   673  C  CA  . PRO A 1 93  ? -4.869  -15.915 -5.310  1.00 77.20  ? 103 PRO A CA  1 
ATOM   674  C  C   . PRO A 1 93  ? -3.630  -16.232 -6.146  1.00 72.66  ? 103 PRO A C   1 
ATOM   675  O  O   . PRO A 1 93  ? -2.756  -17.000 -5.729  1.00 74.62  ? 103 PRO A O   1 
ATOM   676  C  CB  . PRO A 1 93  ? -4.683  -14.591 -4.561  1.00 74.20  ? 103 PRO A CB  1 
ATOM   677  C  CG  . PRO A 1 93  ? -4.207  -15.000 -3.217  1.00 80.49  ? 103 PRO A CG  1 
ATOM   678  C  CD  . PRO A 1 93  ? -4.957  -16.265 -2.905  1.00 79.14  ? 103 PRO A CD  1 
ATOM   679  N  N   . LYS A 1 94  ? -3.578  -15.611 -7.318  1.00 65.53  ? 104 LYS A N   1 
ATOM   680  C  CA  . LYS A 1 94  ? -2.518  -15.833 -8.304  1.00 66.84  ? 104 LYS A CA  1 
ATOM   681  C  C   . LYS A 1 94  ? -1.317  -14.899 -8.053  1.00 71.01  ? 104 LYS A C   1 
ATOM   682  O  O   . LYS A 1 94  ? -0.228  -15.103 -8.610  1.00 76.64  ? 104 LYS A O   1 
ATOM   683  C  CB  . LYS A 1 94  ? -3.077  -15.650 -9.725  1.00 66.22  ? 104 LYS A CB  1 
ATOM   684  C  CG  . LYS A 1 94  ? -4.447  -16.292 -9.949  1.00 66.82  ? 104 LYS A CG  1 
ATOM   685  N  N   . PHE A 1 95  ? -1.533  -13.874 -7.220  0.65 69.84  ? 105 PHE A N   1 
ATOM   686  C  CA  . PHE A 1 95  ? -0.484  -12.971 -6.746  0.65 66.44  ? 105 PHE A CA  1 
ATOM   687  C  C   . PHE A 1 95  ? -0.658  -12.735 -5.246  0.65 62.67  ? 105 PHE A C   1 
ATOM   688  O  O   . PHE A 1 95  ? -1.750  -12.886 -4.704  0.65 58.49  ? 105 PHE A O   1 
ATOM   689  C  CB  . PHE A 1 95  ? -0.571  -11.628 -7.471  0.65 67.99  ? 105 PHE A CB  1 
ATOM   690  C  CG  . PHE A 1 95  ? -0.449  -11.728 -8.970  0.65 71.63  ? 105 PHE A CG  1 
ATOM   691  C  CD1 . PHE A 1 95  ? 0.802   -11.771 -9.579  0.40 71.20  ? 105 PHE A CD1 1 
ATOM   692  C  CD2 . PHE A 1 95  ? -1.587  -11.776 -9.775  0.65 68.73  ? 105 PHE A CD2 1 
ATOM   693  C  CE1 . PHE A 1 95  ? 0.916   -11.865 -10.957 0.65 72.55  ? 105 PHE A CE1 1 
ATOM   694  C  CE2 . PHE A 1 95  ? -1.477  -11.869 -11.151 0.65 71.00  ? 105 PHE A CE2 1 
ATOM   695  C  CZ  . PHE A 1 95  ? -0.225  -11.915 -11.743 0.65 72.59  ? 105 PHE A CZ  1 
ATOM   696  N  N   . LEU A 1 96  ? 0.423   -12.353 -4.578  1.00 57.42  ? 106 LEU A N   1 
ATOM   697  C  CA  . LEU A 1 96  ? 0.347   -11.957 -3.174  1.00 58.33  ? 106 LEU A CA  1 
ATOM   698  C  C   . LEU A 1 96  ? -0.480  -10.670 -3.006  1.00 56.84  ? 106 LEU A C   1 
ATOM   699  O  O   . LEU A 1 96  ? -0.214  -9.675  -3.677  1.00 54.28  ? 106 LEU A O   1 
ATOM   700  C  CB  . LEU A 1 96  ? 1.750   -11.749 -2.575  1.00 58.94  ? 106 LEU A CB  1 
ATOM   701  C  CG  . LEU A 1 96  ? 2.559   -13.006 -2.248  1.00 59.65  ? 106 LEU A CG  1 
ATOM   702  C  CD1 . LEU A 1 96  ? 3.999   -12.662 -1.892  1.00 60.70  ? 106 LEU A CD1 1 
ATOM   703  C  CD2 . LEU A 1 96  ? 1.907   -13.774 -1.103  1.00 60.57  ? 106 LEU A CD2 1 
ATOM   704  N  N   . PRO A 1 97  ? -1.499  -10.693 -2.123  1.00 55.06  ? 107 PRO A N   1 
ATOM   705  C  CA  . PRO A 1 97  ? -2.218  -9.481  -1.777  1.00 56.44  ? 107 PRO A CA  1 
ATOM   706  C  C   . PRO A 1 97  ? -1.535  -8.737  -0.632  1.00 53.96  ? 107 PRO A C   1 
ATOM   707  O  O   . PRO A 1 97  ? -0.397  -9.042  -0.316  1.00 58.12  ? 107 PRO A O   1 
ATOM   708  C  CB  . PRO A 1 97  ? -3.605  -9.999  -1.414  1.00 58.37  ? 107 PRO A CB  1 
ATOM   709  C  CG  . PRO A 1 97  ? -3.377  -11.366 -0.899  1.00 58.82  ? 107 PRO A CG  1 
ATOM   710  C  CD  . PRO A 1 97  ? -2.083  -11.870 -1.461  1.00 56.60  ? 107 PRO A CD  1 
ATOM   711  N  N   . ASP A 1 98  ? -2.206  -7.743  -0.054  1.00 58.67  ? 108 ASP A N   1 
ATOM   712  C  CA  . ASP A 1 98  ? -1.636  -6.928  1.019   1.00 54.41  ? 108 ASP A CA  1 
ATOM   713  C  C   . ASP A 1 98  ? -2.118  -7.296  2.403   1.00 49.56  ? 108 ASP A C   1 
ATOM   714  O  O   . ASP A 1 98  ? -1.333  -7.261  3.337   1.00 49.78  ? 108 ASP A O   1 
ATOM   715  C  CB  . ASP A 1 98  ? -1.881  -5.453  0.727   1.00 58.13  ? 108 ASP A CB  1 
ATOM   716  C  CG  . ASP A 1 98  ? -1.054  -4.963  -0.450  1.00 60.34  ? 108 ASP A CG  1 
ATOM   717  O  OD1 . ASP A 1 98  ? 0.129   -5.343  -0.539  1.00 62.96  ? 108 ASP A OD1 1 
ATOM   718  O  OD2 . ASP A 1 98  ? -1.568  -4.214  -1.301  0.75 55.65  ? 108 ASP A OD2 1 
ATOM   719  N  N   . LEU A 1 99  ? -3.393  -7.642  2.545   1.00 49.16  ? 109 LEU A N   1 
ATOM   720  C  CA  . LEU A 1 99  ? -3.939  -8.045  3.837   1.00 54.86  ? 109 LEU A CA  1 
ATOM   721  C  C   . LEU A 1 99  ? -4.957  -9.170  3.669   1.00 57.89  ? 109 LEU A C   1 
ATOM   722  O  O   . LEU A 1 99  ? -5.382  -9.454  2.554   1.00 56.73  ? 109 LEU A O   1 
ATOM   723  C  CB  . LEU A 1 99  ? -4.634  -6.862  4.533   1.00 53.67  ? 109 LEU A CB  1 
ATOM   724  C  CG  . LEU A 1 99  ? -3.887  -5.540  4.737   1.00 60.29  ? 109 LEU A CG  1 
ATOM   725  C  CD1 . LEU A 1 99  ? -4.817  -4.417  5.197   1.00 56.99  ? 109 LEU A CD1 1 
ATOM   726  C  CD2 . LEU A 1 99  ? -2.777  -5.720  5.743   1.00 59.22  ? 109 LEU A CD2 1 
ATOM   727  N  N   . TYR A 1 100 ? -5.349  -9.784  4.783   1.00 59.53  ? 110 TYR A N   1 
ATOM   728  C  CA  . TYR A 1 100 ? -6.557  -10.620 4.833   1.00 66.92  ? 110 TYR A CA  1 
ATOM   729  C  C   . TYR A 1 100 ? -7.521  -10.031 5.856   1.00 68.04  ? 110 TYR A C   1 
ATOM   730  O  O   . TYR A 1 100 ? -7.113  -9.646  6.950   1.00 68.25  ? 110 TYR A O   1 
ATOM   731  C  CB  . TYR A 1 100 ? -6.253  -12.082 5.186   1.00 65.91  ? 110 TYR A CB  1 
ATOM   732  C  CG  . TYR A 1 100 ? -7.487  -12.977 5.102   1.00 68.74  ? 110 TYR A CG  1 
ATOM   733  C  CD1 . TYR A 1 100 ? -8.006  -13.376 3.863   1.00 69.40  ? 110 TYR A CD1 1 
ATOM   734  C  CD2 . TYR A 1 100 ? -8.159  -13.394 6.254   1.00 63.30  ? 110 TYR A CD2 1 
ATOM   735  C  CE1 . TYR A 1 100 ? -9.139  -14.176 3.776   1.00 65.07  ? 110 TYR A CE1 1 
ATOM   736  C  CE2 . TYR A 1 100 ? -9.286  -14.191 6.171   1.00 65.42  ? 110 TYR A CE2 1 
ATOM   737  C  CZ  . TYR A 1 100 ? -9.771  -14.579 4.927   1.00 66.94  ? 110 TYR A CZ  1 
ATOM   738  O  OH  . TYR A 1 100 ? -10.886 -15.381 4.818   1.00 79.63  ? 110 TYR A OH  1 
ATOM   739  N  N   . ASP A 1 101 ? -8.795  -9.970  5.482   1.00 68.68  ? 111 ASP A N   1 
ATOM   740  C  CA  . ASP A 1 101 ? -9.855  -9.441  6.333   1.00 74.17  ? 111 ASP A CA  1 
ATOM   741  C  C   . ASP A 1 101 ? -10.565 -10.617 7.009   1.00 76.51  ? 111 ASP A C   1 
ATOM   742  O  O   . ASP A 1 101 ? -11.405 -11.276 6.390   1.00 77.50  ? 111 ASP A O   1 
ATOM   743  C  CB  . ASP A 1 101 ? -10.830 -8.621  5.466   1.00 78.30  ? 111 ASP A CB  1 
ATOM   744  C  CG  . ASP A 1 101 ? -11.672 -7.644  6.272   1.00 77.79  ? 111 ASP A CG  1 
ATOM   745  O  OD1 . ASP A 1 101 ? -11.804 -7.807  7.505   1.00 75.16  ? 111 ASP A OD1 1 
ATOM   746  O  OD2 . ASP A 1 101 ? -12.203 -6.686  5.668   1.00 80.92  ? 111 ASP A OD2 1 
ATOM   747  N  N   . TYR A 1 102 ? -10.214 -10.895 8.270   1.00 77.12  ? 112 TYR A N   1 
ATOM   748  C  CA  . TYR A 1 102 ? -10.835 -12.003 9.032   1.00 83.12  ? 112 TYR A CA  1 
ATOM   749  C  C   . TYR A 1 102 ? -12.336 -11.824 9.274   1.00 91.47  ? 112 TYR A C   1 
ATOM   750  O  O   . TYR A 1 102 ? -13.057 -12.814 9.422   1.00 101.10 ? 112 TYR A O   1 
ATOM   751  C  CB  . TYR A 1 102 ? -10.148 -12.229 10.394  1.00 80.45  ? 112 TYR A CB  1 
ATOM   752  C  CG  . TYR A 1 102 ? -8.771  -12.854 10.307  1.00 80.80  ? 112 TYR A CG  1 
ATOM   753  C  CD1 . TYR A 1 102 ? -8.572  -14.058 9.627   1.00 84.10  ? 112 TYR A CD1 1 
ATOM   754  C  CD2 . TYR A 1 102 ? -7.667  -12.255 10.912  1.00 78.17  ? 112 TYR A CD2 1 
ATOM   755  C  CE1 . TYR A 1 102 ? -7.313  -14.635 9.536   1.00 81.76  ? 112 TYR A CE1 1 
ATOM   756  C  CE2 . TYR A 1 102 ? -6.405  -12.829 10.835  1.00 77.73  ? 112 TYR A CE2 1 
ATOM   757  C  CZ  . TYR A 1 102 ? -6.233  -14.021 10.147  1.00 80.19  ? 112 TYR A CZ  1 
ATOM   758  O  OH  . TYR A 1 102 ? -4.989  -14.604 10.054  1.00 77.31  ? 112 TYR A OH  1 
ATOM   759  N  N   . LYS A 1 103 ? -12.797 -10.574 9.321   1.00 97.35  ? 113 LYS A N   1 
ATOM   760  C  CA  . LYS A 1 103 ? -14.207 -10.274 9.560   1.00 97.85  ? 113 LYS A CA  1 
ATOM   761  C  C   . LYS A 1 103 ? -15.070 -10.533 8.315   1.00 100.44 ? 113 LYS A C   1 
ATOM   762  O  O   . LYS A 1 103 ? -16.109 -11.182 8.423   1.00 108.66 ? 113 LYS A O   1 
ATOM   763  C  CB  . LYS A 1 103 ? -14.375 -8.833  10.041  1.00 99.13  ? 113 LYS A CB  1 
ATOM   764  C  CG  . LYS A 1 103 ? -15.634 -8.600  10.870  1.00 98.98  ? 113 LYS A CG  1 
ATOM   765  C  CD  . LYS A 1 103 ? -16.289 -7.263  10.546  1.00 100.00 ? 113 LYS A CD  1 
ATOM   766  C  CE  . LYS A 1 103 ? -17.701 -7.157  11.104  1.00 100.71 ? 113 LYS A CE  1 
ATOM   767  N  NZ  . LYS A 1 103 ? -18.462 -6.055  10.448  1.00 99.28  ? 113 LYS A NZ  1 
ATOM   768  N  N   . GLU A 1 104 ? -14.643 -10.044 7.146   1.00 97.38  ? 114 GLU A N   1 
ATOM   769  C  CA  . GLU A 1 104 ? -15.409 -10.218 5.895   1.00 96.96  ? 114 GLU A CA  1 
ATOM   770  C  C   . GLU A 1 104 ? -14.805 -11.294 4.959   1.00 100.84 ? 114 GLU A C   1 
ATOM   771  O  O   . GLU A 1 104 ? -15.162 -11.351 3.781   1.00 101.78 ? 114 GLU A O   1 
ATOM   772  C  CB  . GLU A 1 104 ? -15.556 -8.872  5.157   1.00 96.25  ? 114 GLU A CB  1 
ATOM   773  C  CG  . GLU A 1 104 ? -16.236 -7.743  5.946   1.00 95.19  ? 114 GLU A CG  1 
ATOM   774  C  CD  . GLU A 1 104 ? -17.762 -7.851  6.066   1.00 92.72  ? 114 GLU A CD  1 
ATOM   775  O  OE1 . GLU A 1 104 ? -18.302 -7.298  7.054   1.00 85.14  ? 114 GLU A OE1 1 
ATOM   776  O  OE2 . GLU A 1 104 ? -18.435 -8.456  5.199   1.00 85.66  ? 114 GLU A OE2 1 
ATOM   777  N  N   . ASN A 1 105 ? -13.912 -12.138 5.497   1.00 102.43 ? 115 ASN A N   1 
ATOM   778  C  CA  . ASN A 1 105 ? -13.297 -13.299 4.799   1.00 103.96 ? 115 ASN A CA  1 
ATOM   779  C  C   . ASN A 1 105 ? -12.894 -13.092 3.321   1.00 100.04 ? 115 ASN A C   1 
ATOM   780  O  O   . ASN A 1 105 ? -13.374 -13.783 2.415   1.00 102.89 ? 115 ASN A O   1 
ATOM   781  C  CB  . ASN A 1 105 ? -14.176 -14.566 4.965   1.00 109.63 ? 115 ASN A CB  1 
ATOM   782  C  CG  . ASN A 1 105 ? -14.026 -15.223 6.331   1.00 109.58 ? 115 ASN A CG  1 
ATOM   783  O  OD1 . ASN A 1 105 ? -12.940 -15.241 6.911   1.00 113.96 ? 115 ASN A OD1 1 
ATOM   784  N  ND2 . ASN A 1 105 ? -15.113 -15.795 6.838   1.00 112.33 ? 115 ASN A ND2 1 
ATOM   785  N  N   . ARG A 1 106 ? -11.995 -12.139 3.098   1.00 91.74  ? 116 ARG A N   1 
ATOM   786  C  CA  . ARG A 1 106 ? -11.466 -11.863 1.767   1.00 80.07  ? 116 ARG A CA  1 
ATOM   787  C  C   . ARG A 1 106 ? -10.110 -11.227 1.900   1.00 73.51  ? 116 ARG A C   1 
ATOM   788  O  O   . ARG A 1 106 ? -9.834  -10.560 2.884   1.00 67.01  ? 116 ARG A O   1 
ATOM   789  C  CB  . ARG A 1 106 ? -12.397 -10.918 1.007   1.00 83.35  ? 116 ARG A CB  1 
ATOM   790  C  CG  . ARG A 1 106 ? -12.496 -9.519  1.613   1.00 86.73  ? 116 ARG A CG  1 
ATOM   791  C  CD  . ARG A 1 106 ? -13.852 -8.862  1.368   1.00 90.38  ? 116 ARG A CD  1 
ATOM   792  N  NE  . ARG A 1 106 ? -14.001 -7.589  2.089   1.00 88.80  ? 116 ARG A NE  1 
ATOM   793  C  CZ  . ARG A 1 106 ? -15.107 -6.836  2.103   1.00 85.51  ? 116 ARG A CZ  1 
ATOM   794  N  NH1 . ARG A 1 106 ? -16.207 -7.208  1.438   1.00 86.31  ? 116 ARG A NH1 1 
ATOM   795  N  NH2 . ARG A 1 106 ? -15.119 -5.697  2.790   1.00 79.96  ? 116 ARG A NH2 1 
ATOM   796  N  N   . PHE A 1 107 ? -9.268  -11.429 0.896   1.00 76.63  ? 117 PHE A N   1 
ATOM   797  C  CA  . PHE A 1 107 ? -7.988  -10.734 0.824   1.00 77.95  ? 117 PHE A CA  1 
ATOM   798  C  C   . PHE A 1 107 ? -8.208  -9.301  0.350   1.00 73.53  ? 117 PHE A C   1 
ATOM   799  O  O   . PHE A 1 107 ? -9.265  -8.994  -0.203  1.00 70.66  ? 117 PHE A O   1 
ATOM   800  C  CB  . PHE A 1 107 ? -7.032  -11.473 -0.106  1.00 80.87  ? 117 PHE A CB  1 
ATOM   801  C  CG  . PHE A 1 107 ? -6.593  -12.812 0.422   1.00 85.89  ? 117 PHE A CG  1 
ATOM   802  C  CD1 . PHE A 1 107 ? -5.553  -12.904 1.349   1.00 89.73  ? 117 PHE A CD1 1 
ATOM   803  C  CD2 . PHE A 1 107 ? -7.209  -13.985 -0.002  1.00 89.07  ? 117 PHE A CD2 1 
ATOM   804  C  CE1 . PHE A 1 107 ? -5.143  -14.137 1.847   1.00 86.93  ? 117 PHE A CE1 1 
ATOM   805  C  CE2 . PHE A 1 107 ? -6.797  -15.221 0.486   1.00 91.44  ? 117 PHE A CE2 1 
ATOM   806  C  CZ  . PHE A 1 107 ? -5.764  -15.295 1.412   1.00 89.77  ? 117 PHE A CZ  1 
ATOM   807  N  N   . ILE A 1 108 ? -7.218  -8.435  0.586   1.00 70.43  ? 118 ILE A N   1 
ATOM   808  C  CA  . ILE A 1 108 ? -7.258  -7.022  0.154   1.00 69.02  ? 118 ILE A CA  1 
ATOM   809  C  C   . ILE A 1 108 ? -5.960  -6.630  -0.571  1.00 68.06  ? 118 ILE A C   1 
ATOM   810  O  O   . ILE A 1 108 ? -4.868  -6.843  -0.029  1.00 65.39  ? 118 ILE A O   1 
ATOM   811  C  CB  . ILE A 1 108 ? -7.489  -6.038  1.340   1.00 70.50  ? 118 ILE A CB  1 
ATOM   812  C  CG1 . ILE A 1 108 ? -8.690  -6.472  2.190   1.00 69.01  ? 118 ILE A CG1 1 
ATOM   813  C  CG2 . ILE A 1 108 ? -7.703  -4.606  0.835   1.00 69.95  ? 118 ILE A CG2 1 
ATOM   814  C  CD1 . ILE A 1 108 ? -8.854  -5.709  3.486   1.00 72.68  ? 118 ILE A CD1 1 
ATOM   815  N  N   . GLU A 1 109 ? -6.103  -6.104  -1.802  1.00 68.36  ? 119 GLU A N   1 
ATOM   816  C  CA  . GLU A 1 109 ? -5.081  -5.282  -2.468  1.00 64.30  ? 119 GLU A CA  1 
ATOM   817  C  C   . GLU A 1 109 ? -5.324  -3.816  -2.083  1.00 63.28  ? 119 GLU A C   1 
ATOM   818  O  O   . GLU A 1 109 ? -6.439  -3.326  -2.203  1.00 55.55  ? 119 GLU A O   1 
ATOM   819  C  CB  . GLU A 1 109 ? -5.116  -5.415  -4.007  1.00 70.61  ? 119 GLU A CB  1 
ATOM   820  C  CG  . GLU A 1 109 ? -3.970  -6.203  -4.644  1.00 74.00  ? 119 GLU A CG  1 
ATOM   821  C  CD  . GLU A 1 109 ? -2.601  -5.587  -4.419  1.00 77.32  ? 119 GLU A CD  1 
ATOM   822  O  OE1 . GLU A 1 109 ? -1.866  -6.118  -3.565  1.00 83.27  ? 119 GLU A OE1 1 
ATOM   823  O  OE2 . GLU A 1 109 ? -2.254  -4.588  -5.086  1.00 80.76  ? 119 GLU A OE2 1 
ATOM   824  N  N   . ILE A 1 110 ? -4.275  -3.141  -1.613  1.00 58.84  ? 120 ILE A N   1 
ATOM   825  C  CA  . ILE A 1 110 ? -4.291  -1.711  -1.293  1.00 59.74  ? 120 ILE A CA  1 
ATOM   826  C  C   . ILE A 1 110 ? -3.435  -1.004  -2.330  1.00 57.55  ? 120 ILE A C   1 
ATOM   827  O  O   . ILE A 1 110 ? -2.341  -1.454  -2.604  1.00 62.53  ? 120 ILE A O   1 
ATOM   828  C  CB  . ILE A 1 110 ? -3.727  -1.443  0.125   1.00 58.44  ? 120 ILE A CB  1 
ATOM   829  C  CG1 . ILE A 1 110 ? -4.715  -1.955  1.182   1.00 54.68  ? 120 ILE A CG1 1 
ATOM   830  C  CG2 . ILE A 1 110 ? -3.432  0.042   0.348   1.00 55.10  ? 120 ILE A CG2 1 
ATOM   831  C  CD1 . ILE A 1 110 ? -4.164  -1.940  2.594   1.00 54.17  ? 120 ILE A CD1 1 
ATOM   832  N  N   . GLY A 1 111 ? -3.932  0.091   -2.903  1.00 59.23  ? 121 GLY A N   1 
ATOM   833  C  CA  . GLY A 1 111 ? -3.176  0.893   -3.884  1.00 56.28  ? 121 GLY A CA  1 
ATOM   834  C  C   . GLY A 1 111 ? -3.079  2.325   -3.395  1.00 53.87  ? 121 GLY A C   1 
ATOM   835  O  O   . GLY A 1 111 ? -3.949  2.786   -2.653  1.00 49.57  ? 121 GLY A O   1 
ATOM   836  N  N   . VAL A 1 112 ? -2.007  3.008   -3.792  1.00 50.59  ? 122 VAL A N   1 
ATOM   837  C  CA  . VAL A 1 112 ? -1.751  4.405   -3.412  1.00 54.82  ? 122 VAL A CA  1 
ATOM   838  C  C   . VAL A 1 112 ? -1.262  5.135   -4.678  1.00 57.52  ? 122 VAL A C   1 
ATOM   839  O  O   . VAL A 1 112 ? -0.208  4.794   -5.249  1.00 46.46  ? 122 VAL A O   1 
ATOM   840  C  CB  . VAL A 1 112 ? -0.747  4.534   -2.237  1.00 50.98  ? 122 VAL A CB  1 
ATOM   841  C  CG1 . VAL A 1 112 ? -0.420  5.995   -1.937  1.00 58.77  ? 122 VAL A CG1 1 
ATOM   842  C  CG2 . VAL A 1 112 ? -1.318  3.897   -0.991  1.00 52.30  ? 122 VAL A CG2 1 
ATOM   843  N  N   . THR A 1 113 ? -2.052  6.109   -5.134  1.00 64.71  ? 123 THR A N   1 
ATOM   844  C  CA  . THR A 1 113 ? -1.835  6.698   -6.455  1.00 71.22  ? 123 THR A CA  1 
ATOM   845  C  C   . THR A 1 113 ? -1.618  8.207   -6.394  1.00 71.01  ? 123 THR A C   1 
ATOM   846  O  O   . THR A 1 113 ? -2.251  8.906   -5.604  1.00 67.56  ? 123 THR A O   1 
ATOM   847  C  CB  . THR A 1 113 ? -2.977  6.325   -7.440  1.00 77.08  ? 123 THR A CB  1 
ATOM   848  O  OG1 . THR A 1 113 ? -2.551  6.582   -8.786  1.00 84.62  ? 123 THR A OG1 1 
ATOM   849  C  CG2 . THR A 1 113 ? -4.272  7.094   -7.150  1.00 80.17  ? 123 THR A CG2 1 
ATOM   850  N  N   . ARG A 1 114 ? -0.698  8.679   -7.230  1.00 75.50  ? 124 ARG A N   1 
ATOM   851  C  CA  . ARG A 1 114 ? -0.474  10.109  -7.471  1.00 80.20  ? 124 ARG A CA  1 
ATOM   852  C  C   . ARG A 1 114 ? -1.383  10.663  -8.582  1.00 83.98  ? 124 ARG A C   1 
ATOM   853  O  O   . ARG A 1 114 ? -1.531  11.880  -8.721  1.00 87.11  ? 124 ARG A O   1 
ATOM   854  C  CB  . ARG A 1 114 ? 0.993   10.344  -7.829  1.00 78.18  ? 124 ARG A CB  1 
ATOM   855  C  CG  . ARG A 1 114 ? 1.943   10.119  -6.656  1.00 86.61  ? 124 ARG A CG  1 
ATOM   856  C  CD  . ARG A 1 114 ? 3.320   9.642   -7.103  1.00 85.57  ? 124 ARG A CD  1 
ATOM   857  N  NE  . ARG A 1 114 ? 3.440   8.189   -7.164  1.00 83.52  ? 124 ARG A NE  1 
ATOM   858  C  CZ  . ARG A 1 114 ? 4.530   7.535   -7.567  1.00 79.25  ? 124 ARG A CZ  1 
ATOM   859  N  NH1 . ARG A 1 114 ? 5.621   8.200   -7.958  1.00 72.49  ? 124 ARG A NH1 1 
ATOM   860  N  NH2 . ARG A 1 114 ? 4.521   6.202   -7.597  1.00 73.48  ? 124 ARG A NH2 1 
ATOM   861  N  N   . ARG A 1 115 ? -1.975  9.763   -9.366  1.00 80.92  ? 125 ARG A N   1 
ATOM   862  C  CA  . ARG A 1 115 ? -2.886  10.112  -10.457 1.00 81.61  ? 125 ARG A CA  1 
ATOM   863  C  C   . ARG A 1 115 ? -4.335  10.102  -9.937  1.00 79.09  ? 125 ARG A C   1 
ATOM   864  O  O   . ARG A 1 115 ? -4.558  10.278  -8.738  1.00 78.38  ? 125 ARG A O   1 
ATOM   865  C  CB  . ARG A 1 115 ? -2.662  9.137   -11.621 1.00 80.52  ? 125 ARG A CB  1 
ATOM   866  C  CG  . ARG A 1 115 ? -1.216  9.117   -12.116 1.00 85.50  ? 125 ARG A CG  1 
ATOM   867  C  CD  . ARG A 1 115 ? -0.987  8.071   -13.201 1.00 92.33  ? 125 ARG A CD  1 
ATOM   868  N  NE  . ARG A 1 115 ? -1.122  6.699   -12.697 1.00 96.83  ? 125 ARG A NE  1 
ATOM   869  C  CZ  . ARG A 1 115 ? -1.017  5.591   -13.438 1.00 97.17  ? 125 ARG A CZ  1 
ATOM   870  N  NH1 . ARG A 1 115 ? -0.772  5.658   -14.746 1.00 98.60  ? 125 ARG A NH1 1 
ATOM   871  N  NH2 . ARG A 1 115 ? -1.163  4.402   -12.867 1.00 96.77  ? 125 ARG A NH2 1 
ATOM   872  N  N   . GLU A 1 116 ? -5.314  9.947   -10.823 1.00 80.87  ? 126 GLU A N   1 
ATOM   873  C  CA  . GLU A 1 116 ? -6.717  9.855   -10.422 1.00 83.84  ? 126 GLU A CA  1 
ATOM   874  C  C   . GLU A 1 116 ? -7.022  8.440   -9.966  1.00 79.35  ? 126 GLU A C   1 
ATOM   875  O  O   . GLU A 1 116 ? -6.512  7.491   -10.549 1.00 86.86  ? 126 GLU A O   1 
ATOM   876  N  N   . VAL A 1 117 ? -7.870  8.313   -8.941  1.00 85.47  ? 127 VAL A N   1 
ATOM   877  C  CA  . VAL A 1 117 ? -8.188  7.004   -8.300  1.00 89.20  ? 127 VAL A CA  1 
ATOM   878  C  C   . VAL A 1 117 ? -8.940  5.973   -9.156  1.00 93.01  ? 127 VAL A C   1 
ATOM   879  O  O   . VAL A 1 117 ? -8.975  4.780   -8.806  1.00 98.41  ? 127 VAL A O   1 
ATOM   880  C  CB  . VAL A 1 117 ? -8.976  7.158   -6.963  1.00 89.45  ? 127 VAL A CB  1 
ATOM   881  C  CG1 . VAL A 1 117 ? -8.102  7.808   -5.907  1.00 87.75  ? 127 VAL A CG1 1 
ATOM   882  C  CG2 . VAL A 1 117 ? -10.289 7.921   -7.141  1.00 90.38  ? 127 VAL A CG2 1 
ATOM   883  N  N   . HIS A 1 118 ? -9.548  6.429   -10.252 1.00 90.13  ? 128 HIS A N   1 
ATOM   884  C  CA  . HIS A 1 118 ? -10.289 5.556   -11.163 1.00 87.51  ? 128 HIS A CA  1 
ATOM   885  C  C   . HIS A 1 118 ? -9.342  4.886   -12.158 1.00 81.70  ? 128 HIS A C   1 
ATOM   886  O  O   . HIS A 1 118 ? -9.531  3.716   -12.492 1.00 78.61  ? 128 HIS A O   1 
ATOM   887  C  CB  . HIS A 1 118 ? -11.376 6.355   -11.887 1.00 92.94  ? 128 HIS A CB  1 
ATOM   888  C  CG  . HIS A 1 118 ? -12.397 6.946   -10.961 1.00 98.38  ? 128 HIS A CG  1 
ATOM   889  N  ND1 . HIS A 1 118 ? -12.149 8.070   -10.200 1.00 97.29  ? 128 HIS A ND1 1 
ATOM   890  C  CD2 . HIS A 1 118 ? -13.660 6.557   -10.659 1.00 99.97  ? 128 HIS A CD2 1 
ATOM   891  C  CE1 . HIS A 1 118 ? -13.218 8.352   -9.476  1.00 101.32 ? 128 HIS A CE1 1 
ATOM   892  N  NE2 . HIS A 1 118 ? -14.149 7.451   -9.737  1.00 102.31 ? 128 HIS A NE2 1 
ATOM   893  N  N   . ILE A 1 119 ? -8.319  5.625   -12.597 1.00 74.54  ? 129 ILE A N   1 
ATOM   894  C  CA  . ILE A 1 119 ? -7.303  5.105   -13.535 1.00 75.56  ? 129 ILE A CA  1 
ATOM   895  C  C   . ILE A 1 119 ? -6.536  3.909   -12.944 1.00 73.26  ? 129 ILE A C   1 
ATOM   896  O  O   . ILE A 1 119 ? -6.340  2.905   -13.617 1.00 71.59  ? 129 ILE A O   1 
ATOM   897  C  CB  . ILE A 1 119 ? -6.285  6.200   -13.952 1.00 76.51  ? 129 ILE A CB  1 
ATOM   898  C  CG1 . ILE A 1 119 ? -6.993  7.521   -14.273 1.00 74.85  ? 129 ILE A CG1 1 
ATOM   899  C  CG2 . ILE A 1 119 ? -5.466  5.757   -15.165 1.00 75.68  ? 129 ILE A CG2 1 
ATOM   900  N  N   . TYR A 1 120 ? -6.128  4.033   -11.679 1.00 77.84  ? 130 TYR A N   1 
ATOM   901  C  CA  . TYR A 1 120 ? -5.374  2.992   -10.958 1.00 84.29  ? 130 TYR A CA  1 
ATOM   902  C  C   . TYR A 1 120 ? -6.253  1.773   -10.668 1.00 84.61  ? 130 TYR A C   1 
ATOM   903  O  O   . TYR A 1 120 ? -5.844  0.638   -10.930 1.00 87.19  ? 130 TYR A O   1 
ATOM   904  C  CB  . TYR A 1 120 ? -4.795  3.556   -9.641  1.00 88.81  ? 130 TYR A CB  1 
ATOM   905  C  CG  . TYR A 1 120 ? -3.524  2.892   -9.135  1.00 92.18  ? 130 TYR A CG  1 
ATOM   906  C  CD1 . TYR A 1 120 ? -2.276  3.280   -9.625  1.00 93.43  ? 130 TYR A CD1 1 
ATOM   907  C  CD2 . TYR A 1 120 ? -3.563  1.904   -8.148  1.00 91.38  ? 130 TYR A CD2 1 
ATOM   908  C  CE1 . TYR A 1 120 ? -1.104  2.693   -9.162  1.00 97.63  ? 130 TYR A CE1 1 
ATOM   909  C  CE2 . TYR A 1 120 ? -2.396  1.309   -7.677  1.00 95.07  ? 130 TYR A CE2 1 
ATOM   910  C  CZ  . TYR A 1 120 ? -1.169  1.712   -8.187  1.00 98.68  ? 130 TYR A CZ  1 
ATOM   911  O  OH  . TYR A 1 120 ? 0.001   1.144   -7.744  1.00 99.08  ? 130 TYR A OH  1 
ATOM   912  N  N   . TYR A 1 121 ? -7.458  2.016   -10.144 1.00 87.04  ? 131 TYR A N   1 
ATOM   913  C  CA  . TYR A 1 121 ? -8.436  0.950   -9.864  1.00 81.55  ? 131 TYR A CA  1 
ATOM   914  C  C   . TYR A 1 121 ? -8.679  0.050   -11.072 1.00 83.88  ? 131 TYR A C   1 
ATOM   915  O  O   . TYR A 1 121 ? -8.804  -1.166  -10.923 1.00 81.12  ? 131 TYR A O   1 
ATOM   916  C  CB  . TYR A 1 121 ? -9.780  1.523   -9.389  1.00 80.45  ? 131 TYR A CB  1 
ATOM   917  C  CG  . TYR A 1 121 ? -10.732 0.436   -8.930  1.00 80.37  ? 131 TYR A CG  1 
ATOM   918  C  CD1 . TYR A 1 121 ? -11.472 -0.311  -9.855  1.00 75.72  ? 131 TYR A CD1 1 
ATOM   919  C  CD2 . TYR A 1 121 ? -10.869 0.121   -7.575  1.00 75.04  ? 131 TYR A CD2 1 
ATOM   920  C  CE1 . TYR A 1 121 ? -12.317 -1.333  -9.447  1.00 75.23  ? 131 TYR A CE1 1 
ATOM   921  C  CE2 . TYR A 1 121 ? -11.727 -0.897  -7.154  1.00 72.66  ? 131 TYR A CE2 1 
ATOM   922  C  CZ  . TYR A 1 121 ? -12.446 -1.625  -8.099  1.00 75.18  ? 131 TYR A CZ  1 
ATOM   923  O  OH  . TYR A 1 121 ? -13.308 -2.634  -7.731  1.00 68.02  ? 131 TYR A OH  1 
ATOM   924  N  N   . LEU A 1 122 ? -8.771  0.653   -12.256 1.00 91.18  ? 132 LEU A N   1 
ATOM   925  C  CA  . LEU A 1 122 ? -8.921  -0.102  -13.507 1.00 94.66  ? 132 LEU A CA  1 
ATOM   926  C  C   . LEU A 1 122 ? -7.729  -1.031  -13.753 1.00 93.27  ? 132 LEU A C   1 
ATOM   927  O  O   . LEU A 1 122 ? -7.905  -2.243  -13.913 1.00 92.35  ? 132 LEU A O   1 
ATOM   928  C  CB  . LEU A 1 122 ? -9.099  0.844   -14.707 1.00 98.09  ? 132 LEU A CB  1 
ATOM   929  C  CG  . LEU A 1 122 ? -10.465 1.513   -14.858 1.00 99.02  ? 132 LEU A CG  1 
ATOM   930  C  CD2 . LEU A 1 122 ? -11.518 0.489   -15.246 1.00 99.55  ? 132 LEU A CD2 1 
ATOM   931  N  N   . GLU A 1 123 ? -6.528  -0.447  -13.773 1.00 89.44  ? 133 GLU A N   1 
ATOM   932  C  CA  . GLU A 1 123 ? -5.274  -1.196  -13.969 1.00 88.62  ? 133 GLU A CA  1 
ATOM   933  C  C   . GLU A 1 123 ? -5.103  -2.366  -12.982 1.00 84.51  ? 133 GLU A C   1 
ATOM   934  O  O   . GLU A 1 123 ? -4.600  -3.432  -13.346 1.00 85.95  ? 133 GLU A O   1 
ATOM   935  C  CB  . GLU A 1 123 ? -4.070  -0.258  -13.842 1.00 90.58  ? 133 GLU A CB  1 
ATOM   936  C  CG  . GLU A 1 123 ? -3.929  0.746   -14.972 1.00 97.31  ? 133 GLU A CG  1 
ATOM   937  C  CD  . GLU A 1 123 ? -2.587  1.445   -14.951 1.00 104.53 ? 133 GLU A CD  1 
ATOM   938  O  OE1 . GLU A 1 123 ? -2.092  1.783   -16.047 1.00 110.70 ? 133 GLU A OE1 1 
ATOM   939  O  OE2 . GLU A 1 123 ? -2.027  1.644   -13.845 1.00 105.27 ? 133 GLU A OE2 1 
ATOM   940  N  N   . LYS A 1 124 ? -5.529  -2.151  -11.741 1.00 83.33  ? 134 LYS A N   1 
ATOM   941  C  CA  . LYS A 1 124 ? -5.460  -3.171  -10.695 1.00 84.94  ? 134 LYS A CA  1 
ATOM   942  C  C   . LYS A 1 124 ? -6.433  -4.315  -10.992 1.00 86.28  ? 134 LYS A C   1 
ATOM   943  O  O   . LYS A 1 124 ? -6.021  -5.485  -11.050 1.00 77.57  ? 134 LYS A O   1 
ATOM   944  C  CB  . LYS A 1 124 ? -5.765  -2.544  -9.328  1.00 86.24  ? 134 LYS A CB  1 
ATOM   945  C  CG  . LYS A 1 124 ? -5.437  -3.426  -8.128  0.65 85.73  ? 134 LYS A CG  1 
ATOM   946  C  CD  . LYS A 1 124 ? -3.950  -3.440  -7.808  0.65 84.48  ? 134 LYS A CD  1 
ATOM   947  C  CE  . LYS A 1 124 ? -3.525  -2.171  -7.096  0.65 83.20  ? 134 LYS A CE  1 
ATOM   948  N  NZ  . LYS A 1 124 ? -2.164  -2.310  -6.544  0.70 83.85  ? 134 LYS A NZ  1 
ATOM   949  N  N   . ALA A 1 125 ? -7.703  -3.956  -11.205 1.00 85.03  ? 135 ALA A N   1 
ATOM   950  C  CA  . ALA A 1 125 ? -8.766  -4.903  -11.533 1.00 91.71  ? 135 ALA A CA  1 
ATOM   951  C  C   . ALA A 1 125 ? -8.402  -5.837  -12.688 1.00 103.17 ? 135 ALA A C   1 
ATOM   952  O  O   . ALA A 1 125 ? -8.602  -7.056  -12.598 1.00 101.50 ? 135 ALA A O   1 
ATOM   953  N  N   . ASN A 1 126 ? -7.850  -5.256  -13.754 1.00 112.50 ? 136 ASN A N   1 
ATOM   954  C  CA  . ASN A 1 126 ? -7.410  -6.011  -14.934 1.00 118.73 ? 136 ASN A CA  1 
ATOM   955  C  C   . ASN A 1 126 ? -6.080  -6.733  -14.660 1.00 121.46 ? 136 ASN A C   1 
ATOM   956  O  O   . ASN A 1 126 ? -5.833  -7.804  -15.218 1.00 127.83 ? 136 ASN A O   1 
ATOM   957  C  CB  . ASN A 1 126 ? -7.290  -5.078  -16.159 1.00 119.20 ? 136 ASN A CB  1 
ATOM   958  C  CG  . ASN A 1 126 ? -7.533  -5.797  -17.483 1.00 122.70 ? 136 ASN A CG  1 
ATOM   959  O  OD1 . ASN A 1 126 ? -6.625  -5.931  -18.300 0.85 127.56 ? 136 ASN A OD1 1 
ATOM   960  N  ND2 . ASN A 1 126 ? -8.765  -6.251  -17.701 0.55 120.68 ? 136 ASN A ND2 1 
ATOM   961  N  N   . LYS A 1 127 ? -5.235  -6.146  -13.806 1.00 120.59 ? 137 LYS A N   1 
ATOM   962  C  CA  . LYS A 1 127 ? -3.947  -6.740  -13.428 1.00 120.14 ? 137 LYS A CA  1 
ATOM   963  C  C   . LYS A 1 127 ? -4.055  -8.033  -12.614 1.00 120.19 ? 137 LYS A C   1 
ATOM   964  O  O   . LYS A 1 127 ? -3.242  -8.944  -12.776 1.00 121.82 ? 137 LYS A O   1 
ATOM   965  N  N   . ILE A 1 128 ? -5.076  -8.102  -11.763 1.00 119.83 ? 138 ILE A N   1 
ATOM   966  C  CA  . ILE A 1 128 ? -5.252  -9.199  -10.802 1.00 122.20 ? 138 ILE A CA  1 
ATOM   967  C  C   . ILE A 1 128 ? -6.318  -10.231 -11.188 1.00 122.36 ? 138 ILE A C   1 
ATOM   968  O  O   . ILE A 1 128 ? -6.190  -11.402 -10.821 1.00 124.49 ? 138 ILE A O   1 
ATOM   969  C  CB  . ILE A 1 128 ? -5.540  -8.648  -9.381  1.00 124.20 ? 138 ILE A CB  1 
ATOM   970  C  CG1 . ILE A 1 128 ? -6.912  -7.958  -9.272  1.00 127.12 ? 138 ILE A CG1 1 
ATOM   971  C  CD1 . ILE A 1 128 ? -8.006  -8.814  -8.669  1.00 128.28 ? 138 ILE A CD1 1 
ATOM   972  N  N   . LYS A 1 129 ? -7.364  -9.799  -11.900 1.00 120.71 ? 139 LYS A N   1 
ATOM   973  C  CA  . LYS A 1 129 ? -8.496  -10.658 -12.305 1.00 125.46 ? 139 LYS A CA  1 
ATOM   974  C  C   . LYS A 1 129 ? -9.287  -11.224 -11.116 1.00 124.09 ? 139 LYS A C   1 
ATOM   975  O  O   . LYS A 1 129 ? -10.362 -10.709 -10.796 1.00 126.29 ? 139 LYS A O   1 
ATOM   976  C  CB  . LYS A 1 129 ? -8.051  -11.806 -13.244 1.00 129.53 ? 139 LYS A CB  1 
ATOM   977  C  CG  . LYS A 1 129 ? -8.490  -11.684 -14.698 1.00 131.75 ? 139 LYS A CG  1 
ATOM   978  C  CD  . LYS A 1 129 ? -7.430  -11.030 -15.570 1.00 134.74 ? 139 LYS A CD  1 
ATOM   979  C  CE  . LYS A 1 129 ? -6.289  -11.987 -15.901 1.00 135.60 ? 139 LYS A CE  1 
ATOM   980  N  NZ  . LYS A 1 129 ? -5.017  -11.252 -16.134 1.00 136.49 ? 139 LYS A NZ  1 
ATOM   981  N  N   . SER A 1 130 ? -8.728  -12.260 -10.472 1.00 120.19 ? 140 SER A N   1 
ATOM   982  C  CA  . SER A 1 130 ? -9.408  -13.088 -9.464  1.00 117.03 ? 140 SER A CA  1 
ATOM   983  C  C   . SER A 1 130 ? -10.554 -12.350 -8.799  1.00 114.17 ? 140 SER A C   1 
ATOM   984  O  O   . SER A 1 130 ? -10.335 -11.563 -7.879  1.00 115.96 ? 140 SER A O   1 
ATOM   985  C  CB  . SER A 1 130 ? -8.411  -13.584 -8.403  1.00 116.27 ? 140 SER A CB  1 
ATOM   986  N  N   . GLU A 1 131 ? -11.771 -12.601 -9.288  1.00 108.78 ? 141 GLU A N   1 
ATOM   987  C  CA  . GLU A 1 131 ? -12.985 -11.944 -8.797  1.00 106.79 ? 141 GLU A CA  1 
ATOM   988  C  C   . GLU A 1 131 ? -13.145 -11.932 -7.274  1.00 107.74 ? 141 GLU A C   1 
ATOM   989  O  O   . GLU A 1 131 ? -13.807 -11.047 -6.733  1.00 107.08 ? 141 GLU A O   1 
ATOM   990  N  N   . LYS A 1 132 ? -12.530 -12.912 -6.603  1.00 106.60 ? 142 LYS A N   1 
ATOM   991  C  CA  . LYS A 1 132 ? -12.563 -13.065 -5.137  1.00 105.13 ? 142 LYS A CA  1 
ATOM   992  C  C   . LYS A 1 132 ? -12.050 -11.877 -4.316  1.00 103.98 ? 142 LYS A C   1 
ATOM   993  O  O   . LYS A 1 132 ? -12.737 -11.384 -3.421  1.00 102.11 ? 142 LYS A O   1 
ATOM   994  C  CB  . LYS A 1 132 ? -11.745 -14.300 -4.743  1.00 104.07 ? 142 LYS A CB  1 
ATOM   995  N  N   . THR A 1 133 ? -10.834 -11.442 -4.625  1.00 102.32 ? 143 THR A N   1 
ATOM   996  C  CA  . THR A 1 133 ? -10.101 -10.435 -3.838  1.00 101.67 ? 143 THR A CA  1 
ATOM   997  C  C   . THR A 1 133 ? -10.771 -9.037  -3.857  1.00 97.71  ? 143 THR A C   1 
ATOM   998  O  O   . THR A 1 133 ? -11.602 -8.750  -4.719  1.00 101.16 ? 143 THR A O   1 
ATOM   999  C  CB  . THR A 1 133 ? -8.632  -10.397 -4.340  1.00 102.13 ? 143 THR A CB  1 
ATOM   1000 O  OG1 . THR A 1 133 ? -8.085  -11.720 -4.247  1.00 108.32 ? 143 THR A OG1 1 
ATOM   1001 C  CG2 . THR A 1 133 ? -7.730  -9.434  -3.557  1.00 98.66  ? 143 THR A CG2 1 
ATOM   1002 N  N   . HIS A 1 134 ? -10.425 -8.207  -2.870  1.00 90.57  ? 144 HIS A N   1 
ATOM   1003 C  CA  . HIS A 1 134 ? -10.937 -6.832  -2.699  1.00 90.75  ? 144 HIS A CA  1 
ATOM   1004 C  C   . HIS A 1 134 ? -9.849  -5.802  -3.092  1.00 86.36  ? 144 HIS A C   1 
ATOM   1005 O  O   . HIS A 1 134 ? -8.674  -6.004  -2.780  1.00 89.69  ? 144 HIS A O   1 
ATOM   1006 C  CB  . HIS A 1 134 ? -11.321 -6.651  -1.213  1.00 92.72  ? 144 HIS A CB  1 
ATOM   1007 C  CG  . HIS A 1 134 ? -12.529 -5.793  -0.966  1.00 96.73  ? 144 HIS A CG  1 
ATOM   1008 N  ND1 . HIS A 1 134 ? -13.807 -6.182  -1.315  1.00 95.88  ? 144 HIS A ND1 1 
ATOM   1009 C  CD2 . HIS A 1 134 ? -12.659 -4.601  -0.334  1.00 93.29  ? 144 HIS A CD2 1 
ATOM   1010 C  CE1 . HIS A 1 134 ? -14.665 -5.250  -0.944  1.00 94.69  ? 144 HIS A CE1 1 
ATOM   1011 N  NE2 . HIS A 1 134 ? -13.995 -4.280  -0.347  1.00 93.08  ? 144 HIS A NE2 1 
ATOM   1012 N  N   . ILE A 1 135 ? -10.237 -4.721  -3.780  1.00 78.17  ? 145 ILE A N   1 
ATOM   1013 C  CA  . ILE A 1 135 ? -9.343  -3.579  -4.090  1.00 66.58  ? 145 ILE A CA  1 
ATOM   1014 C  C   . ILE A 1 135 ? -9.775  -2.350  -3.266  1.00 66.36  ? 145 ILE A C   1 
ATOM   1015 O  O   . ILE A 1 135 ? -10.956 -2.193  -2.945  1.00 62.75  ? 145 ILE A O   1 
ATOM   1016 C  CB  . ILE A 1 135 ? -9.316  -3.265  -5.606  1.00 66.61  ? 145 ILE A CB  1 
ATOM   1017 C  CG1 . ILE A 1 135 ? -8.678  -4.434  -6.373  1.00 69.37  ? 145 ILE A CG1 1 
ATOM   1018 C  CG2 . ILE A 1 135 ? -8.536  -1.989  -5.902  1.00 65.70  ? 145 ILE A CG2 1 
ATOM   1019 C  CD1 . ILE A 1 135 ? -8.838  -4.381  -7.882  1.00 70.63  ? 145 ILE A CD1 1 
ATOM   1020 N  N   . HIS A 1 136 ? -8.806  -1.503  -2.916  1.00 62.80  ? 146 HIS A N   1 
ATOM   1021 C  CA  . HIS A 1 136 ? -9.040  -0.279  -2.148  1.00 65.56  ? 146 HIS A CA  1 
ATOM   1022 C  C   . HIS A 1 136 ? -7.898  0.708   -2.426  1.00 68.59  ? 146 HIS A C   1 
ATOM   1023 O  O   . HIS A 1 136 ? -6.783  0.518   -1.945  1.00 74.25  ? 146 HIS A O   1 
ATOM   1024 C  CB  . HIS A 1 136 ? -9.137  -0.593  -0.646  1.00 64.40  ? 146 HIS A CB  1 
ATOM   1025 C  CG  . HIS A 1 136 ? -9.691  0.530   0.183   1.00 65.89  ? 146 HIS A CG  1 
ATOM   1026 N  ND1 . HIS A 1 136 ? -10.414 0.314   1.341   1.00 62.92  ? 146 HIS A ND1 1 
ATOM   1027 C  CD2 . HIS A 1 136 ? -9.643  1.876   0.020   1.00 64.27  ? 146 HIS A CD2 1 
ATOM   1028 C  CE1 . HIS A 1 136 ? -10.772 1.475   1.859   1.00 58.09  ? 146 HIS A CE1 1 
ATOM   1029 N  NE2 . HIS A 1 136 ? -10.325 2.438   1.072   1.00 62.17  ? 146 HIS A NE2 1 
ATOM   1030 N  N   . ILE A 1 137 ? -8.181  1.749   -3.209  1.00 67.39  ? 147 ILE A N   1 
ATOM   1031 C  CA  . ILE A 1 137 ? -7.181  2.729   -3.623  1.00 70.90  ? 147 ILE A CA  1 
ATOM   1032 C  C   . ILE A 1 137 ? -7.284  3.946   -2.714  1.00 70.84  ? 147 ILE A C   1 
ATOM   1033 O  O   . ILE A 1 137 ? -8.369  4.275   -2.241  1.00 72.25  ? 147 ILE A O   1 
ATOM   1034 C  CB  . ILE A 1 137 ? -7.373  3.152   -5.108  1.00 75.57  ? 147 ILE A CB  1 
ATOM   1035 C  CG1 . ILE A 1 137 ? -7.486  1.916   -6.026  1.00 74.12  ? 147 ILE A CG1 1 
ATOM   1036 C  CG2 . ILE A 1 137 ? -6.238  4.063   -5.586  1.00 73.92  ? 147 ILE A CG2 1 
ATOM   1037 C  CD1 . ILE A 1 137 ? -6.378  0.887   -5.875  1.00 76.77  ? 147 ILE A CD1 1 
ATOM   1038 N  N   . PHE A 1 138 ? -6.139  4.578   -2.457  1.00 67.30  ? 148 PHE A N   1 
ATOM   1039 C  CA  . PHE A 1 138 ? -6.067  5.896   -1.836  1.00 65.44  ? 148 PHE A CA  1 
ATOM   1040 C  C   . PHE A 1 138 ? -5.202  6.807   -2.714  1.00 68.43  ? 148 PHE A C   1 
ATOM   1041 O  O   . PHE A 1 138 ? -4.326  6.332   -3.431  1.00 68.51  ? 148 PHE A O   1 
ATOM   1042 C  CB  . PHE A 1 138 ? -5.434  5.823   -0.448  1.00 67.01  ? 148 PHE A CB  1 
ATOM   1043 C  CG  . PHE A 1 138 ? -6.271  5.123   0.587   1.00 68.38  ? 148 PHE A CG  1 
ATOM   1044 C  CD1 . PHE A 1 138 ? -6.170  3.743   0.772   1.00 71.88  ? 148 PHE A CD1 1 
ATOM   1045 C  CD2 . PHE A 1 138 ? -7.108  5.844   1.423   1.00 66.25  ? 148 PHE A CD2 1 
ATOM   1046 C  CE1 . PHE A 1 138 ? -6.915  3.094   1.752   1.00 67.47  ? 148 PHE A CE1 1 
ATOM   1047 C  CE2 . PHE A 1 138 ? -7.854  5.200   2.402   1.00 68.95  ? 148 PHE A CE2 1 
ATOM   1048 C  CZ  . PHE A 1 138 ? -7.761  3.822   2.565   1.00 67.61  ? 148 PHE A CZ  1 
ATOM   1049 N  N   . SER A 1 139 ? -5.462  8.116   -2.639  1.00 69.09  ? 149 SER A N   1 
ATOM   1050 C  CA  . SER A 1 139 ? -4.619  9.148   -3.252  1.00 68.42  ? 149 SER A CA  1 
ATOM   1051 C  C   . SER A 1 139 ? -4.024  10.049  -2.165  1.00 65.47  ? 149 SER A C   1 
ATOM   1052 O  O   . SER A 1 139 ? -4.420  9.986   -0.994  1.00 62.50  ? 149 SER A O   1 
ATOM   1053 C  CB  . SER A 1 139 ? -5.423  9.998   -4.254  1.00 69.79  ? 149 SER A CB  1 
ATOM   1054 O  OG  . SER A 1 139 ? -6.183  11.012  -3.601  1.00 68.75  ? 149 SER A OG  1 
ATOM   1055 N  N   . PHE A 1 140 ? -3.107  10.916  -2.585  1.00 65.73  ? 150 PHE A N   1 
ATOM   1056 C  CA  . PHE A 1 140 ? -2.475  11.909  -1.699  1.00 72.25  ? 150 PHE A CA  1 
ATOM   1057 C  C   . PHE A 1 140 ? -3.357  13.145  -1.493  1.00 74.45  ? 150 PHE A C   1 
ATOM   1058 O  O   . PHE A 1 140 ? -3.064  13.991  -0.645  1.00 75.42  ? 150 PHE A O   1 
ATOM   1059 C  CB  . PHE A 1 140 ? -1.113  12.333  -2.254  1.00 70.90  ? 150 PHE A CB  1 
ATOM   1060 C  CG  . PHE A 1 140 ? -0.074  11.245  -2.209  1.00 72.00  ? 150 PHE A CG  1 
ATOM   1061 C  CD1 . PHE A 1 140 ? -0.112  10.191  -3.121  1.00 70.64  ? 150 PHE A CD1 1 
ATOM   1062 C  CD2 . PHE A 1 140 ? 0.943   11.264  -1.258  1.00 72.40  ? 150 PHE A CD2 1 
ATOM   1063 C  CE1 . PHE A 1 140 ? 0.839   9.185   -3.087  1.00 69.32  ? 150 PHE A CE1 1 
ATOM   1064 C  CE2 . PHE A 1 140 ? 1.894   10.251  -1.217  1.00 70.97  ? 150 PHE A CE2 1 
ATOM   1065 C  CZ  . PHE A 1 140 ? 1.844   9.216   -2.140  1.00 69.46  ? 150 PHE A CZ  1 
ATOM   1066 N  N   . THR A 1 141 ? -4.440  13.222  -2.265  1.00 78.08  ? 151 THR A N   1 
ATOM   1067 C  CA  . THR A 1 141 ? -5.356  14.347  -2.285  1.00 80.36  ? 151 THR A CA  1 
ATOM   1068 C  C   . THR A 1 141 ? -6.692  14.000  -1.611  1.00 82.96  ? 151 THR A C   1 
ATOM   1069 O  O   . THR A 1 141 ? -7.656  14.780  -1.718  1.00 82.12  ? 151 THR A O   1 
ATOM   1070 C  CB  . THR A 1 141 ? -5.621  14.779  -3.749  1.00 83.44  ? 151 THR A CB  1 
ATOM   1071 O  OG1 . THR A 1 141 ? -6.446  13.805  -4.417  1.00 85.31  ? 151 THR A OG1 1 
ATOM   1072 C  CG2 . THR A 1 141 ? -4.296  14.950  -4.529  1.00 80.91  ? 151 THR A CG2 1 
ATOM   1073 N  N   . GLY A 1 142 ? -6.755  12.837  -0.945  1.00 81.97  ? 152 GLY A N   1 
ATOM   1074 C  CA  . GLY A 1 142 ? -7.948  12.404  -0.199  1.00 84.95  ? 152 GLY A CA  1 
ATOM   1075 C  C   . GLY A 1 142 ? -9.037  11.656  -0.960  1.00 84.92  ? 152 GLY A C   1 
ATOM   1076 O  O   . GLY A 1 142 ? -10.074 11.331  -0.385  1.00 96.22  ? 152 GLY A O   1 
ATOM   1077 N  N   . GLU A 1 143 ? -8.817  11.376  -2.242  1.00 87.40  ? 153 GLU A N   1 
ATOM   1078 C  CA  . GLU A 1 143 ? -9.724  10.518  -3.021  1.00 87.86  ? 153 GLU A CA  1 
ATOM   1079 C  C   . GLU A 1 143 ? -9.596  9.069   -2.521  1.00 82.85  ? 153 GLU A C   1 
ATOM   1080 O  O   . GLU A 1 143 ? -8.568  8.693   -1.963  1.00 89.56  ? 153 GLU A O   1 
ATOM   1081 C  CB  . GLU A 1 143 ? -9.382  10.578  -4.524  1.00 87.80  ? 153 GLU A CB  1 
ATOM   1082 C  CG  . GLU A 1 143 ? -9.431  11.958  -5.182  1.00 89.19  ? 153 GLU A CG  1 
ATOM   1083 C  CD  . GLU A 1 143 ? -8.905  11.953  -6.620  1.00 91.09  ? 153 GLU A CD  1 
ATOM   1084 O  OE1 . GLU A 1 143 ? -7.713  11.619  -6.858  1.00 84.40  ? 153 GLU A OE1 1 
ATOM   1085 N  N   . GLU A 1 144 ? -10.644 8.271   -2.702  1.00 82.63  ? 154 GLU A N   1 
ATOM   1086 C  CA  . GLU A 1 144 ? -10.567 6.823   -2.481  1.00 86.32  ? 154 GLU A CA  1 
ATOM   1087 C  C   . GLU A 1 144 ? -11.664 6.081   -3.259  1.00 88.69  ? 154 GLU A C   1 
ATOM   1088 O  O   . GLU A 1 144 ? -12.797 6.551   -3.367  1.00 97.67  ? 154 GLU A O   1 
ATOM   1089 C  CB  . GLU A 1 144 ? -10.591 6.461   -0.982  1.00 86.16  ? 154 GLU A CB  1 
ATOM   1090 C  CG  . GLU A 1 144 ? -11.885 6.775   -0.247  1.00 88.02  ? 154 GLU A CG  1 
ATOM   1091 C  CD  . GLU A 1 144 ? -11.883 6.314   1.204   1.00 86.74  ? 154 GLU A CD  1 
ATOM   1092 O  OE1 . GLU A 1 144 ? -12.299 7.102   2.074   1.00 95.03  ? 154 GLU A OE1 1 
ATOM   1093 O  OE2 . GLU A 1 144 ? -11.482 5.170   1.490   1.00 86.17  ? 154 GLU A OE2 1 
ATOM   1094 N  N   . MET A 1 145 ? -11.295 4.925   -3.803  1.00 87.82  ? 155 MET A N   1 
ATOM   1095 C  CA  . MET A 1 145 ? -12.168 4.081   -4.610  1.00 87.84  ? 155 MET A CA  1 
ATOM   1096 C  C   . MET A 1 145 ? -12.014 2.639   -4.090  1.00 86.37  ? 155 MET A C   1 
ATOM   1097 O  O   . MET A 1 145 ? -10.891 2.181   -3.870  1.00 88.04  ? 155 MET A O   1 
ATOM   1098 C  CB  . MET A 1 145 ? -11.741 4.220   -6.083  1.00 90.30  ? 155 MET A CB  1 
ATOM   1099 C  CG  . MET A 1 145 ? -12.232 3.147   -7.049  1.00 92.83  ? 155 MET A CG  1 
ATOM   1100 S  SD  . MET A 1 145 ? -13.761 3.563   -7.884  0.76 91.89  ? 155 MET A SD  1 
ATOM   1101 C  CE  . MET A 1 145 ? -14.189 1.987   -8.634  1.00 95.17  ? 155 MET A CE  1 
ATOM   1102 N  N   . ALA A 1 146 ? -13.133 1.935   -3.897  1.00 81.81  ? 156 ALA A N   1 
ATOM   1103 C  CA  . ALA A 1 146 ? -13.129 0.547   -3.396  1.00 79.93  ? 156 ALA A CA  1 
ATOM   1104 C  C   . ALA A 1 146 ? -13.980 -0.414  -4.238  1.00 87.26  ? 156 ALA A C   1 
ATOM   1105 O  O   . ALA A 1 146 ? -14.790 0.009   -5.071  1.00 92.92  ? 156 ALA A O   1 
ATOM   1106 C  CB  . ALA A 1 146 ? -13.576 0.512   -1.943  1.00 73.86  ? 156 ALA A CB  1 
ATOM   1107 N  N   . THR A 1 147 ? -13.771 -1.712  -4.013  1.00 90.97  ? 157 THR A N   1 
ATOM   1108 C  CA  . THR A 1 147 ? -14.456 -2.766  -4.759  1.00 96.83  ? 157 THR A CA  1 
ATOM   1109 C  C   . THR A 1 147 ? -15.929 -2.781  -4.433  1.00 103.33 ? 157 THR A C   1 
ATOM   1110 O  O   . THR A 1 147 ? -16.296 -2.869  -3.259  1.00 97.07  ? 157 THR A O   1 
ATOM   1111 C  CB  . THR A 1 147 ? -13.855 -4.155  -4.468  1.00 94.58  ? 157 THR A CB  1 
ATOM   1112 O  OG1 . THR A 1 147 ? -12.522 -4.194  -4.978  1.00 92.81  ? 157 THR A OG1 1 
ATOM   1113 C  CG2 . THR A 1 147 ? -14.651 -5.286  -5.136  1.00 94.19  ? 157 THR A CG2 1 
ATOM   1114 N  N   . LYS A 1 148 ? -16.752 -2.713  -5.489  1.00 114.99 ? 158 LYS A N   1 
ATOM   1115 C  CA  . LYS A 1 148 ? -18.203 -2.511  -5.390  1.00 120.41 ? 158 LYS A CA  1 
ATOM   1116 C  C   . LYS A 1 148 ? -18.548 -1.478  -4.301  1.00 121.34 ? 158 LYS A C   1 
ATOM   1117 O  O   . LYS A 1 148 ? -19.463 -1.675  -3.493  1.00 119.18 ? 158 LYS A O   1 
ATOM   1118 C  CB  . LYS A 1 148 ? -18.919 -3.856  -5.176  1.00 120.05 ? 158 LYS A CB  1 
ATOM   1119 C  CG  . LYS A 1 148 ? -18.759 -4.820  -6.349  1.00 116.44 ? 158 LYS A CG  1 
ATOM   1120 C  CD  . LYS A 1 148 ? -19.478 -6.140  -6.119  1.00 115.85 ? 158 LYS A CD  1 
ATOM   1121 N  N   . ALA A 1 149 ? -17.768 -0.389  -4.293  1.00 119.66 ? 159 ALA A N   1 
ATOM   1122 C  CA  . ALA A 1 149 ? -17.867 0.716   -3.323  1.00 113.48 ? 159 ALA A CA  1 
ATOM   1123 C  C   . ALA A 1 149 ? -17.994 0.321   -1.832  1.00 107.34 ? 159 ALA A C   1 
ATOM   1124 O  O   . ALA A 1 149 ? -18.639 1.037   -1.049  1.00 92.38  ? 159 ALA A O   1 
ATOM   1125 C  CB  . ALA A 1 149 ? -18.994 1.655   -3.738  1.00 115.08 ? 159 ALA A CB  1 
ATOM   1126 N  N   . ASP A 1 150 ? -17.341 -0.786  -1.453  1.00 106.05 ? 160 ASP A N   1 
ATOM   1127 C  CA  . ASP A 1 150 ? -17.305 -1.283  -0.069  1.00 102.74 ? 160 ASP A CA  1 
ATOM   1128 C  C   . ASP A 1 150 ? -15.958 -0.896  0.561   1.00 106.89 ? 160 ASP A C   1 
ATOM   1129 O  O   . ASP A 1 150 ? -14.912 -1.441  0.194   1.00 110.08 ? 160 ASP A O   1 
ATOM   1130 C  CB  . ASP A 1 150 ? -17.510 -2.804  -0.057  1.00 96.45  ? 160 ASP A CB  1 
ATOM   1131 C  CG  . ASP A 1 150 ? -17.621 -3.389  1.352   1.00 90.98  ? 160 ASP A CG  1 
ATOM   1132 O  OD1 . ASP A 1 150 ? -17.370 -2.688  2.357   1.00 85.76  ? 160 ASP A OD1 1 
ATOM   1133 O  OD2 . ASP A 1 150 ? -17.964 -4.581  1.440   1.00 84.77  ? 160 ASP A OD2 1 
ATOM   1134 N  N   . TYR A 1 151 ? -16.005 0.026   1.527   1.00 106.82 ? 161 TYR A N   1 
ATOM   1135 C  CA  . TYR A 1 151 ? -14.807 0.701   2.047   1.00 101.55 ? 161 TYR A CA  1 
ATOM   1136 C  C   . TYR A 1 151 ? -14.214 0.071   3.318   1.00 98.51  ? 161 TYR A C   1 
ATOM   1137 O  O   . TYR A 1 151 ? -13.302 0.644   3.929   1.00 91.47  ? 161 TYR A O   1 
ATOM   1138 C  CB  . TYR A 1 151 ? -15.102 2.201   2.237   1.00 102.04 ? 161 TYR A CB  1 
ATOM   1139 C  CG  . TYR A 1 151 ? -15.177 2.948   0.918   1.00 102.90 ? 161 TYR A CG  1 
ATOM   1140 C  CD1 . TYR A 1 151 ? -14.012 3.258   0.210   1.00 103.76 ? 161 TYR A CD1 1 
ATOM   1141 C  CD2 . TYR A 1 151 ? -16.404 3.321   0.359   1.00 103.36 ? 161 TYR A CD2 1 
ATOM   1142 C  CE1 . TYR A 1 151 ? -14.060 3.922   -1.011  1.00 104.92 ? 161 TYR A CE1 1 
ATOM   1143 C  CE2 . TYR A 1 151 ? -16.462 3.990   -0.865  1.00 105.22 ? 161 TYR A CE2 1 
ATOM   1144 C  CZ  . TYR A 1 151 ? -15.286 4.289   -1.544  1.00 105.78 ? 161 TYR A CZ  1 
ATOM   1145 O  OH  . TYR A 1 151 ? -15.323 4.951   -2.753  1.00 107.95 ? 161 TYR A OH  1 
ATOM   1146 N  N   . THR A 1 152 ? -14.729 -1.100  3.707   1.00 92.28  ? 162 THR A N   1 
ATOM   1147 C  CA  . THR A 1 152 ? -14.055 -2.017  4.653   1.00 84.41  ? 162 THR A CA  1 
ATOM   1148 C  C   . THR A 1 152 ? -13.922 -1.420  6.072   1.00 81.51  ? 162 THR A C   1 
ATOM   1149 O  O   . THR A 1 152 ? -14.579 -1.885  7.011   1.00 74.55  ? 162 THR A O   1 
ATOM   1150 C  CB  . THR A 1 152 ? -12.668 -2.510  4.118   1.00 84.61  ? 162 THR A CB  1 
ATOM   1151 O  OG1 . THR A 1 152 ? -12.707 -2.764  2.696   1.00 72.14  ? 162 THR A OG1 1 
ATOM   1152 C  CG2 . THR A 1 152 ? -12.235 -3.775  4.827   1.00 83.58  ? 162 THR A CG2 1 
ATOM   1153 N  N   . LEU A 1 153 ? -13.076 -0.397  6.207   1.00 81.19  ? 163 LEU A N   1 
ATOM   1154 C  CA  . LEU A 1 153 ? -12.883 0.354   7.456   1.00 78.69  ? 163 LEU A CA  1 
ATOM   1155 C  C   . LEU A 1 153 ? -14.002 1.377   7.703   1.00 83.97  ? 163 LEU A C   1 
ATOM   1156 O  O   . LEU A 1 153 ? -14.809 1.672   6.812   1.00 82.62  ? 163 LEU A O   1 
ATOM   1157 C  CB  . LEU A 1 153 ? -11.536 1.095   7.419   1.00 78.50  ? 163 LEU A CB  1 
ATOM   1158 C  CG  . LEU A 1 153 ? -10.308 0.456   8.061   1.00 76.55  ? 163 LEU A CG  1 
ATOM   1159 C  CD1 . LEU A 1 153 ? -10.180 -1.023  7.746   1.00 77.20  ? 163 LEU A CD1 1 
ATOM   1160 C  CD2 . LEU A 1 153 ? -9.054  1.190   7.611   1.00 73.84  ? 163 LEU A CD2 1 
ATOM   1161 N  N   . ASP A 1 154 ? -14.024 1.916   8.921   1.00 85.68  ? 164 ASP A N   1 
ATOM   1162 C  CA  . ASP A 1 154 ? -14.925 3.021   9.274   1.00 89.50  ? 164 ASP A CA  1 
ATOM   1163 C  C   . ASP A 1 154 ? -14.341 4.332   8.755   1.00 95.54  ? 164 ASP A C   1 
ATOM   1164 O  O   . ASP A 1 154 ? -13.127 4.424   8.549   1.00 97.04  ? 164 ASP A O   1 
ATOM   1165 C  CB  . ASP A 1 154 ? -15.171 3.081   10.793  1.00 90.08  ? 164 ASP A CB  1 
ATOM   1166 C  CG  . ASP A 1 154 ? -13.895 3.291   11.605  1.00 90.02  ? 164 ASP A CG  1 
ATOM   1167 O  OD1 . ASP A 1 154 ? -12.800 2.905   11.142  1.00 97.96  ? 164 ASP A OD1 1 
ATOM   1168 O  OD2 . ASP A 1 154 ? -13.992 3.828   12.725  1.00 95.22  ? 164 ASP A OD2 1 
ATOM   1169 N  N   . GLU A 1 155 ? -15.202 5.336   8.556   1.00 103.00 ? 165 GLU A N   1 
ATOM   1170 C  CA  . GLU A 1 155 ? -14.793 6.668   8.047   1.00 105.36 ? 165 GLU A CA  1 
ATOM   1171 C  C   . GLU A 1 155 ? -13.728 7.374   8.903   1.00 103.34 ? 165 GLU A C   1 
ATOM   1172 O  O   . GLU A 1 155 ? -12.984 8.214   8.392   1.00 100.13 ? 165 GLU A O   1 
ATOM   1173 C  CB  . GLU A 1 155 ? -16.008 7.608   7.880   1.00 113.90 ? 165 GLU A CB  1 
ATOM   1174 C  CG  . GLU A 1 155 ? -16.774 7.436   6.570   1.00 120.39 ? 165 GLU A CG  1 
ATOM   1175 C  CD  . GLU A 1 155 ? -17.753 8.568   6.298   1.00 122.59 ? 165 GLU A CD  1 
ATOM   1176 O  OE2 . GLU A 1 155 ? -18.653 8.801   7.153   1.00 119.82 ? 165 GLU A OE2 1 
ATOM   1177 N  N   . GLU A 1 156 ? -13.674 7.033   10.193  1.00 100.27 ? 166 GLU A N   1 
ATOM   1178 C  CA  . GLU A 1 156 ? -12.722 7.625   11.142  1.00 98.29  ? 166 GLU A CA  1 
ATOM   1179 C  C   . GLU A 1 156 ? -11.270 7.233   10.854  1.00 95.87  ? 166 GLU A C   1 
ATOM   1180 O  O   . GLU A 1 156 ? -10.412 8.098   10.706  1.00 105.34 ? 166 GLU A O   1 
ATOM   1181 C  CB  . GLU A 1 156 ? -13.101 7.224   12.575  1.00 101.95 ? 166 GLU A CB  1 
ATOM   1182 C  CG  . GLU A 1 156 ? -12.011 7.432   13.616  1.00 108.20 ? 166 GLU A CG  1 
ATOM   1183 C  CD  . GLU A 1 156 ? -12.513 7.221   15.029  1.00 111.29 ? 166 GLU A CD  1 
ATOM   1184 O  OE1 . GLU A 1 156 ? -11.682 7.259   15.958  1.00 113.29 ? 166 GLU A OE1 1 
ATOM   1185 N  N   . SER A 1 157 ? -11.006 5.930   10.822  1.00 90.70  ? 167 SER A N   1 
ATOM   1186 C  CA  . SER A 1 157 ? -9.681  5.400   10.482  1.00 86.82  ? 167 SER A CA  1 
ATOM   1187 C  C   . SER A 1 157 ? -9.264  5.721   9.031   1.00 81.39  ? 167 SER A C   1 
ATOM   1188 O  O   . SER A 1 157 ? -8.092  6.008   8.778   1.00 76.49  ? 167 SER A O   1 
ATOM   1189 C  CB  . SER A 1 157 ? -9.634  3.883   10.712  1.00 86.25  ? 167 SER A CB  1 
ATOM   1190 O  OG  . SER A 1 157 ? -9.961  3.558   12.052  1.00 85.03  ? 167 SER A OG  1 
ATOM   1191 N  N   . ARG A 1 158 ? -10.215 5.669   8.093   1.00 74.15  ? 168 ARG A N   1 
ATOM   1192 C  CA  . ARG A 1 158 ? -9.958  6.030   6.674   1.00 81.94  ? 168 ARG A CA  1 
ATOM   1193 C  C   . ARG A 1 158 ? -9.433  7.458   6.486   1.00 82.21  ? 168 ARG A C   1 
ATOM   1194 O  O   . ARG A 1 158 ? -8.494  7.695   5.721   1.00 86.69  ? 168 ARG A O   1 
ATOM   1195 C  CB  . ARG A 1 158 ? -11.223 5.865   5.821   1.00 86.11  ? 168 ARG A CB  1 
ATOM   1196 C  CG  . ARG A 1 158 ? -11.394 4.487   5.215   1.00 87.71  ? 168 ARG A CG  1 
ATOM   1197 C  CD  . ARG A 1 158 ? -12.856 4.120   5.073   1.00 90.38  ? 168 ARG A CD  1 
ATOM   1198 N  NE  . ARG A 1 158 ? -13.571 5.002   4.159   1.00 93.43  ? 168 ARG A NE  1 
ATOM   1199 C  CZ  . ARG A 1 158 ? -14.896 5.014   3.991   1.00 98.93  ? 168 ARG A CZ  1 
ATOM   1200 N  NH1 . ARG A 1 158 ? -15.689 4.181   4.673   1.00 97.03  ? 168 ARG A NH1 1 
ATOM   1201 N  NH2 . ARG A 1 158 ? -15.437 5.862   3.120   1.00 106.92 ? 168 ARG A NH2 1 
ATOM   1202 N  N   . ALA A 1 159 ? -10.072 8.402   7.168   1.00 77.76  ? 169 ALA A N   1 
ATOM   1203 C  CA  . ALA A 1 159 ? -9.634  9.793   7.168   1.00 75.71  ? 169 ALA A CA  1 
ATOM   1204 C  C   . ALA A 1 159 ? -8.237  9.950   7.767   1.00 71.03  ? 169 ALA A C   1 
ATOM   1205 O  O   . ALA A 1 159 ? -7.462  10.776  7.296   1.00 69.64  ? 169 ALA A O   1 
ATOM   1206 C  CB  . ALA A 1 159 ? -10.638 10.660  7.919   1.00 71.77  ? 169 ALA A CB  1 
ATOM   1207 N  N   . ARG A 1 160 ? -7.929  9.167   8.804   1.00 70.64  ? 170 ARG A N   1 
ATOM   1208 C  CA  . ARG A 1 160 ? -6.615  9.208   9.462   1.00 71.43  ? 170 ARG A CA  1 
ATOM   1209 C  C   . ARG A 1 160 ? -5.474  8.795   8.514   1.00 70.42  ? 170 ARG A C   1 
ATOM   1210 O  O   . ARG A 1 160 ? -4.342  9.255   8.666   1.00 72.31  ? 170 ARG A O   1 
ATOM   1211 C  CB  . ARG A 1 160 ? -6.616  8.316   10.711  1.00 76.31  ? 170 ARG A CB  1 
ATOM   1212 N  N   . ILE A 1 161 ? -5.791  7.932   7.545   1.00 66.81  ? 171 ILE A N   1 
ATOM   1213 C  CA  . ILE A 1 161 ? -4.867  7.538   6.478   1.00 65.04  ? 171 ILE A CA  1 
ATOM   1214 C  C   . ILE A 1 161 ? -4.706  8.659   5.461   1.00 65.45  ? 171 ILE A C   1 
ATOM   1215 O  O   . ILE A 1 161 ? -3.570  8.992   5.094   1.00 57.07  ? 171 ILE A O   1 
ATOM   1216 C  CB  . ILE A 1 161 ? -5.316  6.235   5.749   1.00 63.77  ? 171 ILE A CB  1 
ATOM   1217 C  CG1 . ILE A 1 161 ? -5.099  5.026   6.657   1.00 65.14  ? 171 ILE A CG1 1 
ATOM   1218 C  CG2 . ILE A 1 161 ? -4.575  6.041   4.423   1.00 61.81  ? 171 ILE A CG2 1 
ATOM   1219 C  CD1 . ILE A 1 161 ? -5.705  3.727   6.152   1.00 67.92  ? 171 ILE A CD1 1 
ATOM   1220 N  N   . LYS A 1 162 ? -5.843  9.193   4.987   1.00 68.19  ? 172 LYS A N   1 
ATOM   1221 C  CA  . LYS A 1 162 ? -5.866  10.272  3.979   1.00 67.39  ? 172 LYS A CA  1 
ATOM   1222 C  C   . LYS A 1 162 ? -5.207  11.540  4.499   1.00 66.43  ? 172 LYS A C   1 
ATOM   1223 O  O   . LYS A 1 162 ? -4.518  12.229  3.744   1.00 69.79  ? 172 LYS A O   1 
ATOM   1224 C  CB  . LYS A 1 162 ? -7.295  10.553  3.513   1.00 71.69  ? 172 LYS A CB  1 
ATOM   1225 C  CG  . LYS A 1 162 ? -7.893  9.382   2.739   1.00 78.43  ? 172 LYS A CG  1 
ATOM   1226 C  CD  . LYS A 1 162 ? -9.326  9.631   2.316   1.00 78.84  ? 172 LYS A CD  1 
ATOM   1227 C  CE  . LYS A 1 162 ? -10.295 9.534   3.477   1.00 80.14  ? 172 LYS A CE  1 
ATOM   1228 N  NZ  . LYS A 1 162 ? -11.706 9.614   3.011   1.00 79.10  ? 172 LYS A NZ  1 
ATOM   1229 N  N   . THR A 1 163 ? -5.406  11.813  5.793   1.00 63.87  ? 173 THR A N   1 
ATOM   1230 C  CA  . THR A 1 163 ? -4.724  12.899  6.522   1.00 67.15  ? 173 THR A CA  1 
ATOM   1231 C  C   . THR A 1 163 ? -3.200  12.717  6.578   1.00 66.96  ? 173 THR A C   1 
ATOM   1232 O  O   . THR A 1 163 ? -2.444  13.674  6.409   1.00 66.16  ? 173 THR A O   1 
ATOM   1233 C  CB  . THR A 1 163 ? -5.303  13.028  7.959   1.00 74.73  ? 173 THR A CB  1 
ATOM   1234 O  OG1 . THR A 1 163 ? -6.611  13.614  7.887   1.00 73.11  ? 173 THR A OG1 1 
ATOM   1235 C  CG2 . THR A 1 163 ? -4.420  13.885  8.896   1.00 72.86  ? 173 THR A CG2 1 
ATOM   1236 N  N   . ARG A 1 164 ? -2.747  11.496  6.831   1.00 69.92  ? 174 ARG A N   1 
ATOM   1237 C  CA  . ARG A 1 164 ? -1.318  11.190  6.730   1.00 67.45  ? 174 ARG A CA  1 
ATOM   1238 C  C   . ARG A 1 164 ? -0.784  11.360  5.284   1.00 65.55  ? 174 ARG A C   1 
ATOM   1239 O  O   . ARG A 1 164 ? 0.287   11.937  5.078   1.00 68.68  ? 174 ARG A O   1 
ATOM   1240 C  CB  . ARG A 1 164 ? -1.049  9.784   7.268   1.00 65.11  ? 174 ARG A CB  1 
ATOM   1241 C  CG  . ARG A 1 164 ? 0.386   9.300   7.147   1.00 66.62  ? 174 ARG A CG  1 
ATOM   1242 C  CD  . ARG A 1 164 ? 1.422   10.263  7.709   1.00 66.46  ? 174 ARG A CD  1 
ATOM   1243 N  NE  . ARG A 1 164 ? 2.748   9.653   7.654   1.00 67.65  ? 174 ARG A NE  1 
ATOM   1244 C  CZ  . ARG A 1 164 ? 3.919   10.295  7.661   1.00 72.34  ? 174 ARG A CZ  1 
ATOM   1245 N  NH1 . ARG A 1 164 ? 3.999   11.627  7.724   1.00 76.39  ? 174 ARG A NH1 1 
ATOM   1246 N  NH2 . ARG A 1 164 ? 5.042   9.581   7.599   1.00 71.69  ? 174 ARG A NH2 1 
ATOM   1247 N  N   . LEU A 1 165 ? -1.542  10.888  4.295   1.00 61.04  ? 175 LEU A N   1 
ATOM   1248 C  CA  . LEU A 1 165 ? -1.146  10.988  2.876   1.00 63.22  ? 175 LEU A CA  1 
ATOM   1249 C  C   . LEU A 1 165 ? -1.021  12.435  2.371   1.00 68.73  ? 175 LEU A C   1 
ATOM   1250 O  O   . LEU A 1 165 ? -0.099  12.759  1.620   1.00 74.57  ? 175 LEU A O   1 
ATOM   1251 C  CB  . LEU A 1 165 ? -2.124  10.200  1.993   1.00 65.30  ? 175 LEU A CB  1 
ATOM   1252 C  CG  . LEU A 1 165 ? -2.078  8.675   2.074   1.00 60.53  ? 175 LEU A CG  1 
ATOM   1253 C  CD1 . LEU A 1 165 ? -3.290  8.065   1.393   1.00 61.19  ? 175 LEU A CD1 1 
ATOM   1254 C  CD2 . LEU A 1 165 ? -0.797  8.155   1.441   1.00 65.17  ? 175 LEU A CD2 1 
ATOM   1255 N  N   . PHE A 1 166 ? -1.952  13.285  2.798   1.00 77.70  ? 176 PHE A N   1 
ATOM   1256 C  CA  . PHE A 1 166 ? -1.925  14.733  2.528   1.00 83.32  ? 176 PHE A CA  1 
ATOM   1257 C  C   . PHE A 1 166 ? -0.684  15.440  3.110   1.00 74.45  ? 176 PHE A C   1 
ATOM   1258 O  O   . PHE A 1 166 ? -0.003  16.167  2.390   1.00 68.82  ? 176 PHE A O   1 
ATOM   1259 C  CB  . PHE A 1 166 ? -3.208  15.368  3.082   1.00 90.56  ? 176 PHE A CB  1 
ATOM   1260 C  CG  . PHE A 1 166 ? -3.412  16.807  2.697   1.00 102.69 ? 176 PHE A CG  1 
ATOM   1261 C  CD1 . PHE A 1 166 ? -3.951  17.139  1.458   1.00 107.89 ? 176 PHE A CD1 1 
ATOM   1262 C  CD2 . PHE A 1 166 ? -3.105  17.837  3.593   1.00 107.94 ? 176 PHE A CD2 1 
ATOM   1263 C  CE1 . PHE A 1 166 ? -4.162  18.465  1.112   1.00 107.87 ? 176 PHE A CE1 1 
ATOM   1264 C  CE2 . PHE A 1 166 ? -3.314  19.165  3.249   1.00 107.99 ? 176 PHE A CE2 1 
ATOM   1265 C  CZ  . PHE A 1 166 ? -3.845  19.480  2.007   1.00 109.82 ? 176 PHE A CZ  1 
ATOM   1266 N  N   . THR A 1 167 ? -0.408  15.219  4.400   1.00 66.81  ? 177 THR A N   1 
ATOM   1267 C  CA  . THR A 1 167 ? 0.777   15.783  5.095   1.00 66.26  ? 177 THR A CA  1 
ATOM   1268 C  C   . THR A 1 167 ? 2.093   15.477  4.392   1.00 68.21  ? 177 THR A C   1 
ATOM   1269 O  O   . THR A 1 167 ? 2.985   16.312  4.360   1.00 72.86  ? 177 THR A O   1 
ATOM   1270 C  CB  . THR A 1 167 ? 0.934   15.244  6.540   1.00 62.01  ? 177 THR A CB  1 
ATOM   1271 O  OG1 . THR A 1 167 ? -0.340  15.198  7.191   1.00 66.78  ? 177 THR A OG1 1 
ATOM   1272 N  N   . ILE A 1 168 ? 2.199   14.263  3.852   1.00 77.01  ? 178 ILE A N   1 
ATOM   1273 C  CA  . ILE A 1 168 ? 3.334   13.827  3.035   1.00 77.13  ? 178 ILE A CA  1 
ATOM   1274 C  C   . ILE A 1 168 ? 3.393   14.644  1.731   1.00 78.33  ? 178 ILE A C   1 
ATOM   1275 O  O   . ILE A 1 168 ? 4.467   15.134  1.359   1.00 72.46  ? 178 ILE A O   1 
ATOM   1276 C  CB  . ILE A 1 168 ? 3.253   12.302  2.725   1.00 77.78  ? 178 ILE A CB  1 
ATOM   1277 C  CG1 . ILE A 1 168 ? 3.444   11.470  3.999   1.00 80.38  ? 178 ILE A CG1 1 
ATOM   1278 C  CG2 . ILE A 1 168 ? 4.288   11.877  1.690   1.00 78.80  ? 178 ILE A CG2 1 
ATOM   1279 C  CD1 . ILE A 1 168 ? 3.003   10.025  3.866   1.00 79.58  ? 178 ILE A CD1 1 
ATOM   1280 N  N   . ARG A 1 169 ? 2.248   14.759  1.043   1.00 76.83  ? 179 ARG A N   1 
ATOM   1281 C  CA  . ARG A 1 169 ? 2.108   15.603  -0.164  1.00 80.40  ? 179 ARG A CA  1 
ATOM   1282 C  C   . ARG A 1 169 ? 2.562   17.039  0.128   1.00 80.10  ? 179 ARG A C   1 
ATOM   1283 O  O   . ARG A 1 169 ? 3.344   17.624  -0.629  1.00 77.24  ? 179 ARG A O   1 
ATOM   1284 C  CB  . ARG A 1 169 ? 0.651   15.618  -0.642  1.00 85.09  ? 179 ARG A CB  1 
ATOM   1285 C  CG  . ARG A 1 169 ? 0.405   16.336  -1.961  1.00 95.23  ? 179 ARG A CG  1 
ATOM   1286 C  CD  . ARG A 1 169 ? -0.923  17.091  -1.997  1.00 102.48 ? 179 ARG A CD  1 
ATOM   1287 N  NE  . ARG A 1 169 ? -1.011  17.955  -3.180  1.00 108.64 ? 179 ARG A NE  1 
ATOM   1288 C  CZ  . ARG A 1 169 ? -0.514  19.195  -3.283  1.00 117.70 ? 179 ARG A CZ  1 
ATOM   1289 N  NH1 . ARG A 1 169 ? 0.123   19.785  -2.268  1.00 121.31 ? 179 ARG A NH1 1 
ATOM   1290 N  NH2 . ARG A 1 169 ? -0.655  19.866  -4.428  1.00 121.61 ? 179 ARG A NH2 1 
ATOM   1291 N  N   . GLN A 1 170 ? 2.070   17.581  1.242   1.00 81.16  ? 180 GLN A N   1 
ATOM   1292 C  CA  . GLN A 1 170 ? 2.436   18.925  1.693   1.00 82.49  ? 180 GLN A CA  1 
ATOM   1293 C  C   . GLN A 1 170 ? 3.933   18.989  1.983   1.00 84.02  ? 180 GLN A C   1 
ATOM   1294 O  O   . GLN A 1 170 ? 4.652   19.762  1.362   1.00 78.74  ? 180 GLN A O   1 
ATOM   1295 C  CB  . GLN A 1 170 ? 1.638   19.347  2.949   1.00 74.83  ? 180 GLN A CB  1 
ATOM   1296 C  CG  . GLN A 1 170 ? 0.105   19.351  2.843   1.00 72.63  ? 180 GLN A CG  1 
ATOM   1297 C  CD  . GLN A 1 170 ? -0.425  19.942  1.554   1.00 73.03  ? 180 GLN A CD  1 
ATOM   1298 N  NE2 . GLN A 1 170 ? -0.023  21.172  1.264   1.00 80.34  ? 180 GLN A NE2 1 
ATOM   1299 N  N   . GLU A 1 171 ? 4.400   18.143  2.897   1.00 88.00  ? 181 GLU A N   1 
ATOM   1300 C  CA  . GLU A 1 171 ? 5.802   18.161  3.325   1.00 90.92  ? 181 GLU A CA  1 
ATOM   1301 C  C   . GLU A 1 171 ? 6.773   17.907  2.161   1.00 85.92  ? 181 GLU A C   1 
ATOM   1302 O  O   . GLU A 1 171 ? 7.892   18.409  2.168   1.00 84.15  ? 181 GLU A O   1 
ATOM   1303 C  CB  . GLU A 1 171 ? 6.032   17.170  4.479   1.00 95.33  ? 181 GLU A CB  1 
ATOM   1304 C  CG  . GLU A 1 171 ? 7.417   17.218  5.135   1.00 104.35 ? 181 GLU A CG  1 
ATOM   1305 C  CD  . GLU A 1 171 ? 7.799   18.571  5.732   1.00 108.09 ? 181 GLU A CD  1 
ATOM   1306 O  OE1 . GLU A 1 171 ? 6.904   19.372  6.087   1.00 113.97 ? 181 GLU A OE1 1 
ATOM   1307 O  OE2 . GLU A 1 171 ? 9.016   18.829  5.861   1.00 110.15 ? 181 GLU A OE2 1 
ATOM   1308 N  N   . MET A 1 172 ? 6.336   17.144  1.164   1.00 83.92  ? 182 MET A N   1 
ATOM   1309 C  CA  . MET A 1 172 ? 7.080   17.010  -0.089  1.00 81.04  ? 182 MET A CA  1 
ATOM   1310 C  C   . MET A 1 172 ? 7.123   18.339  -0.841  1.00 87.00  ? 182 MET A C   1 
ATOM   1311 O  O   . MET A 1 172 ? 8.202   18.814  -1.205  1.00 86.10  ? 182 MET A O   1 
ATOM   1312 C  CB  . MET A 1 172 ? 6.463   15.938  -0.986  1.00 75.64  ? 182 MET A CB  1 
ATOM   1313 C  CG  . MET A 1 172 ? 6.895   14.518  -0.656  1.00 71.33  ? 182 MET A CG  1 
ATOM   1314 S  SD  . MET A 1 172 ? 6.263   13.350  -1.872  0.62 60.41  ? 182 MET A SD  1 
ATOM   1315 C  CE  . MET A 1 172 ? 6.829   11.816  -1.170  1.00 62.32  ? 182 MET A CE  1 
ATOM   1316 N  N   . ALA A 1 173 ? 5.944   18.931  -1.052  1.00 90.38  ? 183 ALA A N   1 
ATOM   1317 C  CA  . ALA A 1 173 ? 5.810   20.246  -1.708  1.00 93.80  ? 183 ALA A CA  1 
ATOM   1318 C  C   . ALA A 1 173 ? 6.677   21.316  -1.046  1.00 93.08  ? 183 ALA A C   1 
ATOM   1319 O  O   . ALA A 1 173 ? 7.362   22.073  -1.741  1.00 88.88  ? 183 ALA A O   1 
ATOM   1320 C  CB  . ALA A 1 173 ? 4.356   20.698  -1.724  1.00 98.05  ? 183 ALA A CB  1 
ATOM   1321 N  N   . SER A 1 174 ? 6.648   21.351  0.292   1.00 89.14  ? 184 SER A N   1 
ATOM   1322 C  CA  . SER A 1 174 ? 7.533   22.199  1.120   1.00 84.17  ? 184 SER A CA  1 
ATOM   1323 C  C   . SER A 1 174 ? 9.017   22.163  0.718   1.00 81.95  ? 184 SER A C   1 
ATOM   1324 O  O   . SER A 1 174 ? 9.707   23.180  0.807   1.00 76.18  ? 184 SER A O   1 
ATOM   1325 C  CB  . SER A 1 174 ? 7.389   21.825  2.608   1.00 83.40  ? 184 SER A CB  1 
ATOM   1326 O  OG  . SER A 1 174 ? 8.516   22.218  3.380   1.00 85.32  ? 184 SER A OG  1 
ATOM   1327 N  N   . ARG A 1 175 ? 9.483   20.988  0.296   1.00 80.55  ? 185 ARG A N   1 
ATOM   1328 C  CA  . ARG A 1 175 ? 10.849  20.771  -0.158  1.00 80.67  ? 185 ARG A CA  1 
ATOM   1329 C  C   . ARG A 1 175 ? 10.933  20.735  -1.692  1.00 79.52  ? 185 ARG A C   1 
ATOM   1330 O  O   . ARG A 1 175 ? 11.962  20.360  -2.236  1.00 75.44  ? 185 ARG A O   1 
ATOM   1331 C  CB  . ARG A 1 175 ? 11.381  19.474  0.477   1.00 86.32  ? 185 ARG A CB  1 
ATOM   1332 C  CG  . ARG A 1 175 ? 11.069  19.392  1.976   1.00 88.50  ? 185 ARG A CG  1 
ATOM   1333 C  CD  . ARG A 1 175 ? 11.728  18.242  2.724   1.00 91.37  ? 185 ARG A CD  1 
ATOM   1334 N  NE  . ARG A 1 175 ? 11.206  18.142  4.096   1.00 95.98  ? 185 ARG A NE  1 
ATOM   1335 C  CZ  . ARG A 1 175 ? 11.779  17.488  5.108   1.00 93.63  ? 185 ARG A CZ  1 
ATOM   1336 N  NH2 . ARG A 1 175 ? 12.928  16.846  4.974   1.00 92.42  ? 185 ARG A NH2 1 
ATOM   1337 N  N   . SER A 1 176 ? 9.850   21.141  -2.370  1.00 86.04  ? 186 SER A N   1 
ATOM   1338 C  CA  . SER A 1 176 ? 9.737   21.211  -3.846  1.00 90.26  ? 186 SER A CA  1 
ATOM   1339 C  C   . SER A 1 176 ? 9.804   19.862  -4.570  1.00 90.48  ? 186 SER A C   1 
ATOM   1340 O  O   . SER A 1 176 ? 9.794   19.799  -5.809  1.00 78.69  ? 186 SER A O   1 
ATOM   1341 C  CB  . SER A 1 176 ? 10.789  22.159  -4.431  1.00 93.96  ? 186 SER A CB  1 
ATOM   1342 O  OG  . SER A 1 176 ? 10.785  23.400  -3.749  1.00 106.36 ? 186 SER A OG  1 
ATOM   1343 N  N   . LEU A 1 177 ? 9.811   18.786  -3.789  1.00 90.87  ? 187 LEU A N   1 
ATOM   1344 C  CA  . LEU A 1 177 ? 10.033  17.441  -4.298  1.00 90.45  ? 187 LEU A CA  1 
ATOM   1345 C  C   . LEU A 1 177 ? 8.779   16.877  -4.962  1.00 89.71  ? 187 LEU A C   1 
ATOM   1346 O  O   . LEU A 1 177 ? 8.876   15.937  -5.753  1.00 87.21  ? 187 LEU A O   1 
ATOM   1347 C  CB  . LEU A 1 177 ? 10.447  16.512  -3.152  1.00 87.89  ? 187 LEU A CB  1 
ATOM   1348 C  CG  . LEU A 1 177 ? 11.644  16.931  -2.293  1.00 89.18  ? 187 LEU A CG  1 
ATOM   1349 C  CD1 . LEU A 1 177 ? 11.691  16.139  -0.996  1.00 90.59  ? 187 LEU A CD1 1 
ATOM   1350 C  CD2 . LEU A 1 177 ? 12.945  16.788  -3.064  1.00 92.10  ? 187 LEU A CD2 1 
ATOM   1351 N  N   . TRP A 1 178 ? 7.614   17.445  -4.632  1.00 94.50  ? 188 TRP A N   1 
ATOM   1352 C  CA  . TRP A 1 178 ? 6.326   16.892  -5.047  1.00 98.08  ? 188 TRP A CA  1 
ATOM   1353 C  C   . TRP A 1 178 ? 6.104   16.901  -6.556  1.00 99.70  ? 188 TRP A C   1 
ATOM   1354 O  O   . TRP A 1 178 ? 5.685   15.887  -7.118  1.00 109.17 ? 188 TRP A O   1 
ATOM   1355 C  CB  . TRP A 1 178 ? 5.164   17.623  -4.369  1.00 101.64 ? 188 TRP A CB  1 
ATOM   1356 C  CG  . TRP A 1 178 ? 3.843   17.174  -4.917  1.00 107.91 ? 188 TRP A CG  1 
ATOM   1357 C  CD1 . TRP A 1 178 ? 3.096   17.795  -5.882  1.00 110.37 ? 188 TRP A CD1 1 
ATOM   1358 C  CD2 . TRP A 1 178 ? 3.142   15.974  -4.580  1.00 106.10 ? 188 TRP A CD2 1 
ATOM   1359 N  NE1 . TRP A 1 178 ? 1.962   17.065  -6.149  1.00 108.47 ? 188 TRP A NE1 1 
ATOM   1360 C  CE2 . TRP A 1 178 ? 1.964   15.943  -5.362  1.00 106.71 ? 188 TRP A CE2 1 
ATOM   1361 C  CE3 . TRP A 1 178 ? 3.384   14.928  -3.679  1.00 102.11 ? 188 TRP A CE3 1 
ATOM   1362 C  CZ2 . TRP A 1 178 ? 1.030   14.904  -5.272  1.00 105.53 ? 188 TRP A CZ2 1 
ATOM   1363 C  CZ3 . TRP A 1 178 ? 2.458   13.897  -3.589  1.00 99.27  ? 188 TRP A CZ3 1 
ATOM   1364 C  CH2 . TRP A 1 178 ? 1.296   13.892  -4.385  1.00 102.29 ? 188 TRP A CH2 1 
ATOM   1365 N  N   . ASP A 1 179 ? 6.355   18.045  -7.195  1.00 100.57 ? 189 ASP A N   1 
ATOM   1366 C  CA  . ASP A 1 179 ? 6.143   18.206  -8.644  1.00 99.71  ? 189 ASP A CA  1 
ATOM   1367 C  C   . ASP A 1 179 ? 6.763   17.048  -9.420  1.00 89.79  ? 189 ASP A C   1 
ATOM   1368 O  O   . ASP A 1 179 ? 6.132   16.453  -10.292 1.00 92.94  ? 189 ASP A O   1 
ATOM   1369 N  N   . SER A 1 180 ? 7.999   16.732  -9.050  1.00 89.61  ? 190 SER A N   1 
ATOM   1370 C  CA  . SER A 1 180 ? 8.748   15.609  -9.605  1.00 87.12  ? 190 SER A CA  1 
ATOM   1371 C  C   . SER A 1 180 ? 8.114   14.270  -9.210  1.00 88.93  ? 190 SER A C   1 
ATOM   1372 O  O   . SER A 1 180 ? 7.876   13.420  -10.066 1.00 89.07  ? 190 SER A O   1 
ATOM   1373 C  CB  . SER A 1 180 ? 10.197  15.677  -9.106  1.00 86.41  ? 190 SER A CB  1 
ATOM   1374 O  OG  . SER A 1 180 ? 11.055  14.878  -9.889  1.00 81.99  ? 190 SER A OG  1 
ATOM   1375 N  N   . PHE A 1 181 ? 7.836   14.101  -7.914  1.00 87.18  ? 191 PHE A N   1 
ATOM   1376 C  CA  . PHE A 1 181 ? 7.218   12.876  -7.365  1.00 86.15  ? 191 PHE A CA  1 
ATOM   1377 C  C   . PHE A 1 181 ? 5.881   12.519  -8.027  1.00 86.95  ? 191 PHE A C   1 
ATOM   1378 O  O   . PHE A 1 181 ? 5.589   11.344  -8.206  1.00 82.28  ? 191 PHE A O   1 
ATOM   1379 C  CB  . PHE A 1 181 ? 7.047   13.010  -5.835  1.00 87.85  ? 191 PHE A CB  1 
ATOM   1380 C  CG  . PHE A 1 181 ? 6.420   11.806  -5.164  1.00 84.66  ? 191 PHE A CG  1 
ATOM   1381 C  CD1 . PHE A 1 181 ? 7.153   10.637  -4.955  1.00 84.22  ? 191 PHE A CD1 1 
ATOM   1382 C  CD2 . PHE A 1 181 ? 5.094   11.846  -4.722  1.00 84.06  ? 191 PHE A CD2 1 
ATOM   1383 C  CE1 . PHE A 1 181 ? 6.571   9.532   -4.334  1.00 78.16  ? 191 PHE A CE1 1 
ATOM   1384 C  CE2 . PHE A 1 181 ? 4.511   10.749  -4.092  1.00 80.40  ? 191 PHE A CE2 1 
ATOM   1385 C  CZ  . PHE A 1 181 ? 5.249   9.590   -3.904  1.00 81.17  ? 191 PHE A CZ  1 
ATOM   1386 N  N   . ARG A 1 182 ? 5.095   13.533  -8.395  1.00 94.85  ? 192 ARG A N   1 
ATOM   1387 C  CA  . ARG A 1 182 ? 3.788   13.342  -9.058  1.00 104.10 ? 192 ARG A CA  1 
ATOM   1388 C  C   . ARG A 1 182 ? 3.894   12.945  -10.539 1.00 105.92 ? 192 ARG A C   1 
ATOM   1389 O  O   . ARG A 1 182 ? 3.067   12.170  -11.036 1.00 101.21 ? 192 ARG A O   1 
ATOM   1390 C  CB  . ARG A 1 182 ? 2.945   14.618  -8.930  1.00 106.69 ? 192 ARG A CB  1 
ATOM   1391 C  CG  . ARG A 1 182 ? 1.595   14.591  -9.654  1.00 110.80 ? 192 ARG A CG  1 
ATOM   1392 C  CD  . ARG A 1 182 ? 0.942   15.955  -9.648  1.00 112.63 ? 192 ARG A CD  1 
ATOM   1393 N  NE  . ARG A 1 182 ? 1.846   16.966  -10.199 1.00 116.39 ? 192 ARG A NE  1 
ATOM   1394 C  CZ  . ARG A 1 182 ? 1.702   18.280  -10.054 1.00 124.55 ? 192 ARG A CZ  1 
ATOM   1395 N  NH1 . ARG A 1 182 ? 0.665   18.789  -9.383  1.00 128.96 ? 192 ARG A NH1 1 
ATOM   1396 N  NH2 . ARG A 1 182 ? 2.604   19.099  -10.593 1.00 126.10 ? 192 ARG A NH2 1 
ATOM   1397 N  N   . GLN A 1 183 ? 4.887   13.499  -11.239 1.00 111.14 ? 193 GLN A N   1 
ATOM   1398 C  CA  . GLN A 1 183 ? 5.115   13.187  -12.658 1.00 113.55 ? 193 GLN A CA  1 
ATOM   1399 C  C   . GLN A 1 183 ? 5.749   11.793  -12.843 1.00 113.61 ? 193 GLN A C   1 
ATOM   1400 O  O   . GLN A 1 183 ? 5.659   11.202  -13.928 1.00 114.39 ? 193 GLN A O   1 
ATOM   1401 C  CB  . GLN A 1 183 ? 5.965   14.295  -13.331 1.00 115.74 ? 193 GLN A CB  1 
ATOM   1402 C  CG  . GLN A 1 183 ? 7.490   14.164  -13.205 1.00 116.81 ? 193 GLN A CG  1 
ATOM   1403 C  CD  . GLN A 1 183 ? 8.144   13.474  -14.399 1.00 114.69 ? 193 GLN A CD  1 
ATOM   1404 O  OE1 . GLN A 1 183 ? 8.012   13.939  -15.525 1.00 118.77 ? 193 GLN A OE1 1 
ATOM   1405 N  NE2 . GLN A 1 183 ? 8.856   12.369  -14.155 1.00 112.29 ? 193 GLN A NE2 1 
ATOM   1406 N  N   . SER A 1 184 ? 6.361   11.272  -11.773 1.00 110.26 ? 194 SER A N   1 
ATOM   1407 C  CA  . SER A 1 184 ? 7.229   10.091  -11.835 1.00 109.40 ? 194 SER A CA  1 
ATOM   1408 C  C   . SER A 1 184 ? 6.522   8.726   -11.789 1.00 107.04 ? 194 SER A C   1 
ATOM   1409 O  O   . SER A 1 184 ? 7.193   7.705   -11.945 1.00 101.18 ? 194 SER A O   1 
ATOM   1410 C  CB  . SER A 1 184 ? 8.254   10.156  -10.695 1.00 106.15 ? 194 SER A CB  1 
ATOM   1411 O  OG  . SER A 1 184 ? 7.618   10.045  -9.433  1.00 100.32 ? 194 SER A OG  1 
ATOM   1412 N  N   . GLU A 1 185 ? 5.199   8.699   -11.571 1.00 110.70 ? 195 GLU A N   1 
ATOM   1413 C  CA  . GLU A 1 185 ? 4.432   7.432   -11.482 1.00 114.74 ? 195 GLU A CA  1 
ATOM   1414 C  C   . GLU A 1 185 ? 4.256   6.720   -12.843 1.00 123.39 ? 195 GLU A C   1 
ATOM   1415 O  O   . GLU A 1 185 ? 3.757   7.315   -13.808 1.00 126.29 ? 195 GLU A O   1 
ATOM   1416 C  CB  . GLU A 1 185 ? 3.050   7.653   -10.831 1.00 105.09 ? 195 GLU A CB  1 
ATOM   1417 C  CG  . GLU A 1 185 ? 2.172   6.393   -10.786 1.00 98.71  ? 195 GLU A CG  1 
ATOM   1418 C  CD  . GLU A 1 185 ? 1.124   6.384   -9.682  1.00 93.94  ? 195 GLU A CD  1 
ATOM   1419 O  OE1 . GLU A 1 185 ? 1.338   7.017   -8.633  1.00 93.83  ? 195 GLU A OE1 1 
ATOM   1420 O  OE2 . GLU A 1 185 ? 0.078   5.722   -9.847  1.00 81.47  ? 195 GLU A OE2 1 
ATOM   1421 N  N   . ARG A 1 186 ? 4.649   5.442   -12.887 1.00 133.16 ? 196 ARG A N   1 
ATOM   1422 C  CA  . ARG A 1 186 ? 4.527   4.585   -14.078 1.00 137.10 ? 196 ARG A CA  1 
ATOM   1423 C  C   . ARG A 1 186 ? 3.754   3.313   -13.733 1.00 133.61 ? 196 ARG A C   1 
ATOM   1424 O  O   . ARG A 1 186 ? 2.823   3.335   -12.923 1.00 132.78 ? 196 ARG A O   1 
ATOM   1425 C  CB  . ARG A 1 186 ? 5.914   4.203   -14.612 1.00 139.78 ? 196 ARG A CB  1 
ATOM   1426 C  CG  . ARG A 1 186 ? 6.656   5.335   -15.308 1.00 141.28 ? 196 ARG A CG  1 
ATOM   1427 C  CD  . ARG A 1 186 ? 8.068   4.921   -15.694 1.00 138.96 ? 196 ARG A CD  1 
HETATM 1428 MN MN  . MN  B 2 .   ? -0.925  -2.973  -2.688  0.74 101.17 ? 201 MN  A MN  1 
HETATM 1429 MN MN  . MN  C 2 .   ? 1.566   -5.679  -1.867  0.52 111.44 ? 202 MN  A MN  1 
HETATM 1430 MG MG  . MG  D 3 .   ? 5.371   -7.150  8.736   1.00 58.12  ? 203 MG  A MG  1 
HETATM 1431 CL CL  . CL  E 4 .   ? 10.358  8.929   11.587  0.72 70.69  ? 204 CL  A CL  1 
HETATM 1432 O  O6  . OOH F 5 .   ? -0.519  -1.614  -3.894  0.80 75.92  ? 205 OOH A O6  1 
HETATM 1433 C  C   . OOH F 5 .   ? 0.423   -2.174  -4.691  0.80 75.34  ? 205 OOH A C   1 
HETATM 1434 O  O   . OOH F 5 .   ? 0.797   -3.894  -3.092  0.80 67.49  ? 205 OOH A O   1 
HETATM 1435 C  C1  . OOH F 5 .   ? 0.688   -1.570  -5.904  0.80 74.45  ? 205 OOH A C1  1 
HETATM 1436 C  C2  . OOH F 5 .   ? 1.624   -2.120  -6.752  0.80 73.37  ? 205 OOH A C2  1 
HETATM 1437 C  C3  . OOH F 5 .   ? 2.305   -3.274  -6.358  0.80 72.38  ? 205 OOH A C3  1 
HETATM 1438 O  O1  . OOH F 5 .   ? 2.551   -5.716  -3.591  0.80 58.54  ? 205 OOH A O1  1 
HETATM 1439 C  C4  . OOH F 5 .   ? 2.046   -3.897  -5.118  0.80 67.76  ? 205 OOH A C4  1 
HETATM 1440 O  O5  . OOH F 5 .   ? 1.866   -1.505  -7.951  0.80 77.05  ? 205 OOH A O5  1 
HETATM 1441 C  C14 . OOH F 5 .   ? 4.050   -5.153  -11.849 0.80 77.34  ? 205 OOH A C14 1 
HETATM 1442 C  C13 . OOH F 5 .   ? 4.166   -6.537  -11.239 0.80 77.47  ? 205 OOH A C13 1 
HETATM 1443 C  C6  . OOH F 5 .   ? 2.773   -5.136  -4.685  0.80 67.64  ? 205 OOH A C6  1 
HETATM 1444 C  C5  . OOH F 5 .   ? 1.097   -3.324  -4.289  0.80 70.61  ? 205 OOH A C5  1 
HETATM 1445 C  C8  . OOH F 5 .   ? 4.052   -5.043  -6.914  0.80 70.32  ? 205 OOH A C8  1 
HETATM 1446 C  C7  . OOH F 5 .   ? 3.790   -5.703  -5.606  0.80 71.30  ? 205 OOH A C7  1 
HETATM 1447 C  C9  . OOH F 5 .   ? 3.317   -3.826  -7.295  0.80 73.24  ? 205 OOH A C9  1 
HETATM 1448 O  O2  . OOH F 5 .   ? 3.552   -3.281  -8.401  0.80 71.91  ? 205 OOH A O2  1 
HETATM 1449 C  C10 . OOH F 5 .   ? 5.051   -5.543  -7.896  0.80 72.99  ? 205 OOH A C10 1 
HETATM 1450 C  C11 . OOH F 5 .   ? 4.730   -6.762  -8.741  0.80 74.86  ? 205 OOH A C11 1 
HETATM 1451 C  C12 . OOH F 5 .   ? 5.268   -6.649  -10.177 0.80 76.11  ? 205 OOH A C12 1 
HETATM 1452 O  O3  . OOH F 5 .   ? 6.100   -4.925  -7.996  0.80 73.42  ? 205 OOH A O3  1 
HETATM 1453 O  O4  . OOH F 5 .   ? 4.464   -6.826  -5.259  0.80 71.15  ? 205 OOH A O4  1 
HETATM 1454 O  O   . HOH G 6 .   ? 0.261   -7.004  -2.861  1.00 51.27  ? 301 HOH A O   1 
HETATM 1455 O  O   . HOH G 6 .   ? 1.879   -7.717  -0.889  1.00 55.85  ? 302 HOH A O   1 
HETATM 1456 O  O   . HOH G 6 .   ? 18.245  -9.681  3.028   0.50 62.89  ? 303 HOH A O   1 
HETATM 1457 O  O   . HOH G 6 .   ? -0.775  -6.312  -7.162  1.00 58.25  ? 304 HOH A O   1 
HETATM 1458 O  O   . HOH G 6 .   ? 0.623   1.632   -4.730  1.00 58.74  ? 305 HOH A O   1 
HETATM 1459 O  O   . HOH G 6 .   ? 13.465  -9.385  -10.046 1.00 54.65  ? 306 HOH A O   1 
HETATM 1460 O  O   . HOH G 6 .   ? 21.742  12.991  -0.297  1.00 60.58  ? 307 HOH A O   1 
HETATM 1461 O  O   . HOH G 6 .   ? 0.777   -0.062  -13.383 1.00 62.56  ? 308 HOH A O   1 
HETATM 1462 O  O   . HOH G 6 .   ? 7.526   -12.673 7.977   1.00 46.03  ? 309 HOH A O   1 
HETATM 1463 O  O   . HOH G 6 .   ? 5.508   -2.665  -2.431  1.00 61.63  ? 310 HOH A O   1 
HETATM 1464 O  O   . HOH G 6 .   ? 8.942   -3.232  -6.437  1.00 64.02  ? 311 HOH A O   1 
HETATM 1465 O  O   . HOH G 6 .   ? 9.206   -7.485  -0.632  1.00 48.99  ? 312 HOH A O   1 
HETATM 1466 O  O   . HOH G 6 .   ? -16.687 0.091   -8.206  1.00 66.81  ? 313 HOH A O   1 
HETATM 1467 O  O   . HOH G 6 .   ? 9.433   14.705  7.956   1.00 70.94  ? 314 HOH A O   1 
HETATM 1468 O  O   . HOH G 6 .   ? 8.703   -11.955 -9.248  0.50 60.17  ? 315 HOH A O   1 
HETATM 1469 O  O   . HOH G 6 .   ? 1.523   -12.187 13.967  1.00 58.75  ? 316 HOH A O   1 
HETATM 1470 O  O   . HOH G 6 .   ? 4.500   0.656   -4.766  1.00 66.23  ? 317 HOH A O   1 
HETATM 1471 O  O   . HOH G 6 .   ? 23.608  12.653  1.549   1.00 63.15  ? 318 HOH A O   1 
HETATM 1472 O  O   . HOH G 6 .   ? 3.369   2.984   10.670  1.00 62.66  ? 319 HOH A O   1 
# 
